data_6RL0
#
_entry.id   6RL0
#
_cell.length_a   108.916
_cell.length_b   73.372
_cell.length_c   136.342
_cell.angle_alpha   90.00
_cell.angle_beta   95.07
_cell.angle_gamma   90.00
#
_symmetry.space_group_name_H-M   'P 1 21 1'
#
loop_
_entity.id
_entity.type
_entity.pdbx_description
1 polymer 'Nitrous-oxide reductase'
2 non-polymer 2-[3-(2-HYDROXY-1,1-DIHYDROXYMETHYL-ETHYLAMINO)-PROPYLAMINO]-2-HYDROXYMETHYL-PROPANE-1,3-DIOL
3 non-polymer 'CHLORIDE ION'
4 non-polymer 'CALCIUM ION'
5 non-polymer '[4Cu:2S] cluster'
6 non-polymer 'DINUCLEAR COPPER ION'
7 non-polymer 'FORMIC ACID'
8 non-polymer 'POTASSIUM ION'
9 non-polymer 'SODIUM ION'
10 water water
#
_entity_poly.entity_id   1
_entity_poly.type   'polypeptide(L)'
_entity_poly.pdbx_seq_one_letter_code
;MSDKDSKNTPQVPEKLGLSRRGFLGASAVTGAAVAATALGGAVMTRESWAQAVKESKQKIHVGPGELDDYYGFWSGGHQG
EVRVLGVPSMRELMRIPVFNVDSATGWGLTNESRHIMGDSAKFLNGDCHHPHISMTDGKYDGKYLFINDKANSRVARIRL
DIMKCDKMITVPNVQAIHGLRLQKVPHTKYVFANAEFIIPHPNDGKVFDLQDENSYTMYNAIDAETMEMAFQVIVDGNLD
NTDADYTGRFAAATCYNSEKAFDLGGMMRNERDWVVVFDIHAVEAAVKAGDFITLGDSKTPVLDGRKKDGKDSKFTRYVP
VPKNPHGCNTSSDGKYFIAAGKLSPTCSMIAIDKLPDLFAGKLADPRDVIVGEPELGLGPLHTTFDGRGNAYTTLFIDSQ
VVKWNMEEAVRAYKGEKVNYIKQKLDVHYQPGHLHASLCETNEADGKWLVALSKFSKDRFLPVGPLHPENDQLIDISGDE
MKLVHDGPTFAEPHDCIMARRDQIKTKKIWDRNDPFFAPTVEMAKKDGINLDTDNKVIRDGNKVRVYMTSMAPAFGVQEF
TVKQGDEVTVTITNIDQIEDVSHGFVVVNHGVSMEISPQQTSSITFVADKPGLHWYYCSWFCHALHMEMVGRMMVEPA
;
_entity_poly.pdbx_strand_id   A,B,C,D
#
loop_
_chem_comp.id
_chem_comp.type
_chem_comp.name
_chem_comp.formula
B3P non-polymer 2-[3-(2-HYDROXY-1,1-DIHYDROXYMETHYL-ETHYLAMINO)-PROPYLAMINO]-2-HYDROXYMETHYL-PROPANE-1,3-DIOL 'C11 H26 N2 O6'
CA non-polymer 'CALCIUM ION' 'Ca 2'
CL non-polymer 'CHLORIDE ION' 'Cl -1'
CUA non-polymer 'DINUCLEAR COPPER ION' Cu2
CUK non-polymer '[4Cu:2S] cluster' 'Cu4 S2'
FMT non-polymer 'FORMIC ACID' 'C H2 O2'
K non-polymer 'POTASSIUM ION' 'K 1'
NA non-polymer 'SODIUM ION' 'Na 1'
#
# COMPACT_ATOMS: atom_id res chain seq x y z
N GLU A 55 13.76 45.96 -54.29
CA GLU A 55 13.02 44.64 -54.28
C GLU A 55 13.27 43.70 -53.07
N SER A 56 12.23 42.98 -52.67
CA SER A 56 12.34 41.97 -51.62
C SER A 56 12.69 40.57 -52.23
N LYS A 57 13.95 40.11 -52.09
CA LYS A 57 14.55 39.06 -52.96
C LYS A 57 15.50 38.05 -52.31
N GLN A 58 15.62 38.10 -51.00
CA GLN A 58 16.65 37.32 -50.28
C GLN A 58 16.40 35.83 -50.42
N LYS A 59 17.42 35.00 -50.37
CA LYS A 59 17.19 33.55 -50.46
C LYS A 59 16.78 32.97 -49.09
N ILE A 60 15.84 32.04 -49.07
CA ILE A 60 15.52 31.36 -47.82
C ILE A 60 16.11 29.98 -47.71
N HIS A 61 16.61 29.41 -48.79
CA HIS A 61 17.01 27.99 -48.75
C HIS A 61 18.44 27.92 -48.18
N VAL A 62 18.64 27.05 -47.19
CA VAL A 62 19.96 26.83 -46.64
C VAL A 62 20.21 25.37 -46.93
N GLY A 63 21.06 25.11 -47.92
CA GLY A 63 21.31 23.77 -48.36
C GLY A 63 22.24 22.99 -47.47
N PRO A 64 22.36 21.68 -47.68
CA PRO A 64 23.27 20.85 -46.91
C PRO A 64 24.66 21.44 -46.96
N GLY A 65 25.28 21.55 -45.80
CA GLY A 65 26.58 22.10 -45.72
C GLY A 65 26.66 23.62 -45.63
N GLU A 66 25.56 24.32 -45.83
CA GLU A 66 25.51 25.80 -45.70
C GLU A 66 24.95 26.12 -44.31
N LEU A 67 25.23 27.33 -43.82
CA LEU A 67 24.77 27.74 -42.48
C LEU A 67 23.79 28.88 -42.57
N ASP A 68 22.89 28.97 -41.59
CA ASP A 68 22.01 30.08 -41.45
C ASP A 68 22.79 31.38 -41.18
N ASP A 69 22.14 32.51 -41.50
CA ASP A 69 22.68 33.84 -41.27
C ASP A 69 22.41 34.47 -39.90
N TYR A 70 21.28 34.11 -39.28
CA TYR A 70 20.89 34.61 -38.00
C TYR A 70 20.52 33.46 -37.07
N TYR A 71 20.69 33.70 -35.80
CA TYR A 71 20.09 32.88 -34.74
C TYR A 71 18.69 33.48 -34.46
N GLY A 72 17.72 32.62 -34.20
CA GLY A 72 16.40 33.03 -33.72
C GLY A 72 16.22 32.38 -32.34
N PHE A 73 15.81 33.14 -31.34
CA PHE A 73 15.50 32.60 -30.04
C PHE A 73 13.99 32.77 -29.87
N TRP A 74 13.30 31.64 -29.87
CA TRP A 74 11.90 31.51 -29.75
C TRP A 74 11.53 31.28 -28.29
N SER A 75 10.49 31.94 -27.87
CA SER A 75 9.81 31.57 -26.63
C SER A 75 9.23 30.14 -26.82
N GLY A 76 9.19 29.34 -25.78
CA GLY A 76 8.51 28.02 -25.85
C GLY A 76 7.06 28.11 -25.48
N GLY A 77 6.55 29.31 -25.22
CA GLY A 77 5.20 29.48 -24.78
C GLY A 77 4.84 28.68 -23.53
N HIS A 78 3.68 28.04 -23.59
CA HIS A 78 3.14 27.29 -22.46
C HIS A 78 3.92 26.02 -22.19
N GLN A 79 4.88 25.66 -23.07
CA GLN A 79 5.69 24.49 -22.88
C GLN A 79 6.86 24.78 -21.99
N GLY A 80 7.25 26.04 -21.90
CA GLY A 80 8.22 26.44 -20.90
C GLY A 80 9.67 26.54 -21.20
N GLU A 81 10.11 26.14 -22.39
CA GLU A 81 11.54 26.19 -22.77
C GLU A 81 11.85 27.39 -23.65
N VAL A 82 13.08 27.54 -24.07
CA VAL A 82 13.51 28.45 -25.13
C VAL A 82 14.03 27.59 -26.28
N ARG A 83 13.78 27.96 -27.52
CA ARG A 83 14.20 27.19 -28.67
C ARG A 83 15.14 28.08 -29.53
N VAL A 84 16.21 27.49 -30.00
CA VAL A 84 17.14 28.18 -30.87
C VAL A 84 16.88 27.72 -32.27
N LEU A 85 16.62 28.65 -33.14
CA LEU A 85 16.40 28.41 -34.55
C LEU A 85 17.48 29.03 -35.40
N GLY A 86 17.72 28.47 -36.58
CA GLY A 86 18.44 29.19 -37.63
C GLY A 86 17.48 29.92 -38.51
N VAL A 87 17.84 31.15 -38.92
CA VAL A 87 17.07 31.91 -39.79
C VAL A 87 18.01 32.21 -41.02
N PRO A 88 17.54 32.01 -42.23
CA PRO A 88 16.15 31.90 -42.63
C PRO A 88 15.60 30.50 -42.88
N SER A 89 16.30 29.43 -42.54
CA SER A 89 15.80 28.12 -42.76
C SER A 89 14.57 27.85 -41.86
N MET A 90 14.59 28.49 -40.68
CA MET A 90 13.58 28.31 -39.65
C MET A 90 13.63 26.93 -38.99
N ARG A 91 14.74 26.25 -39.10
CA ARG A 91 14.97 25.00 -38.41
C ARG A 91 15.32 25.15 -36.96
N GLU A 92 14.78 24.30 -36.08
CA GLU A 92 15.16 24.33 -34.68
C GLU A 92 16.49 23.60 -34.45
N LEU A 93 17.47 24.35 -34.02
CA LEU A 93 18.84 23.85 -33.75
C LEU A 93 18.98 23.28 -32.37
N MET A 94 18.28 23.88 -31.39
CA MET A 94 18.47 23.44 -30.00
C MET A 94 17.25 23.81 -29.16
N ARG A 95 17.03 23.05 -28.10
CA ARG A 95 16.07 23.39 -27.12
C ARG A 95 16.80 23.61 -25.80
N ILE A 96 16.47 24.69 -25.14
CA ILE A 96 17.13 25.05 -23.86
C ILE A 96 16.04 24.94 -22.79
N PRO A 97 16.13 23.94 -21.93
CA PRO A 97 15.07 23.81 -20.88
C PRO A 97 15.18 24.95 -19.85
N VAL A 98 14.05 25.44 -19.45
CA VAL A 98 13.96 26.60 -18.49
C VAL A 98 12.97 26.31 -17.38
N PHE A 99 11.70 26.33 -17.68
CA PHE A 99 10.66 26.11 -16.64
C PHE A 99 10.08 24.71 -16.78
N ASN A 100 10.37 24.04 -17.89
CA ASN A 100 9.99 22.65 -18.13
C ASN A 100 10.92 21.67 -17.47
N VAL A 101 10.48 20.41 -17.28
CA VAL A 101 11.41 19.40 -16.88
C VAL A 101 11.80 18.64 -18.15
N ASP A 102 13.08 18.58 -18.46
CA ASP A 102 13.60 17.92 -19.68
C ASP A 102 14.22 16.57 -19.36
N SER A 103 13.55 15.53 -19.83
CA SER A 103 14.01 14.16 -19.69
C SER A 103 15.43 13.94 -20.30
N ALA A 104 15.73 14.64 -21.39
CA ALA A 104 16.93 14.35 -22.15
C ALA A 104 18.18 14.80 -21.32
N THR A 105 18.23 16.05 -20.95
CA THR A 105 19.37 16.61 -20.28
C THR A 105 19.28 16.44 -18.79
N GLY A 106 18.09 16.10 -18.26
CA GLY A 106 17.88 16.06 -16.83
C GLY A 106 17.55 17.36 -16.13
N TRP A 107 17.34 18.44 -16.91
CA TRP A 107 17.01 19.73 -16.35
C TRP A 107 15.68 19.58 -15.56
N GLY A 108 15.71 19.91 -14.27
CA GLY A 108 14.64 19.67 -13.37
C GLY A 108 14.80 18.44 -12.51
N LEU A 109 15.72 17.56 -12.87
CA LEU A 109 16.08 16.37 -12.12
C LEU A 109 17.42 16.46 -11.49
N THR A 110 18.41 17.04 -12.21
CA THR A 110 19.79 17.12 -11.72
C THR A 110 19.90 18.05 -10.53
N ASN A 111 20.91 17.85 -9.72
CA ASN A 111 21.17 18.78 -8.64
C ASN A 111 21.55 20.17 -9.11
N GLU A 112 22.30 20.26 -10.21
CA GLU A 112 22.71 21.59 -10.71
C GLU A 112 21.48 22.40 -11.12
N SER A 113 20.55 21.79 -11.83
CA SER A 113 19.35 22.48 -12.36
C SER A 113 18.46 22.83 -11.19
N ARG A 114 18.26 21.90 -10.24
CA ARG A 114 17.36 22.18 -9.18
C ARG A 114 17.92 23.30 -8.29
N HIS A 115 19.23 23.36 -8.13
CA HIS A 115 19.87 24.42 -7.43
C HIS A 115 19.56 25.80 -8.06
N ILE A 116 19.65 25.85 -9.35
CA ILE A 116 19.31 27.10 -10.14
C ILE A 116 17.86 27.50 -9.94
N MET A 117 16.98 26.51 -10.02
CA MET A 117 15.53 26.75 -9.90
C MET A 117 15.11 27.05 -8.45
N GLY A 118 15.91 26.66 -7.46
CA GLY A 118 15.56 26.96 -6.07
C GLY A 118 14.30 26.21 -5.71
N ASP A 119 13.54 26.82 -4.81
CA ASP A 119 12.31 26.19 -4.33
C ASP A 119 11.33 25.92 -5.49
N SER A 120 11.38 26.75 -6.55
CA SER A 120 10.50 26.66 -7.66
C SER A 120 10.77 25.36 -8.54
N ALA A 121 11.84 24.62 -8.25
CA ALA A 121 12.05 23.28 -8.81
C ALA A 121 10.88 22.33 -8.53
N LYS A 122 9.98 22.66 -7.58
CA LYS A 122 8.79 21.85 -7.39
C LYS A 122 7.77 21.98 -8.49
N PHE A 123 7.86 23.03 -9.31
CA PHE A 123 6.95 23.22 -10.43
C PHE A 123 7.50 22.57 -11.70
N LEU A 124 6.63 21.90 -12.42
CA LEU A 124 6.94 21.24 -13.66
C LEU A 124 6.51 22.00 -14.90
N ASN A 125 6.08 23.22 -14.73
CA ASN A 125 5.50 24.07 -15.74
C ASN A 125 6.01 25.49 -15.73
N GLY A 126 5.81 26.12 -16.86
CA GLY A 126 6.01 27.54 -17.01
C GLY A 126 5.25 28.01 -18.21
N ASP A 127 5.22 29.30 -18.40
CA ASP A 127 4.48 29.91 -19.50
C ASP A 127 5.29 31.11 -19.95
N CYS A 128 6.03 30.94 -21.02
CA CYS A 128 6.98 31.92 -21.59
C CYS A 128 6.48 32.69 -22.76
N HIS A 129 6.83 33.97 -22.82
CA HIS A 129 6.26 34.83 -23.85
C HIS A 129 7.35 35.65 -24.59
N HIS A 130 8.32 36.17 -23.80
CA HIS A 130 9.05 37.40 -24.19
C HIS A 130 10.58 37.19 -24.02
N PRO A 131 11.25 36.65 -25.03
CA PRO A 131 12.71 36.46 -25.00
C PRO A 131 13.45 37.72 -25.44
N HIS A 132 14.44 38.14 -24.66
CA HIS A 132 15.23 39.32 -25.03
C HIS A 132 16.70 39.08 -24.69
N ILE A 133 17.51 39.66 -25.57
CA ILE A 133 18.97 39.51 -25.49
C ILE A 133 19.57 40.80 -24.91
N SER A 134 20.55 40.62 -24.01
CA SER A 134 21.19 41.70 -23.31
C SER A 134 21.93 42.62 -24.37
N MET A 135 21.97 43.88 -24.01
CA MET A 135 22.55 44.89 -24.88
C MET A 135 23.64 45.75 -24.16
N THR A 136 24.56 46.27 -24.97
CA THR A 136 25.54 47.23 -24.55
C THR A 136 25.52 48.34 -25.56
N ASP A 137 25.30 49.57 -25.06
CA ASP A 137 25.16 50.73 -25.94
C ASP A 137 24.12 50.57 -27.04
N GLY A 138 22.98 49.98 -26.70
CA GLY A 138 21.89 49.87 -27.66
C GLY A 138 22.08 48.86 -28.77
N LYS A 139 23.00 47.91 -28.57
CA LYS A 139 23.29 46.83 -29.56
C LYS A 139 23.41 45.50 -28.80
N TYR A 140 23.07 44.39 -29.42
CA TYR A 140 23.08 43.08 -28.72
C TYR A 140 24.54 42.74 -28.39
N ASP A 141 24.75 42.27 -27.18
CA ASP A 141 26.10 41.93 -26.79
C ASP A 141 26.34 40.44 -26.65
N GLY A 142 25.30 39.66 -26.83
CA GLY A 142 25.47 38.24 -26.90
C GLY A 142 25.72 37.56 -25.55
N LYS A 143 25.55 38.23 -24.46
CA LYS A 143 25.90 37.63 -23.17
C LYS A 143 24.72 36.78 -22.68
N TYR A 144 23.56 37.40 -22.57
CA TYR A 144 22.38 36.73 -21.91
C TYR A 144 21.12 36.83 -22.73
N LEU A 145 20.25 35.87 -22.52
CA LEU A 145 18.85 35.93 -22.92
C LEU A 145 18.02 35.83 -21.64
N PHE A 146 17.03 36.66 -21.51
CA PHE A 146 16.10 36.64 -20.44
C PHE A 146 14.69 36.34 -20.96
N ILE A 147 13.86 35.69 -20.10
CA ILE A 147 12.51 35.28 -20.44
C ILE A 147 11.64 35.25 -19.18
N ASN A 148 10.36 35.50 -19.37
CA ASN A 148 9.38 35.49 -18.30
C ASN A 148 8.79 34.14 -18.12
N ASP A 149 8.20 33.96 -16.95
CA ASP A 149 7.29 32.89 -16.65
C ASP A 149 5.99 33.42 -16.05
N LYS A 150 4.92 33.48 -16.84
CA LYS A 150 3.63 33.93 -16.38
C LYS A 150 2.97 32.97 -15.37
N ALA A 151 3.23 31.68 -15.46
CA ALA A 151 2.52 30.69 -14.66
C ALA A 151 2.98 30.74 -13.22
N ASN A 152 4.28 30.72 -12.95
CA ASN A 152 4.83 30.72 -11.60
C ASN A 152 5.70 31.93 -11.25
N SER A 153 5.46 33.02 -11.93
CA SER A 153 5.96 34.38 -11.60
C SER A 153 7.49 34.48 -11.50
N ARG A 154 8.16 34.07 -12.55
CA ARG A 154 9.61 34.00 -12.53
C ARG A 154 10.20 34.79 -13.71
N VAL A 155 11.49 35.06 -13.56
CA VAL A 155 12.38 35.46 -14.65
C VAL A 155 13.56 34.54 -14.67
N ALA A 156 13.93 34.07 -15.87
CA ALA A 156 15.10 33.27 -16.06
C ALA A 156 16.11 33.93 -16.93
N ARG A 157 17.35 33.61 -16.65
CA ARG A 157 18.49 34.08 -17.44
C ARG A 157 19.14 32.84 -18.09
N ILE A 158 19.40 32.94 -19.38
CA ILE A 158 20.13 32.01 -20.16
C ILE A 158 21.48 32.58 -20.60
N ARG A 159 22.54 31.86 -20.31
CA ARG A 159 23.86 32.24 -20.78
C ARG A 159 24.07 31.75 -22.17
N LEU A 160 24.28 32.68 -23.07
CA LEU A 160 24.35 32.36 -24.48
C LEU A 160 25.68 31.66 -24.85
N ASP A 161 26.72 31.65 -24.01
CA ASP A 161 27.91 30.90 -24.41
C ASP A 161 27.71 29.35 -24.28
N ILE A 162 26.94 28.95 -23.29
CA ILE A 162 26.70 27.50 -23.05
C ILE A 162 25.25 27.06 -23.50
N MET A 163 24.40 28.04 -23.81
CA MET A 163 22.96 27.83 -24.14
C MET A 163 22.27 27.01 -23.08
N LYS A 164 22.36 27.49 -21.87
CA LYS A 164 21.69 26.89 -20.72
C LYS A 164 21.16 28.03 -19.86
N CYS A 165 20.04 27.80 -19.21
CA CYS A 165 19.60 28.62 -18.09
C CYS A 165 20.56 28.52 -16.93
N ASP A 166 21.07 29.62 -16.47
CA ASP A 166 22.07 29.65 -15.38
C ASP A 166 21.61 30.36 -14.14
N LYS A 167 20.47 31.07 -14.21
CA LYS A 167 19.88 31.77 -13.02
C LYS A 167 18.38 31.85 -13.21
N MET A 168 17.65 31.89 -12.08
CA MET A 168 16.27 32.04 -12.11
C MET A 168 15.82 32.71 -10.81
N ILE A 169 14.80 33.55 -10.90
CA ILE A 169 14.28 34.25 -9.74
C ILE A 169 12.76 34.19 -9.75
N THR A 170 12.17 33.88 -8.61
CA THR A 170 10.78 34.06 -8.34
C THR A 170 10.59 35.50 -7.89
N VAL A 171 9.87 36.32 -8.64
CA VAL A 171 9.69 37.73 -8.30
C VAL A 171 8.75 37.79 -7.07
N PRO A 172 9.21 38.49 -6.02
CA PRO A 172 8.40 38.43 -4.80
C PRO A 172 7.13 39.30 -4.82
N ASN A 173 6.10 38.83 -4.10
CA ASN A 173 4.94 39.57 -3.77
C ASN A 173 4.14 40.01 -4.98
N VAL A 174 4.18 39.17 -6.02
CA VAL A 174 3.43 39.40 -7.26
C VAL A 174 2.84 38.14 -7.85
N GLN A 175 1.91 38.32 -8.78
CA GLN A 175 1.38 37.18 -9.56
C GLN A 175 1.40 37.50 -11.02
N ALA A 176 2.10 36.60 -11.76
CA ALA A 176 2.10 36.41 -13.23
C ALA A 176 3.02 37.43 -13.95
N ILE A 177 4.26 37.03 -14.18
CA ILE A 177 5.21 37.83 -14.82
C ILE A 177 5.00 37.70 -16.34
N HIS A 178 4.55 38.79 -16.96
CA HIS A 178 4.13 38.72 -18.37
C HIS A 178 5.09 39.54 -19.23
N GLY A 179 4.81 40.82 -19.35
CA GLY A 179 5.68 41.72 -20.11
C GLY A 179 7.07 41.70 -19.55
N LEU A 180 8.07 41.61 -20.45
CA LEU A 180 9.49 41.68 -20.03
C LEU A 180 10.28 42.34 -21.16
N ARG A 181 11.12 43.26 -20.82
CA ARG A 181 12.14 43.81 -21.75
C ARG A 181 13.32 44.35 -20.98
N LEU A 182 14.37 44.68 -21.72
CA LEU A 182 15.69 44.93 -21.13
C LEU A 182 16.04 46.41 -21.28
N GLN A 183 16.73 46.95 -20.25
CA GLN A 183 17.43 48.21 -20.45
C GLN A 183 18.40 48.15 -21.58
N LYS A 184 18.43 49.17 -22.44
CA LYS A 184 19.24 49.15 -23.67
C LYS A 184 20.63 49.93 -23.52
N VAL A 185 20.61 51.02 -22.73
CA VAL A 185 21.72 51.98 -22.63
C VAL A 185 21.86 52.42 -21.20
N PRO A 186 23.08 52.51 -20.65
CA PRO A 186 24.34 52.17 -21.31
C PRO A 186 24.53 50.72 -21.62
N HIS A 187 23.81 49.88 -20.87
CA HIS A 187 23.80 48.44 -21.08
C HIS A 187 22.60 47.87 -20.31
N THR A 188 22.42 46.58 -20.42
CA THR A 188 21.35 45.92 -19.68
C THR A 188 21.74 45.75 -18.23
N LYS A 189 21.53 46.81 -17.44
CA LYS A 189 21.73 46.71 -16.02
C LYS A 189 20.52 46.11 -15.39
N TYR A 190 19.35 46.51 -15.86
CA TYR A 190 18.08 46.02 -15.36
C TYR A 190 17.33 45.22 -16.42
N VAL A 191 16.70 44.19 -15.92
CA VAL A 191 15.57 43.51 -16.59
C VAL A 191 14.29 44.06 -16.04
N PHE A 192 13.42 44.56 -16.89
CA PHE A 192 12.14 45.11 -16.45
C PHE A 192 11.07 44.08 -16.74
N ALA A 193 10.25 43.80 -15.76
CA ALA A 193 9.21 42.79 -15.88
C ALA A 193 7.90 43.26 -15.24
N ASN A 194 6.82 43.02 -15.95
CA ASN A 194 5.45 43.37 -15.56
C ASN A 194 4.84 42.23 -14.76
N ALA A 195 4.28 42.50 -13.59
CA ALA A 195 3.36 41.54 -12.95
C ALA A 195 1.90 41.96 -13.37
N GLU A 196 1.19 41.04 -13.98
CA GLU A 196 -0.06 41.37 -14.63
C GLU A 196 -1.26 41.54 -13.67
N PHE A 197 -1.33 40.76 -12.62
CA PHE A 197 -2.53 40.64 -11.85
C PHE A 197 -2.50 41.39 -10.51
N ILE A 198 -3.56 42.17 -10.26
CA ILE A 198 -3.74 42.90 -8.97
C ILE A 198 -3.99 41.92 -7.86
N ILE A 199 -3.23 41.99 -6.78
CA ILE A 199 -3.47 41.15 -5.61
C ILE A 199 -3.41 41.94 -4.29
N PRO A 200 -3.97 41.37 -3.22
CA PRO A 200 -3.86 42.05 -1.92
C PRO A 200 -2.46 42.00 -1.33
N HIS A 201 -2.09 43.03 -0.54
CA HIS A 201 -0.83 43.05 0.16
C HIS A 201 -1.08 43.40 1.64
N PRO A 202 -0.85 42.47 2.56
CA PRO A 202 -0.45 41.05 2.30
C PRO A 202 -1.55 40.22 1.73
N ASN A 203 -1.21 39.10 1.14
CA ASN A 203 -2.20 38.21 0.55
C ASN A 203 -2.42 37.02 1.44
N ASP A 204 -2.94 37.29 2.61
CA ASP A 204 -2.91 36.29 3.72
C ASP A 204 -4.31 35.73 3.97
N GLY A 205 -5.27 36.12 3.16
CA GLY A 205 -6.60 35.58 3.17
C GLY A 205 -7.59 36.37 4.02
N LYS A 206 -7.13 37.45 4.65
CA LYS A 206 -8.02 38.35 5.43
C LYS A 206 -8.76 39.31 4.51
N VAL A 207 -8.08 39.82 3.49
CA VAL A 207 -8.71 40.69 2.51
C VAL A 207 -8.62 40.06 1.13
N PHE A 208 -9.73 39.94 0.42
CA PHE A 208 -9.75 39.45 -0.94
C PHE A 208 -10.11 40.50 -1.94
N ASP A 209 -10.50 41.67 -1.45
CA ASP A 209 -11.13 42.67 -2.32
C ASP A 209 -10.05 43.37 -3.14
N LEU A 210 -10.19 43.39 -4.45
CA LEU A 210 -9.19 44.06 -5.29
C LEU A 210 -9.31 45.59 -5.39
N GLN A 211 -10.37 46.13 -4.82
CA GLN A 211 -10.57 47.59 -4.77
C GLN A 211 -9.96 48.13 -3.48
N ASP A 212 -9.55 47.27 -2.56
CA ASP A 212 -8.88 47.69 -1.33
C ASP A 212 -7.68 48.58 -1.63
N GLU A 213 -7.39 49.50 -0.70
CA GLU A 213 -6.24 50.39 -0.86
C GLU A 213 -4.88 49.64 -0.91
N ASN A 214 -4.81 48.43 -0.37
CA ASN A 214 -3.55 47.70 -0.45
C ASN A 214 -3.57 46.58 -1.51
N SER A 215 -4.53 46.64 -2.43
CA SER A 215 -4.61 45.69 -3.56
C SER A 215 -4.05 46.40 -4.77
N TYR A 216 -2.99 45.79 -5.34
CA TYR A 216 -2.25 46.38 -6.45
C TYR A 216 -1.33 45.35 -7.11
N THR A 217 -0.78 45.76 -8.25
CA THR A 217 0.36 45.14 -8.84
C THR A 217 1.50 46.08 -8.96
N MET A 218 2.68 45.52 -9.32
CA MET A 218 3.91 46.28 -9.36
C MET A 218 4.71 46.02 -10.64
N TYR A 219 5.45 47.03 -11.03
CA TYR A 219 6.49 46.94 -12.01
C TYR A 219 7.75 46.51 -11.34
N ASN A 220 8.51 45.64 -12.01
CA ASN A 220 9.66 44.99 -11.38
C ASN A 220 10.96 45.18 -12.12
N ALA A 221 12.03 45.48 -11.39
CA ALA A 221 13.35 45.61 -12.00
C ALA A 221 14.27 44.60 -11.29
N ILE A 222 14.89 43.75 -12.09
CA ILE A 222 15.81 42.73 -11.65
C ILE A 222 17.20 43.14 -12.13
N ASP A 223 18.17 43.02 -11.24
CA ASP A 223 19.57 43.27 -11.61
C ASP A 223 19.99 42.13 -12.53
N ALA A 224 20.35 42.48 -13.74
CA ALA A 224 20.66 41.49 -14.77
C ALA A 224 21.86 40.61 -14.42
N GLU A 225 22.88 41.15 -13.76
CA GLU A 225 24.07 40.45 -13.53
C GLU A 225 23.97 39.60 -12.28
N THR A 226 23.36 40.09 -11.23
CA THR A 226 23.22 39.28 -10.02
C THR A 226 21.99 38.40 -9.99
N MET A 227 21.00 38.72 -10.80
CA MET A 227 19.66 38.10 -10.80
C MET A 227 19.02 38.13 -9.40
N GLU A 228 19.26 39.22 -8.68
CA GLU A 228 18.49 39.54 -7.50
C GLU A 228 17.60 40.71 -7.83
N MET A 229 16.53 40.89 -7.03
CA MET A 229 15.67 42.10 -7.31
C MET A 229 16.43 43.39 -7.08
N ALA A 230 16.16 44.40 -7.90
CA ALA A 230 16.67 45.73 -7.70
C ALA A 230 15.65 46.63 -7.03
N PHE A 231 14.46 46.68 -7.58
CA PHE A 231 13.38 47.45 -6.98
C PHE A 231 12.03 47.08 -7.58
N GLN A 232 10.95 47.44 -6.89
CA GLN A 232 9.59 47.33 -7.41
C GLN A 232 8.83 48.67 -7.29
N VAL A 233 7.99 48.98 -8.27
CA VAL A 233 7.20 50.19 -8.27
C VAL A 233 5.72 49.84 -8.32
N ILE A 234 4.98 50.21 -7.30
CA ILE A 234 3.54 49.99 -7.22
C ILE A 234 2.92 50.92 -8.24
N VAL A 235 1.97 50.40 -8.99
CA VAL A 235 1.27 51.14 -9.99
C VAL A 235 -0.23 51.09 -9.79
N ASP A 236 -0.91 52.06 -10.35
CA ASP A 236 -2.36 51.98 -10.54
C ASP A 236 -2.64 51.02 -11.69
N GLY A 237 -3.80 50.42 -11.68
CA GLY A 237 -4.17 49.53 -12.76
C GLY A 237 -3.38 48.24 -12.81
N ASN A 238 -3.22 47.71 -14.00
CA ASN A 238 -2.41 46.53 -14.15
CA ASN A 238 -2.51 46.44 -14.24
C ASN A 238 -1.33 46.77 -15.25
N LEU A 239 -0.60 45.73 -15.61
CA LEU A 239 0.52 45.89 -16.49
C LEU A 239 0.43 44.80 -17.53
N ASP A 240 0.67 45.16 -18.78
CA ASP A 240 0.65 44.22 -19.89
C ASP A 240 2.02 44.03 -20.52
N ASN A 241 2.44 44.90 -21.47
CA ASN A 241 3.80 44.82 -22.04
C ASN A 241 4.65 46.04 -21.64
N THR A 242 5.94 45.98 -21.90
CA THR A 242 6.86 47.06 -21.43
C THR A 242 8.02 47.22 -22.46
N ASP A 243 8.57 48.41 -22.53
CA ASP A 243 9.84 48.60 -23.22
C ASP A 243 10.60 49.75 -22.51
N ALA A 244 11.83 49.98 -23.02
CA ALA A 244 12.80 50.86 -22.44
C ALA A 244 13.34 51.78 -23.53
N ASP A 245 13.79 52.97 -23.09
CA ASP A 245 14.32 53.96 -24.05
C ASP A 245 15.78 53.67 -24.45
N TYR A 246 16.41 54.59 -25.18
CA TYR A 246 17.81 54.52 -25.50
C TYR A 246 18.73 55.43 -24.63
N THR A 247 18.36 55.65 -23.37
CA THR A 247 19.20 56.37 -22.43
C THR A 247 19.38 55.72 -21.10
N GLY A 248 18.41 54.93 -20.68
CA GLY A 248 18.48 54.37 -19.35
C GLY A 248 17.63 55.10 -18.39
N ARG A 249 17.13 56.30 -18.74
CA ARG A 249 16.28 57.01 -17.84
C ARG A 249 14.83 56.45 -17.79
N PHE A 250 14.25 56.16 -18.95
CA PHE A 250 12.83 55.93 -19.04
C PHE A 250 12.49 54.49 -19.46
N ALA A 251 11.41 54.02 -18.83
CA ALA A 251 10.73 52.80 -19.30
C ALA A 251 9.25 53.10 -19.33
N ALA A 252 8.51 52.25 -20.00
CA ALA A 252 7.08 52.46 -20.19
C ALA A 252 6.35 51.10 -20.24
N ALA A 253 5.13 51.08 -19.78
CA ALA A 253 4.31 49.84 -19.83
C ALA A 253 2.87 50.18 -20.18
N THR A 254 2.23 49.31 -20.92
CA THR A 254 0.81 49.40 -21.16
C THR A 254 0.05 48.85 -19.96
N CYS A 255 -1.15 49.42 -19.78
CA CYS A 255 -2.13 48.95 -18.80
C CYS A 255 -3.47 48.74 -19.48
N TYR A 256 -4.17 47.64 -19.21
CA TYR A 256 -5.51 47.43 -19.83
C TYR A 256 -6.58 47.46 -18.82
N ASN A 257 -6.24 47.50 -17.54
CA ASN A 257 -7.30 47.46 -16.53
C ASN A 257 -7.17 48.67 -15.63
N SER A 258 -7.28 49.83 -16.22
CA SER A 258 -7.28 51.06 -15.43
C SER A 258 -8.52 51.10 -14.58
N GLU A 259 -9.52 50.27 -14.92
CA GLU A 259 -10.81 50.26 -14.21
C GLU A 259 -10.68 49.47 -12.89
N LYS A 260 -9.57 48.72 -12.74
CA LYS A 260 -9.38 47.86 -11.59
C LYS A 260 -10.62 46.97 -11.44
N ALA A 261 -11.05 46.40 -12.55
CA ALA A 261 -12.30 45.64 -12.58
C ALA A 261 -11.91 44.22 -12.72
N PHE A 262 -12.78 43.32 -12.27
CA PHE A 262 -12.36 41.91 -12.27
C PHE A 262 -13.21 40.97 -13.11
N ASP A 263 -14.06 41.62 -13.90
CA ASP A 263 -15.03 41.13 -14.87
C ASP A 263 -14.56 41.60 -16.29
N LEU A 264 -14.76 40.78 -17.29
CA LEU A 264 -14.39 41.10 -18.65
C LEU A 264 -14.95 42.43 -19.09
N GLY A 265 -16.24 42.58 -18.98
CA GLY A 265 -16.89 43.87 -19.37
C GLY A 265 -16.36 45.08 -18.61
N GLY A 266 -16.17 44.89 -17.28
CA GLY A 266 -15.66 45.94 -16.41
C GLY A 266 -14.28 46.45 -16.88
N MET A 267 -13.49 45.50 -17.32
CA MET A 267 -12.14 45.83 -17.83
C MET A 267 -12.13 46.60 -19.18
N MET A 268 -13.29 46.77 -19.82
CA MET A 268 -13.42 47.50 -21.10
C MET A 268 -14.33 48.71 -20.98
N ARG A 269 -14.61 49.20 -19.77
CA ARG A 269 -15.52 50.33 -19.60
C ARG A 269 -14.92 51.64 -20.04
N ASN A 270 -13.62 51.84 -19.79
CA ASN A 270 -12.99 53.15 -20.09
C ASN A 270 -12.55 53.20 -21.55
N GLU A 271 -12.85 54.30 -22.24
CA GLU A 271 -12.39 54.36 -23.62
C GLU A 271 -10.86 54.50 -23.64
N ARG A 272 -10.24 55.07 -22.59
CA ARG A 272 -8.78 55.05 -22.51
C ARG A 272 -8.31 54.36 -21.22
N ASP A 273 -7.28 53.50 -21.34
CA ASP A 273 -6.47 53.16 -20.15
C ASP A 273 -5.23 54.10 -20.24
N TRP A 274 -4.02 53.56 -20.13
CA TRP A 274 -2.84 54.35 -20.21
C TRP A 274 -1.60 53.59 -20.55
N VAL A 275 -0.60 54.32 -20.92
CA VAL A 275 0.78 53.86 -20.79
C VAL A 275 1.34 54.52 -19.57
N VAL A 276 1.91 53.74 -18.66
CA VAL A 276 2.58 54.29 -17.52
C VAL A 276 4.08 54.40 -17.84
N VAL A 277 4.65 55.58 -17.61
CA VAL A 277 6.07 55.83 -17.82
C VAL A 277 6.78 55.94 -16.50
N PHE A 278 7.94 55.32 -16.40
CA PHE A 278 8.76 55.31 -15.22
C PHE A 278 9.99 56.13 -15.43
N ASP A 279 10.27 56.97 -14.43
CA ASP A 279 11.54 57.68 -14.39
C ASP A 279 12.49 56.88 -13.54
N ILE A 280 13.27 56.06 -14.20
CA ILE A 280 14.14 55.10 -13.50
C ILE A 280 15.18 55.84 -12.67
N HIS A 281 15.65 56.97 -13.19
CA HIS A 281 16.60 57.81 -12.38
C HIS A 281 15.99 58.27 -11.05
N ALA A 282 14.74 58.60 -11.06
CA ALA A 282 14.11 59.06 -9.82
C ALA A 282 13.91 57.88 -8.86
N VAL A 283 13.55 56.68 -9.43
CA VAL A 283 13.41 55.52 -8.59
C VAL A 283 14.79 55.20 -7.92
N GLU A 284 15.84 55.21 -8.71
CA GLU A 284 17.16 54.87 -8.24
C GLU A 284 17.59 55.83 -7.11
N ALA A 285 17.27 57.10 -7.30
CA ALA A 285 17.54 58.10 -6.27
C ALA A 285 16.81 57.81 -4.95
N ALA A 286 15.55 57.48 -5.01
CA ALA A 286 14.78 57.18 -3.81
C ALA A 286 15.31 55.93 -3.14
N VAL A 287 15.74 54.92 -3.93
CA VAL A 287 16.32 53.72 -3.34
C VAL A 287 17.65 54.12 -2.58
N LYS A 288 18.50 54.90 -3.24
CA LYS A 288 19.72 55.39 -2.56
C LYS A 288 19.44 56.19 -1.28
N ALA A 289 18.37 56.98 -1.25
CA ALA A 289 18.02 57.76 -0.08
C ALA A 289 17.36 56.94 1.03
N GLY A 290 17.03 55.67 0.75
CA GLY A 290 16.29 54.85 1.67
C GLY A 290 14.81 55.21 1.82
N ASP A 291 14.30 55.95 0.86
CA ASP A 291 12.92 56.31 0.85
C ASP A 291 12.03 55.24 0.16
N PHE A 292 11.81 54.13 0.86
CA PHE A 292 11.02 53.00 0.33
C PHE A 292 10.48 52.13 1.44
N ILE A 293 9.50 51.29 1.13
CA ILE A 293 9.02 50.28 2.07
C ILE A 293 9.45 48.91 1.54
N THR A 294 9.20 47.89 2.29
CA THR A 294 9.35 46.51 1.82
C THR A 294 8.07 45.74 2.03
N LEU A 295 7.93 44.64 1.29
CA LEU A 295 6.78 43.80 1.33
C LEU A 295 7.16 42.36 1.64
N GLY A 296 6.29 41.72 2.40
CA GLY A 296 6.38 40.31 2.72
C GLY A 296 7.73 40.05 3.34
N ASP A 297 8.36 38.95 2.93
CA ASP A 297 9.68 38.62 3.47
C ASP A 297 10.85 39.14 2.67
N SER A 298 10.57 39.94 1.67
CA SER A 298 11.64 40.33 0.72
C SER A 298 12.21 41.68 1.13
N LYS A 299 13.52 41.84 1.04
CA LYS A 299 14.16 43.13 1.27
C LYS A 299 14.15 44.03 0.06
N THR A 300 13.48 43.62 -1.00
CA THR A 300 13.42 44.45 -2.19
C THR A 300 12.81 45.84 -1.89
N PRO A 301 13.44 46.89 -2.36
CA PRO A 301 12.89 48.25 -2.20
C PRO A 301 11.62 48.41 -3.02
N VAL A 302 10.56 48.89 -2.40
CA VAL A 302 9.28 49.11 -3.05
C VAL A 302 8.94 50.59 -2.97
N LEU A 303 8.77 51.18 -4.16
CA LEU A 303 8.41 52.57 -4.35
C LEU A 303 6.96 52.64 -4.71
N ASP A 304 6.31 53.73 -4.34
CA ASP A 304 4.87 53.80 -4.64
C ASP A 304 4.71 54.76 -5.81
N GLY A 305 4.36 54.24 -6.99
CA GLY A 305 4.08 55.03 -8.15
C GLY A 305 2.63 55.30 -8.47
N ARG A 306 1.74 55.05 -7.53
CA ARG A 306 0.34 55.32 -7.74
C ARG A 306 0.07 56.83 -7.59
N LYS A 307 -1.00 57.28 -8.17
CA LYS A 307 -1.51 58.65 -7.93
C LYS A 307 -2.12 58.72 -6.52
N LYS A 308 -1.96 59.86 -5.86
CA LYS A 308 -2.59 60.06 -4.54
C LYS A 308 -3.46 61.28 -4.67
N ASP A 309 -4.77 61.05 -4.58
CA ASP A 309 -5.77 62.10 -4.66
C ASP A 309 -5.49 62.97 -5.87
N GLY A 310 -5.20 62.33 -7.00
CA GLY A 310 -4.94 63.03 -8.25
C GLY A 310 -3.52 63.52 -8.44
N LYS A 311 -2.69 63.41 -7.43
CA LYS A 311 -1.34 63.95 -7.51
C LYS A 311 -0.34 62.86 -7.91
N ASP A 312 0.51 63.21 -8.85
CA ASP A 312 1.55 62.29 -9.34
C ASP A 312 2.67 62.11 -8.33
N SER A 313 3.23 60.92 -8.32
CA SER A 313 4.46 60.66 -7.63
C SER A 313 5.61 61.15 -8.57
N LYS A 314 6.82 61.19 -8.03
CA LYS A 314 8.03 61.41 -8.78
C LYS A 314 8.38 60.24 -9.72
N PHE A 315 7.81 59.07 -9.47
CA PHE A 315 8.33 57.86 -10.20
C PHE A 315 7.65 57.58 -11.53
N THR A 316 6.42 58.08 -11.68
CA THR A 316 5.51 57.68 -12.73
C THR A 316 4.71 58.81 -13.34
N ARG A 317 4.34 58.65 -14.59
CA ARG A 317 3.30 59.45 -15.23
C ARG A 317 2.40 58.54 -16.00
N TYR A 318 1.12 58.86 -16.02
CA TYR A 318 0.12 58.08 -16.66
C TYR A 318 -0.37 58.82 -17.87
N VAL A 319 -0.11 58.26 -19.07
CA VAL A 319 -0.46 58.86 -20.33
C VAL A 319 -1.71 58.14 -20.90
N PRO A 320 -2.85 58.83 -20.97
CA PRO A 320 -4.01 58.15 -21.46
C PRO A 320 -3.88 57.66 -22.89
N VAL A 321 -4.32 56.43 -23.11
CA VAL A 321 -4.20 55.72 -24.39
C VAL A 321 -5.38 54.74 -24.57
N PRO A 322 -6.04 54.78 -25.73
CA PRO A 322 -7.12 53.79 -25.99
C PRO A 322 -6.58 52.51 -26.67
N LYS A 323 -7.16 51.32 -26.48
CA LYS A 323 -8.18 51.02 -25.47
C LYS A 323 -7.88 49.57 -25.12
N ASN A 324 -7.66 49.29 -23.84
CA ASN A 324 -7.00 48.05 -23.39
C ASN A 324 -5.75 47.85 -24.28
N PRO A 325 -4.89 48.86 -24.37
CA PRO A 325 -3.70 48.72 -25.25
C PRO A 325 -2.77 47.57 -24.79
N HIS A 326 -2.00 47.04 -25.75
CA HIS A 326 -1.30 45.80 -25.51
C HIS A 326 0.21 46.04 -25.76
N GLY A 327 0.62 45.97 -27.03
CA GLY A 327 2.06 46.11 -27.26
C GLY A 327 2.60 47.49 -26.86
N CYS A 328 3.87 47.45 -26.47
CA CYS A 328 4.60 48.66 -26.02
C CYS A 328 5.99 48.52 -26.56
N ASN A 329 6.28 49.23 -27.64
CA ASN A 329 7.48 48.97 -28.39
C ASN A 329 8.24 50.28 -28.68
N THR A 330 9.55 50.28 -28.41
CA THR A 330 10.42 51.40 -28.59
C THR A 330 10.98 51.36 -29.99
N SER A 331 10.74 52.42 -30.74
CA SER A 331 11.33 52.52 -32.09
C SER A 331 12.86 52.53 -32.07
N SER A 332 13.46 51.99 -33.10
CA SER A 332 14.91 51.78 -33.12
C SER A 332 15.77 53.04 -33.20
N ASP A 333 15.18 54.14 -33.62
CA ASP A 333 15.79 55.46 -33.53
C ASP A 333 15.63 56.13 -32.20
N GLY A 334 14.96 55.46 -31.26
CA GLY A 334 14.73 55.95 -29.93
C GLY A 334 13.75 57.09 -29.73
N LYS A 335 13.00 57.39 -30.76
CA LYS A 335 12.07 58.52 -30.71
C LYS A 335 10.78 58.23 -30.02
N TYR A 336 10.27 56.98 -30.17
CA TYR A 336 8.90 56.71 -29.71
C TYR A 336 8.74 55.47 -28.86
N PHE A 337 7.87 55.54 -27.85
CA PHE A 337 7.23 54.35 -27.32
C PHE A 337 5.92 54.28 -28.08
N ILE A 338 5.64 53.14 -28.74
CA ILE A 338 4.45 52.97 -29.54
C ILE A 338 3.56 51.93 -28.86
N ALA A 339 2.39 52.33 -28.45
CA ALA A 339 1.40 51.47 -27.80
C ALA A 339 0.33 51.00 -28.82
N ALA A 340 0.12 49.71 -28.92
CA ALA A 340 -0.84 49.14 -29.89
C ALA A 340 -2.21 49.19 -29.27
N GLY A 341 -3.20 49.68 -30.00
CA GLY A 341 -4.48 50.07 -29.40
C GLY A 341 -5.45 48.96 -29.05
N LYS A 342 -5.25 47.76 -29.64
CA LYS A 342 -6.07 46.56 -29.48
C LYS A 342 -7.59 46.80 -29.72
N LEU A 343 -8.35 47.28 -28.73
CA LEU A 343 -9.79 47.52 -28.94
C LEU A 343 -10.02 48.78 -29.76
N SER A 344 -9.05 49.69 -29.76
CA SER A 344 -9.01 50.84 -30.61
C SER A 344 -8.17 50.51 -31.82
N PRO A 345 -8.59 50.91 -33.02
CA PRO A 345 -7.94 50.47 -34.27
C PRO A 345 -6.74 51.36 -34.61
N THR A 346 -5.93 51.67 -33.60
CA THR A 346 -4.88 52.67 -33.65
C THR A 346 -3.58 52.17 -32.98
N CYS A 347 -2.49 52.88 -33.16
CA CYS A 347 -1.36 52.90 -32.25
C CYS A 347 -1.25 54.31 -31.70
N SER A 348 -0.79 54.45 -30.47
CA SER A 348 -0.50 55.73 -29.91
C SER A 348 1.04 55.91 -29.77
N MET A 349 1.56 57.04 -30.27
CA MET A 349 3.01 57.30 -30.35
C MET A 349 3.38 58.33 -29.30
N ILE A 350 4.18 57.91 -28.36
CA ILE A 350 4.63 58.74 -27.29
C ILE A 350 6.01 59.25 -27.60
N ALA A 351 6.18 60.58 -27.67
CA ALA A 351 7.51 61.13 -27.98
C ALA A 351 8.42 61.07 -26.76
N ILE A 352 9.44 60.22 -26.81
CA ILE A 352 10.39 60.07 -25.73
C ILE A 352 11.06 61.43 -25.35
N ASP A 353 11.33 62.26 -26.38
CA ASP A 353 11.85 63.62 -26.21
C ASP A 353 11.07 64.48 -25.22
N LYS A 354 9.74 64.27 -25.14
CA LYS A 354 8.88 65.08 -24.31
C LYS A 354 8.75 64.59 -22.89
N LEU A 355 9.35 63.43 -22.57
CA LEU A 355 9.16 62.88 -21.23
C LEU A 355 9.81 63.66 -20.11
N PRO A 356 11.02 64.19 -20.33
CA PRO A 356 11.57 65.05 -19.27
C PRO A 356 10.65 66.25 -18.89
N ASP A 357 10.09 66.91 -19.89
CA ASP A 357 9.11 67.96 -19.67
C ASP A 357 7.85 67.47 -18.95
N LEU A 358 7.35 66.28 -19.31
CA LEU A 358 6.24 65.69 -18.62
C LEU A 358 6.56 65.48 -17.16
N PHE A 359 7.72 64.90 -16.85
CA PHE A 359 8.05 64.63 -15.44
C PHE A 359 8.36 65.89 -14.65
N ALA A 360 8.71 66.94 -15.34
CA ALA A 360 8.98 68.24 -14.69
C ALA A 360 7.73 69.10 -14.45
N GLY A 361 6.59 68.69 -14.97
CA GLY A 361 5.35 69.45 -14.85
C GLY A 361 5.27 70.61 -15.83
N LYS A 362 6.07 70.55 -16.89
CA LYS A 362 6.07 71.58 -17.87
C LYS A 362 5.01 71.42 -18.96
N LEU A 363 4.30 70.31 -18.96
CA LEU A 363 3.21 70.10 -19.94
C LEU A 363 1.84 70.26 -19.31
N ALA A 364 0.94 70.82 -20.08
CA ALA A 364 -0.43 71.06 -19.56
C ALA A 364 -1.22 69.78 -19.28
N ASP A 365 -0.98 68.74 -20.04
CA ASP A 365 -1.86 67.56 -20.07
C ASP A 365 -0.90 66.37 -20.41
N PRO A 366 -0.97 65.26 -19.69
CA PRO A 366 -0.14 64.11 -20.09
C PRO A 366 -0.31 63.65 -21.56
N ARG A 367 -1.48 63.85 -22.15
CA ARG A 367 -1.66 63.57 -23.58
C ARG A 367 -0.78 64.42 -24.51
N ASP A 368 -0.17 65.48 -24.00
CA ASP A 368 0.71 66.29 -24.83
C ASP A 368 1.99 65.52 -25.24
N VAL A 369 2.30 64.38 -24.59
CA VAL A 369 3.44 63.60 -25.10
C VAL A 369 3.04 62.69 -26.29
N ILE A 370 1.76 62.54 -26.56
CA ILE A 370 1.29 61.75 -27.68
C ILE A 370 1.42 62.63 -28.91
N VAL A 371 2.15 62.15 -29.91
CA VAL A 371 2.40 62.95 -31.13
C VAL A 371 1.89 62.28 -32.38
N GLY A 372 1.30 61.11 -32.22
CA GLY A 372 0.68 60.39 -33.36
C GLY A 372 -0.29 59.34 -32.85
N GLU A 373 -1.36 59.13 -33.60
CA GLU A 373 -2.36 58.10 -33.20
C GLU A 373 -2.92 57.57 -34.51
N PRO A 374 -2.08 56.97 -35.34
CA PRO A 374 -2.53 56.44 -36.63
C PRO A 374 -3.65 55.40 -36.55
N GLU A 375 -4.64 55.54 -37.43
CA GLU A 375 -5.66 54.54 -37.59
C GLU A 375 -5.18 53.49 -38.59
N LEU A 376 -5.03 52.25 -38.12
CA LEU A 376 -4.33 51.20 -38.86
C LEU A 376 -5.20 50.08 -39.29
N GLY A 377 -6.21 49.72 -38.51
CA GLY A 377 -7.04 48.51 -38.84
C GLY A 377 -7.47 47.82 -37.56
N LEU A 378 -8.14 46.67 -37.69
CA LEU A 378 -8.80 46.09 -36.54
C LEU A 378 -7.89 45.16 -35.70
N GLY A 379 -7.80 45.46 -34.43
CA GLY A 379 -7.05 44.68 -33.51
C GLY A 379 -5.54 44.81 -33.44
N PRO A 380 -5.01 46.05 -33.49
CA PRO A 380 -3.55 46.19 -33.44
C PRO A 380 -2.97 45.66 -32.12
N LEU A 381 -1.98 44.76 -32.19
CA LEU A 381 -1.39 44.20 -31.02
C LEU A 381 0.07 44.54 -30.72
N HIS A 382 0.95 44.54 -31.72
CA HIS A 382 2.38 44.69 -31.49
CA HIS A 382 2.41 44.66 -31.49
C HIS A 382 3.00 45.37 -32.72
N THR A 383 4.11 46.04 -32.51
CA THR A 383 4.80 46.80 -33.54
C THR A 383 6.30 46.55 -33.56
N THR A 384 6.87 46.52 -34.76
CA THR A 384 8.32 46.38 -34.91
C THR A 384 8.82 47.34 -36.01
N PHE A 385 10.10 47.27 -36.27
CA PHE A 385 10.82 48.41 -36.99
C PHE A 385 11.80 47.89 -37.96
N ASP A 386 11.89 48.50 -39.16
CA ASP A 386 12.90 48.17 -40.15
C ASP A 386 14.19 49.03 -40.14
N GLY A 387 14.26 50.05 -39.30
CA GLY A 387 15.37 50.94 -39.26
C GLY A 387 15.39 51.91 -40.44
N ARG A 388 14.36 51.88 -41.28
CA ARG A 388 14.18 52.77 -42.43
C ARG A 388 13.10 53.80 -42.23
N GLY A 389 12.57 53.88 -41.03
CA GLY A 389 11.50 54.80 -40.67
C GLY A 389 10.07 54.21 -40.78
N ASN A 390 9.97 52.90 -41.12
CA ASN A 390 8.67 52.23 -41.11
C ASN A 390 8.48 51.40 -39.80
N ALA A 391 7.23 51.38 -39.36
CA ALA A 391 6.73 50.48 -38.35
C ALA A 391 5.89 49.42 -39.03
N TYR A 392 5.84 48.25 -38.41
CA TYR A 392 5.08 47.15 -38.91
C TYR A 392 4.26 46.70 -37.68
N THR A 393 2.95 46.60 -37.87
CA THR A 393 2.02 46.31 -36.80
C THR A 393 1.12 45.14 -37.15
N THR A 394 0.89 44.25 -36.20
CA THR A 394 -0.04 43.13 -36.34
C THR A 394 -1.45 43.63 -36.09
N LEU A 395 -2.34 43.25 -36.96
CA LEU A 395 -3.77 43.43 -36.82
C LEU A 395 -4.39 42.06 -36.59
N PHE A 396 -4.74 41.79 -35.34
CA PHE A 396 -5.24 40.46 -34.94
C PHE A 396 -6.58 40.11 -35.66
N ILE A 397 -7.48 41.07 -35.72
CA ILE A 397 -8.85 40.85 -36.21
C ILE A 397 -8.87 40.87 -37.72
N ASP A 398 -8.19 41.82 -38.33
CA ASP A 398 -8.04 41.89 -39.77
C ASP A 398 -7.07 40.82 -40.32
N SER A 399 -6.26 40.22 -39.45
CA SER A 399 -5.34 39.16 -39.80
C SER A 399 -4.33 39.58 -40.86
N GLN A 400 -3.64 40.65 -40.54
CA GLN A 400 -2.66 41.26 -41.44
C GLN A 400 -1.49 41.81 -40.68
N VAL A 401 -0.44 42.09 -41.42
CA VAL A 401 0.61 42.96 -40.96
C VAL A 401 0.47 44.27 -41.75
N VAL A 402 0.45 45.40 -41.06
CA VAL A 402 0.38 46.71 -41.72
C VAL A 402 1.71 47.43 -41.57
N LYS A 403 2.25 47.83 -42.72
CA LYS A 403 3.42 48.65 -42.79
C LYS A 403 3.01 50.12 -42.86
N TRP A 404 3.62 50.95 -42.01
CA TRP A 404 3.31 52.37 -41.94
C TRP A 404 4.49 53.24 -41.59
N ASN A 405 4.48 54.48 -42.11
CA ASN A 405 5.60 55.41 -41.96
C ASN A 405 5.36 56.22 -40.69
N MET A 406 6.33 56.20 -39.75
CA MET A 406 6.07 56.82 -38.46
C MET A 406 5.96 58.37 -38.50
N GLU A 407 6.90 58.97 -39.17
CA GLU A 407 6.93 60.43 -39.33
C GLU A 407 5.68 60.97 -40.04
N GLU A 408 5.20 60.28 -41.05
CA GLU A 408 3.92 60.64 -41.67
C GLU A 408 2.74 60.55 -40.75
N ALA A 409 2.68 59.54 -39.90
CA ALA A 409 1.64 59.45 -38.93
C ALA A 409 1.70 60.66 -37.99
N VAL A 410 2.91 61.11 -37.62
CA VAL A 410 3.05 62.26 -36.74
C VAL A 410 2.51 63.52 -37.46
N ARG A 411 2.84 63.64 -38.74
CA ARG A 411 2.27 64.74 -39.54
C ARG A 411 0.78 64.66 -39.66
N ALA A 412 0.24 63.48 -39.87
CA ALA A 412 -1.22 63.30 -39.92
C ALA A 412 -1.84 63.74 -38.64
N TYR A 413 -1.15 63.55 -37.51
CA TYR A 413 -1.82 63.83 -36.21
C TYR A 413 -2.00 65.36 -36.07
N LYS A 414 -1.08 66.10 -36.68
CA LYS A 414 -1.17 67.56 -36.71
C LYS A 414 -2.08 68.03 -37.84
N GLY A 415 -2.77 67.12 -38.52
CA GLY A 415 -3.76 67.49 -39.53
C GLY A 415 -3.33 67.50 -41.00
N GLU A 416 -2.05 67.24 -41.28
CA GLU A 416 -1.65 67.09 -42.68
C GLU A 416 -2.33 65.86 -43.33
N LYS A 417 -2.73 65.98 -44.59
CA LYS A 417 -3.29 64.87 -45.33
C LYS A 417 -2.14 64.14 -46.01
N VAL A 418 -1.84 62.96 -45.47
CA VAL A 418 -0.72 62.16 -45.94
C VAL A 418 -1.12 60.67 -45.90
N ASN A 419 -0.47 59.79 -46.67
CA ASN A 419 -0.81 58.40 -46.68
C ASN A 419 0.19 57.62 -45.83
N TYR A 420 0.06 57.58 -44.50
CA TYR A 420 1.07 56.88 -43.72
C TYR A 420 1.04 55.34 -43.90
N ILE A 421 -0.12 54.78 -44.31
CA ILE A 421 -0.20 53.34 -44.55
C ILE A 421 0.39 52.98 -45.90
N LYS A 422 1.41 52.12 -45.88
CA LYS A 422 2.12 51.73 -47.11
C LYS A 422 1.64 50.42 -47.70
N GLN A 423 1.37 49.41 -46.84
CA GLN A 423 0.99 48.12 -47.35
C GLN A 423 0.33 47.29 -46.21
N LYS A 424 -0.65 46.47 -46.58
CA LYS A 424 -1.25 45.49 -45.66
C LYS A 424 -1.03 44.10 -46.28
N LEU A 425 -0.40 43.21 -45.53
CA LEU A 425 -0.11 41.88 -45.97
C LEU A 425 -0.93 40.89 -45.22
N ASP A 426 -1.70 40.07 -45.90
CA ASP A 426 -2.51 39.05 -45.21
C ASP A 426 -1.63 37.95 -44.59
N VAL A 427 -1.92 37.56 -43.35
CA VAL A 427 -1.22 36.52 -42.67
C VAL A 427 -2.20 35.49 -42.13
N HIS A 428 -1.69 34.34 -41.73
CA HIS A 428 -2.56 33.16 -41.63
C HIS A 428 -2.41 32.42 -40.29
N TYR A 429 -3.20 32.70 -39.24
CA TYR A 429 -4.20 33.71 -39.17
C TYR A 429 -4.18 34.26 -37.77
N GLN A 430 -4.59 35.53 -37.63
CA GLN A 430 -4.73 36.18 -36.31
C GLN A 430 -3.31 36.36 -35.62
N PRO A 431 -2.54 37.30 -36.15
CA PRO A 431 -1.19 37.50 -35.63
C PRO A 431 -1.17 38.16 -34.26
N GLY A 432 -0.22 37.76 -33.46
CA GLY A 432 0.03 38.36 -32.13
C GLY A 432 1.21 39.27 -32.21
N HIS A 433 2.39 38.77 -31.82
CA HIS A 433 3.63 39.53 -31.89
C HIS A 433 4.20 39.41 -33.29
N LEU A 434 5.06 40.34 -33.62
CA LEU A 434 5.92 40.25 -34.78
C LEU A 434 7.29 40.88 -34.44
N HIS A 435 8.30 40.44 -35.16
CA HIS A 435 9.67 40.78 -34.87
C HIS A 435 10.50 40.95 -36.13
N ALA A 436 11.05 42.16 -36.32
CA ALA A 436 11.99 42.41 -37.40
C ALA A 436 13.45 42.31 -36.91
N SER A 437 14.31 41.78 -37.75
CA SER A 437 15.69 41.51 -37.34
C SER A 437 16.41 42.75 -36.74
N LEU A 438 16.95 42.57 -35.51
CA LEU A 438 17.64 43.62 -34.83
C LEU A 438 16.80 44.85 -34.42
N CYS A 439 15.47 44.67 -34.39
CA CYS A 439 14.53 45.77 -34.14
C CYS A 439 14.66 46.42 -32.77
N GLU A 440 15.18 45.72 -31.79
CA GLU A 440 15.34 46.27 -30.44
C GLU A 440 16.59 47.04 -30.23
N THR A 441 17.32 47.31 -31.30
CA THR A 441 18.67 47.89 -31.23
C THR A 441 18.78 48.97 -32.23
N ASN A 442 19.81 49.79 -32.08
CA ASN A 442 19.99 50.88 -33.05
C ASN A 442 20.66 50.35 -34.33
N GLU A 443 20.80 49.03 -34.46
CA GLU A 443 21.24 48.39 -35.71
C GLU A 443 20.15 47.75 -36.53
N ALA A 444 18.87 47.98 -36.18
CA ALA A 444 17.74 47.40 -36.87
C ALA A 444 18.07 47.38 -38.36
N ASP A 445 18.03 46.22 -38.98
CA ASP A 445 18.61 46.08 -40.33
C ASP A 445 17.63 45.90 -41.46
N GLY A 446 16.33 45.84 -41.13
CA GLY A 446 15.29 45.82 -42.13
C GLY A 446 15.30 44.65 -43.07
N LYS A 447 15.83 43.50 -42.68
CA LYS A 447 15.92 42.34 -43.60
C LYS A 447 14.78 41.31 -43.46
N TRP A 448 14.59 40.80 -42.22
CA TRP A 448 13.58 39.73 -42.01
C TRP A 448 12.55 40.17 -40.99
N LEU A 449 11.34 39.65 -41.18
CA LEU A 449 10.27 39.89 -40.24
C LEU A 449 9.57 38.54 -40.02
N VAL A 450 9.26 38.25 -38.75
CA VAL A 450 8.47 37.07 -38.39
C VAL A 450 7.19 37.52 -37.72
N ALA A 451 6.04 37.05 -38.23
CA ALA A 451 4.77 37.32 -37.64
C ALA A 451 4.27 36.00 -37.04
N LEU A 452 3.93 36.04 -35.77
CA LEU A 452 3.55 34.82 -35.02
C LEU A 452 2.04 34.75 -34.80
N SER A 453 1.40 33.92 -35.60
CA SER A 453 -0.06 33.91 -35.76
C SER A 453 -0.64 32.72 -34.97
N LYS A 454 -1.76 32.98 -34.35
CA LYS A 454 -2.25 32.04 -33.38
C LYS A 454 -3.12 30.93 -33.93
N PHE A 455 -3.72 31.08 -35.10
CA PHE A 455 -4.55 29.96 -35.64
C PHE A 455 -3.98 29.57 -36.97
N SER A 456 -3.56 28.34 -37.11
CA SER A 456 -3.02 27.91 -38.35
C SER A 456 -4.00 27.23 -39.29
N LYS A 457 -5.17 26.76 -38.77
CA LYS A 457 -6.26 26.28 -39.63
C LYS A 457 -5.75 25.28 -40.62
N ASP A 458 -5.79 25.59 -41.91
CA ASP A 458 -5.45 24.67 -42.97
C ASP A 458 -4.04 24.88 -43.55
N ARG A 459 -3.17 25.58 -42.82
CA ARG A 459 -1.83 25.89 -43.43
C ARG A 459 -0.86 24.74 -43.39
N PHE A 460 -1.15 23.73 -42.60
CA PHE A 460 -0.33 22.52 -42.43
C PHE A 460 -1.22 21.25 -42.46
N LEU A 461 -0.61 20.11 -42.63
CA LEU A 461 -1.33 18.84 -42.54
C LEU A 461 -2.09 18.76 -41.20
N PRO A 462 -3.30 18.22 -41.23
CA PRO A 462 -4.05 18.11 -40.00
C PRO A 462 -3.35 17.17 -39.01
N VAL A 463 -3.36 17.55 -37.74
CA VAL A 463 -2.77 16.74 -36.70
C VAL A 463 -3.64 16.58 -35.48
N GLY A 464 -4.94 16.66 -35.67
CA GLY A 464 -5.83 16.44 -34.50
C GLY A 464 -6.38 17.79 -34.03
N PRO A 465 -7.13 17.75 -32.94
CA PRO A 465 -7.83 18.95 -32.46
C PRO A 465 -6.88 20.06 -32.07
N LEU A 466 -5.67 19.71 -31.61
CA LEU A 466 -4.70 20.72 -31.28
C LEU A 466 -3.89 21.08 -32.50
N HIS A 467 -3.80 22.35 -32.83
CA HIS A 467 -3.08 22.82 -34.03
C HIS A 467 -1.77 23.48 -33.64
N PRO A 468 -0.79 23.52 -34.57
CA PRO A 468 0.37 24.37 -34.37
C PRO A 468 0.08 25.86 -34.56
N GLU A 469 0.96 26.71 -34.02
CA GLU A 469 0.98 28.13 -34.33
CA GLU A 469 1.00 28.15 -34.29
C GLU A 469 1.67 28.27 -35.69
N ASN A 470 1.45 29.37 -36.35
CA ASN A 470 2.03 29.60 -37.66
C ASN A 470 2.92 30.80 -37.54
N ASP A 471 4.23 30.61 -37.56
CA ASP A 471 5.17 31.71 -37.50
C ASP A 471 5.67 31.93 -38.93
N GLN A 472 5.30 33.06 -39.47
CA GLN A 472 5.51 33.27 -40.91
C GLN A 472 6.71 34.24 -41.12
N LEU A 473 7.64 33.82 -41.93
CA LEU A 473 8.79 34.60 -42.31
C LEU A 473 8.42 35.47 -43.52
N ILE A 474 8.71 36.77 -43.36
CA ILE A 474 8.39 37.78 -44.35
C ILE A 474 9.67 38.55 -44.69
N ASP A 475 9.96 38.65 -45.98
CA ASP A 475 11.12 39.45 -46.46
C ASP A 475 10.70 40.89 -46.48
N ILE A 476 11.39 41.73 -45.71
CA ILE A 476 11.07 43.15 -45.64
C ILE A 476 12.23 44.02 -46.20
N SER A 477 13.18 43.39 -46.86
CA SER A 477 14.36 44.07 -47.35
C SER A 477 14.07 45.11 -48.44
N GLY A 478 12.92 44.99 -49.08
CA GLY A 478 12.53 45.95 -50.15
C GLY A 478 11.27 46.70 -49.79
N ASP A 479 10.69 47.37 -50.79
CA ASP A 479 9.54 48.20 -50.54
C ASP A 479 8.31 47.41 -50.26
N GLU A 480 8.22 46.22 -50.80
CA GLU A 480 7.02 45.38 -50.65
C GLU A 480 7.37 44.19 -49.72
N MET A 481 6.62 44.06 -48.63
CA MET A 481 6.67 42.81 -47.79
C MET A 481 6.29 41.63 -48.62
N LYS A 482 7.06 40.56 -48.52
CA LYS A 482 6.74 39.30 -49.23
C LYS A 482 6.76 38.12 -48.27
N LEU A 483 5.68 37.39 -48.23
CA LEU A 483 5.56 36.17 -47.39
C LEU A 483 6.35 35.04 -48.02
N VAL A 484 7.34 34.51 -47.33
CA VAL A 484 8.15 33.45 -47.89
C VAL A 484 8.14 32.07 -47.23
N HIS A 485 7.76 31.98 -45.95
CA HIS A 485 7.79 30.69 -45.25
C HIS A 485 6.79 30.60 -44.14
N ASP A 486 6.09 29.46 -44.07
CA ASP A 486 5.16 29.16 -42.99
C ASP A 486 5.87 28.18 -42.06
N GLY A 487 6.10 28.57 -40.81
CA GLY A 487 6.80 27.75 -39.83
C GLY A 487 5.89 27.31 -38.73
N PRO A 488 5.52 26.06 -38.73
CA PRO A 488 4.63 25.57 -37.60
C PRO A 488 5.39 25.44 -36.33
N THR A 489 4.82 25.89 -35.21
CA THR A 489 5.51 25.76 -33.96
C THR A 489 4.54 25.25 -32.85
N PHE A 490 5.11 24.60 -31.86
CA PHE A 490 4.31 23.96 -30.81
C PHE A 490 4.06 24.92 -29.69
N ALA A 491 2.86 24.88 -29.08
CA ALA A 491 2.68 25.60 -27.81
C ALA A 491 2.82 27.11 -27.77
N GLU A 492 2.58 27.74 -28.88
CA GLU A 492 2.40 29.12 -28.83
C GLU A 492 3.60 29.88 -28.34
N PRO A 493 4.68 29.87 -29.10
CA PRO A 493 5.72 30.86 -28.88
C PRO A 493 5.06 32.23 -28.93
N HIS A 494 5.30 33.08 -28.09
CA HIS A 494 4.44 34.28 -28.42
C HIS A 494 5.31 35.20 -29.28
N ASP A 495 6.55 35.37 -28.87
CA ASP A 495 7.42 36.33 -29.45
C ASP A 495 8.75 35.61 -29.65
N CYS A 496 9.57 36.21 -30.44
CA CYS A 496 10.93 35.70 -30.68
C CYS A 496 11.88 36.86 -30.84
N ILE A 497 13.17 36.53 -30.95
CA ILE A 497 14.17 37.58 -31.11
C ILE A 497 15.27 37.03 -32.03
N MET A 498 15.73 37.79 -33.00
CA MET A 498 16.80 37.37 -33.87
C MET A 498 18.16 38.09 -33.60
N ALA A 499 19.25 37.42 -33.87
CA ALA A 499 20.58 38.05 -33.73
C ALA A 499 21.42 37.58 -34.91
N ARG A 500 22.33 38.43 -35.38
CA ARG A 500 23.28 38.01 -36.40
C ARG A 500 24.12 36.86 -35.85
N ARG A 501 24.46 35.95 -36.74
CA ARG A 501 25.48 34.95 -36.47
C ARG A 501 26.67 35.51 -35.70
N ASP A 502 27.21 36.64 -36.14
CA ASP A 502 28.41 37.21 -35.49
C ASP A 502 28.17 37.90 -34.16
N GLN A 503 26.92 37.96 -33.69
CA GLN A 503 26.61 38.49 -32.36
C GLN A 503 26.60 37.42 -31.27
N ILE A 504 26.65 36.17 -31.66
CA ILE A 504 26.58 35.01 -30.73
C ILE A 504 27.87 34.21 -30.82
N LYS A 505 28.50 34.00 -29.68
CA LYS A 505 29.75 33.23 -29.59
C LYS A 505 29.54 32.15 -28.52
N THR A 506 29.61 30.89 -28.89
CA THR A 506 29.37 29.80 -28.01
C THR A 506 30.62 28.94 -27.73
N LYS A 507 30.60 28.22 -26.62
CA LYS A 507 31.67 27.36 -26.25
C LYS A 507 31.52 26.00 -26.95
N LYS A 508 32.64 25.39 -27.30
CA LYS A 508 32.62 24.11 -27.97
C LYS A 508 32.58 22.99 -26.98
N ILE A 509 33.26 23.16 -25.86
CA ILE A 509 33.22 22.21 -24.76
C ILE A 509 33.19 23.01 -23.46
N TRP A 510 32.85 22.37 -22.37
CA TRP A 510 32.70 23.11 -21.11
C TRP A 510 34.08 23.46 -20.50
N ASP A 511 34.11 24.57 -19.74
CA ASP A 511 35.19 24.94 -18.86
C ASP A 511 35.04 24.21 -17.55
N ARG A 512 36.15 23.63 -17.02
CA ARG A 512 36.05 22.89 -15.77
C ARG A 512 35.69 23.78 -14.58
N ASN A 513 35.89 25.09 -14.76
CA ASN A 513 35.58 26.08 -13.74
C ASN A 513 34.18 26.70 -13.85
N ASP A 514 33.37 26.21 -14.76
CA ASP A 514 32.08 26.86 -15.01
C ASP A 514 31.22 26.95 -13.78
N PRO A 515 30.65 28.12 -13.54
CA PRO A 515 29.75 28.29 -12.36
C PRO A 515 28.53 27.37 -12.36
N PHE A 516 28.09 26.90 -13.51
CA PHE A 516 26.92 26.02 -13.59
C PHE A 516 27.03 24.84 -12.68
N PHE A 517 28.22 24.26 -12.58
CA PHE A 517 28.40 23.09 -11.73
C PHE A 517 29.42 23.33 -10.57
N ALA A 518 29.64 24.58 -10.26
CA ALA A 518 30.54 24.95 -9.19
C ALA A 518 30.15 24.37 -7.82
N PRO A 519 28.88 24.39 -7.49
CA PRO A 519 28.52 23.71 -6.21
C PRO A 519 28.87 22.25 -6.15
N THR A 520 28.76 21.56 -7.29
CA THR A 520 29.11 20.14 -7.36
C THR A 520 30.63 19.97 -7.12
N VAL A 521 31.40 20.88 -7.71
CA VAL A 521 32.82 20.86 -7.56
C VAL A 521 33.22 21.07 -6.07
N GLU A 522 32.44 21.91 -5.39
CA GLU A 522 32.65 22.15 -3.96
C GLU A 522 32.32 20.93 -3.10
N MET A 523 31.22 20.27 -3.41
CA MET A 523 30.84 19.00 -2.78
C MET A 523 31.93 17.95 -2.96
N ALA A 524 32.48 17.85 -4.16
CA ALA A 524 33.54 16.90 -4.43
C ALA A 524 34.77 17.18 -3.56
N LYS A 525 35.13 18.44 -3.47
CA LYS A 525 36.29 18.86 -2.70
C LYS A 525 36.13 18.43 -1.24
N LYS A 526 34.95 18.63 -0.70
CA LYS A 526 34.66 18.25 0.67
C LYS A 526 34.82 16.72 0.88
N ASP A 527 34.60 15.93 -0.18
CA ASP A 527 34.79 14.51 -0.13
C ASP A 527 36.20 14.05 -0.50
N GLY A 528 37.08 15.01 -0.79
CA GLY A 528 38.43 14.63 -1.17
C GLY A 528 38.57 14.18 -2.61
N ILE A 529 37.60 14.51 -3.46
CA ILE A 529 37.54 13.96 -4.80
C ILE A 529 38.12 14.90 -5.85
N ASN A 530 38.95 14.36 -6.71
CA ASN A 530 39.41 15.07 -7.91
C ASN A 530 38.52 14.58 -9.05
N LEU A 531 37.61 15.42 -9.49
CA LEU A 531 36.58 15.02 -10.46
C LEU A 531 37.11 14.63 -11.79
N ASP A 532 38.26 15.21 -12.18
CA ASP A 532 38.88 14.85 -13.48
C ASP A 532 39.46 13.46 -13.51
N THR A 533 39.67 12.81 -12.32
CA THR A 533 40.31 11.51 -12.28
C THR A 533 39.61 10.40 -11.52
N ASP A 534 38.80 10.72 -10.52
CA ASP A 534 38.47 9.71 -9.51
C ASP A 534 37.24 8.92 -9.85
N ASN A 535 37.25 7.67 -9.44
CA ASN A 535 36.18 6.76 -9.61
C ASN A 535 36.04 6.09 -8.26
N LYS A 536 35.13 6.61 -7.45
CA LYS A 536 35.06 6.29 -6.01
C LYS A 536 33.65 6.35 -5.48
N VAL A 537 33.35 5.60 -4.46
CA VAL A 537 32.03 5.61 -3.79
C VAL A 537 32.27 6.05 -2.35
N ILE A 538 31.69 7.14 -1.97
CA ILE A 538 31.79 7.69 -0.64
C ILE A 538 30.53 7.28 0.13
N ARG A 539 30.71 6.77 1.34
CA ARG A 539 29.59 6.38 2.20
C ARG A 539 29.45 7.41 3.31
N ASP A 540 28.23 7.85 3.57
CA ASP A 540 27.97 8.87 4.61
C ASP A 540 26.61 8.64 5.32
N GLY A 541 26.57 7.70 6.25
CA GLY A 541 25.32 7.27 6.86
C GLY A 541 24.48 6.53 5.85
N ASN A 542 23.25 6.95 5.64
CA ASN A 542 22.40 6.36 4.60
C ASN A 542 22.51 7.11 3.25
N LYS A 543 23.52 7.94 3.13
CA LYS A 543 23.84 8.62 1.85
C LYS A 543 25.02 7.96 1.20
N VAL A 544 24.96 7.79 -0.12
CA VAL A 544 26.04 7.24 -0.85
C VAL A 544 26.31 8.28 -1.99
N ARG A 545 27.53 8.62 -2.19
CA ARG A 545 27.95 9.60 -3.24
C ARG A 545 28.93 8.91 -4.17
N VAL A 546 28.44 8.58 -5.37
CA VAL A 546 29.23 7.89 -6.35
C VAL A 546 29.85 8.97 -7.21
N TYR A 547 31.17 8.91 -7.39
CA TYR A 547 31.84 9.82 -8.34
C TYR A 547 32.52 9.02 -9.42
N MET A 548 32.36 9.45 -10.67
CA MET A 548 32.99 8.77 -11.75
C MET A 548 33.34 9.70 -12.88
N THR A 549 34.35 9.29 -13.63
CA THR A 549 34.67 9.86 -14.93
C THR A 549 33.94 9.00 -15.93
N SER A 550 33.70 9.57 -17.10
CA SER A 550 33.20 8.80 -18.21
C SER A 550 34.03 9.15 -19.48
N MET A 551 34.24 8.15 -20.30
CA MET A 551 34.99 8.32 -21.52
C MET A 551 34.54 7.22 -22.44
N ALA A 552 34.04 7.59 -23.62
CA ALA A 552 33.31 6.65 -24.44
C ALA A 552 34.23 5.48 -24.76
N PRO A 553 33.76 4.25 -24.68
CA PRO A 553 32.41 3.82 -24.38
C PRO A 553 32.22 3.23 -22.96
N ALA A 554 32.83 3.81 -21.93
CA ALA A 554 32.83 3.21 -20.61
C ALA A 554 32.57 4.21 -19.49
N PHE A 555 31.65 3.82 -18.61
CA PHE A 555 31.56 4.55 -17.33
C PHE A 555 32.77 4.13 -16.50
N GLY A 556 33.30 5.07 -15.70
CA GLY A 556 34.48 4.77 -14.85
C GLY A 556 34.13 3.96 -13.64
N VAL A 557 32.89 3.99 -13.19
CA VAL A 557 32.39 3.08 -12.19
C VAL A 557 31.29 2.24 -12.86
N GLN A 558 31.51 0.94 -12.99
CA GLN A 558 30.58 0.08 -13.65
C GLN A 558 29.74 -0.78 -12.76
N GLU A 559 30.03 -0.74 -11.48
CA GLU A 559 29.16 -1.42 -10.51
C GLU A 559 29.36 -0.75 -9.16
N PHE A 560 28.28 -0.64 -8.41
CA PHE A 560 28.35 -0.25 -7.00
C PHE A 560 27.21 -0.86 -6.24
N THR A 561 27.37 -0.95 -4.94
CA THR A 561 26.44 -1.62 -4.10
C THR A 561 26.00 -0.65 -3.00
N VAL A 562 24.71 -0.64 -2.72
CA VAL A 562 24.13 0.16 -1.62
C VAL A 562 23.05 -0.60 -0.89
N LYS A 563 22.55 -0.06 0.17
CA LYS A 563 21.45 -0.67 0.93
C LYS A 563 20.10 -0.07 0.56
N GLN A 564 19.07 -0.87 0.59
CA GLN A 564 17.72 -0.43 0.28
C GLN A 564 17.39 0.76 1.12
N GLY A 565 16.86 1.81 0.52
CA GLY A 565 16.60 3.04 1.23
C GLY A 565 17.66 4.13 1.24
N ASP A 566 18.85 3.81 0.79
CA ASP A 566 19.96 4.76 0.76
C ASP A 566 19.60 5.86 -0.28
N GLU A 567 20.04 7.04 0.02
CA GLU A 567 19.92 8.20 -0.87
C GLU A 567 21.25 8.28 -1.67
N VAL A 568 21.15 7.94 -2.95
CA VAL A 568 22.29 7.80 -3.83
C VAL A 568 22.43 9.08 -4.68
N THR A 569 23.60 9.65 -4.65
CA THR A 569 23.94 10.76 -5.57
C THR A 569 25.01 10.22 -6.54
N VAL A 570 24.78 10.35 -7.85
CA VAL A 570 25.76 9.91 -8.84
C VAL A 570 26.25 11.20 -9.51
N THR A 571 27.56 11.41 -9.50
CA THR A 571 28.19 12.58 -10.07
C THR A 571 29.15 12.09 -11.17
N ILE A 572 28.99 12.57 -12.41
CA ILE A 572 29.66 12.08 -13.55
C ILE A 572 30.38 13.24 -14.22
N THR A 573 31.67 13.05 -14.53
CA THR A 573 32.46 14.04 -15.26
C THR A 573 32.88 13.41 -16.56
N ASN A 574 32.46 14.00 -17.66
CA ASN A 574 32.77 13.49 -18.99
C ASN A 574 34.14 14.05 -19.33
N ILE A 575 35.10 13.15 -19.39
CA ILE A 575 36.48 13.54 -19.63
C ILE A 575 36.91 13.32 -21.08
N ASP A 576 35.97 12.99 -21.97
CA ASP A 576 36.22 13.16 -23.41
C ASP A 576 36.53 14.63 -23.73
N GLN A 577 37.44 14.84 -24.68
CA GLN A 577 37.73 16.21 -25.14
C GLN A 577 37.27 16.48 -26.57
N ILE A 578 36.77 15.49 -27.27
CA ILE A 578 36.28 15.70 -28.64
C ILE A 578 34.94 16.40 -28.57
N GLU A 579 34.77 17.40 -29.42
CA GLU A 579 33.52 18.10 -29.49
C GLU A 579 32.38 17.14 -29.85
N ASP A 580 31.23 17.34 -29.21
CA ASP A 580 29.98 16.69 -29.63
C ASP A 580 29.96 15.26 -29.02
N VAL A 581 30.96 14.82 -28.22
CA VAL A 581 30.82 13.51 -27.60
C VAL A 581 30.15 13.61 -26.24
N SER A 582 28.82 13.73 -26.24
CA SER A 582 28.02 13.71 -25.01
C SER A 582 27.78 12.33 -24.52
N HIS A 583 27.67 12.16 -23.22
CA HIS A 583 27.24 10.94 -22.58
C HIS A 583 25.95 11.25 -21.87
N GLY A 584 25.29 10.17 -21.50
CA GLY A 584 24.12 10.25 -20.63
C GLY A 584 24.21 9.26 -19.51
N PHE A 585 23.19 9.30 -18.66
CA PHE A 585 23.12 8.42 -17.52
C PHE A 585 21.65 8.25 -17.20
N VAL A 586 21.18 7.04 -17.28
CA VAL A 586 19.84 6.63 -16.95
C VAL A 586 19.89 5.47 -16.02
N VAL A 587 19.12 5.50 -14.95
CA VAL A 587 18.99 4.33 -14.08
C VAL A 587 17.60 3.75 -14.41
N VAL A 588 17.61 2.51 -14.87
CA VAL A 588 16.38 1.84 -15.30
C VAL A 588 15.34 1.80 -14.22
N ASN A 589 14.13 2.28 -14.57
CA ASN A 589 12.97 2.12 -13.66
C ASN A 589 13.10 2.91 -12.38
N HIS A 590 13.92 3.94 -12.36
CA HIS A 590 14.02 4.82 -11.20
C HIS A 590 13.76 6.30 -11.52
N GLY A 591 13.31 6.61 -12.72
CA GLY A 591 13.12 7.96 -13.13
C GLY A 591 14.32 8.91 -13.15
N VAL A 592 15.48 8.40 -13.53
CA VAL A 592 16.79 9.06 -13.43
C VAL A 592 17.35 9.20 -14.83
N SER A 593 17.59 10.43 -15.26
CA SER A 593 18.11 10.72 -16.62
C SER A 593 18.87 12.04 -16.60
N MET A 594 20.07 12.04 -17.20
CA MET A 594 20.80 13.33 -17.38
C MET A 594 21.82 13.22 -18.48
N GLU A 595 22.19 14.40 -18.96
CA GLU A 595 23.26 14.61 -19.98
C GLU A 595 24.57 15.00 -19.29
N ILE A 596 25.68 14.60 -19.85
CA ILE A 596 27.01 15.03 -19.45
C ILE A 596 27.80 15.25 -20.73
N SER A 597 27.94 16.50 -21.08
CA SER A 597 28.67 16.93 -22.29
C SER A 597 30.16 17.00 -22.00
N PRO A 598 31.00 17.15 -23.07
CA PRO A 598 32.43 17.11 -22.83
C PRO A 598 32.91 18.16 -21.81
N GLN A 599 33.66 17.68 -20.81
CA GLN A 599 34.21 18.42 -19.69
C GLN A 599 33.19 18.97 -18.71
N GLN A 600 31.92 18.55 -18.84
CA GLN A 600 30.90 18.90 -17.86
C GLN A 600 30.99 17.89 -16.66
N THR A 601 30.64 18.38 -15.49
CA THR A 601 30.24 17.52 -14.37
C THR A 601 28.74 17.70 -14.11
N SER A 602 28.02 16.60 -13.94
CA SER A 602 26.57 16.64 -13.70
C SER A 602 26.31 15.63 -12.57
N SER A 603 25.27 15.86 -11.83
CA SER A 603 24.94 15.02 -10.71
C SER A 603 23.43 14.89 -10.49
N ILE A 604 23.05 13.77 -9.92
CA ILE A 604 21.66 13.46 -9.74
C ILE A 604 21.48 12.61 -8.50
N THR A 605 20.40 12.85 -7.76
CA THR A 605 20.12 12.18 -6.50
C THR A 605 18.79 11.45 -6.55
N PHE A 606 18.78 10.20 -6.08
CA PHE A 606 17.58 9.41 -6.08
C PHE A 606 17.67 8.42 -4.89
N VAL A 607 16.54 7.86 -4.53
CA VAL A 607 16.51 6.87 -3.42
C VAL A 607 16.47 5.47 -4.04
N ALA A 608 17.32 4.60 -3.53
CA ALA A 608 17.40 3.23 -3.99
C ALA A 608 16.36 2.44 -3.23
N ASP A 609 15.12 2.59 -3.61
CA ASP A 609 14.03 1.99 -2.81
C ASP A 609 13.62 0.61 -3.23
N LYS A 610 14.27 0.08 -4.23
CA LYS A 610 14.01 -1.26 -4.74
C LYS A 610 15.21 -2.16 -4.61
N PRO A 611 15.05 -3.29 -3.88
CA PRO A 611 16.19 -4.19 -3.75
C PRO A 611 16.45 -4.86 -5.09
N GLY A 612 17.60 -5.44 -5.23
CA GLY A 612 17.99 -6.18 -6.42
C GLY A 612 19.02 -5.43 -7.29
N LEU A 613 19.22 -5.98 -8.47
CA LEU A 613 20.16 -5.48 -9.45
C LEU A 613 19.41 -4.51 -10.37
N HIS A 614 19.99 -3.33 -10.57
CA HIS A 614 19.36 -2.29 -11.39
C HIS A 614 20.36 -1.72 -12.35
N TRP A 615 20.06 -1.89 -13.62
CA TRP A 615 21.00 -1.45 -14.65
C TRP A 615 20.98 0.07 -14.80
N TYR A 616 22.12 0.62 -15.14
CA TYR A 616 22.21 1.97 -15.67
C TYR A 616 22.92 1.98 -17.01
N TYR A 617 22.60 2.98 -17.85
CA TYR A 617 23.15 3.01 -19.19
C TYR A 617 23.34 4.41 -19.66
N CYS A 618 24.21 4.52 -20.65
CA CYS A 618 24.46 5.79 -21.36
C CYS A 618 23.41 6.06 -22.39
N SER A 619 22.69 7.16 -22.24
CA SER A 619 21.57 7.41 -23.15
C SER A 619 22.00 8.13 -24.44
N TRP A 620 23.19 8.75 -24.48
CA TRP A 620 23.55 9.59 -25.64
C TRP A 620 24.50 8.80 -26.56
N PHE A 621 24.11 8.58 -27.80
CA PHE A 621 24.85 7.67 -28.68
C PHE A 621 26.20 8.34 -28.89
N CYS A 622 27.23 7.69 -28.44
CA CYS A 622 28.54 8.27 -28.18
C CYS A 622 29.72 7.57 -28.89
N HIS A 623 29.49 6.40 -29.49
CA HIS A 623 30.53 5.51 -29.92
C HIS A 623 29.88 4.30 -30.51
N ALA A 624 30.65 3.55 -31.32
CA ALA A 624 30.16 2.30 -31.88
C ALA A 624 29.65 1.31 -30.83
N LEU A 625 30.30 1.36 -29.66
CA LEU A 625 30.01 0.48 -28.56
C LEU A 625 29.07 1.09 -27.49
N HIS A 626 28.29 2.09 -27.91
CA HIS A 626 27.31 2.73 -27.07
C HIS A 626 26.34 1.79 -26.34
N MET A 627 25.82 0.78 -27.01
CA MET A 627 24.84 -0.11 -26.40
C MET A 627 25.47 -0.81 -25.20
N GLU A 628 26.78 -1.02 -25.29
CA GLU A 628 27.54 -1.69 -24.25
C GLU A 628 28.05 -0.74 -23.14
N MET A 629 27.74 0.56 -23.19
CA MET A 629 28.19 1.54 -22.17
C MET A 629 27.13 1.50 -21.04
N VAL A 630 27.32 0.57 -20.13
CA VAL A 630 26.39 0.25 -19.09
C VAL A 630 27.08 -0.02 -17.75
N GLY A 631 26.29 -0.15 -16.71
CA GLY A 631 26.74 -0.48 -15.41
C GLY A 631 25.59 -1.05 -14.59
N ARG A 632 25.92 -1.47 -13.37
CA ARG A 632 24.97 -2.10 -12.48
C ARG A 632 25.00 -1.52 -11.06
N MET A 633 23.83 -1.15 -10.55
CA MET A 633 23.68 -0.80 -9.14
C MET A 633 23.06 -2.01 -8.41
N MET A 634 23.73 -2.47 -7.37
CA MET A 634 23.20 -3.60 -6.57
C MET A 634 22.62 -3.07 -5.24
N VAL A 635 21.36 -3.35 -4.96
CA VAL A 635 20.68 -2.82 -3.77
C VAL A 635 20.37 -4.00 -2.82
N GLU A 636 21.01 -3.95 -1.65
CA GLU A 636 20.84 -5.04 -0.65
C GLU A 636 19.49 -4.86 0.04
N PRO A 637 18.74 -5.92 0.24
CA PRO A 637 17.41 -5.75 0.86
C PRO A 637 17.46 -5.27 2.27
N ALA A 638 16.40 -4.53 2.66
CA ALA A 638 16.28 -3.97 4.04
C ALA A 638 16.15 -5.18 5.02
N GLU B 55 -9.67 2.15 -5.78
CA GLU B 55 -9.32 3.20 -4.74
C GLU B 55 -9.15 2.49 -3.41
N SER B 56 -10.19 1.83 -2.86
CA SER B 56 -9.96 0.92 -1.71
C SER B 56 -9.66 -0.50 -2.23
N LYS B 57 -8.37 -0.93 -2.21
CA LYS B 57 -7.95 -2.15 -2.94
C LYS B 57 -6.78 -2.92 -2.34
N GLN B 58 -6.55 -2.75 -1.08
CA GLN B 58 -5.51 -3.52 -0.34
C GLN B 58 -5.80 -5.02 -0.36
N LYS B 59 -4.77 -5.83 -0.36
CA LYS B 59 -5.01 -7.29 -0.41
C LYS B 59 -5.20 -7.82 1.01
N ILE B 60 -6.08 -8.77 1.19
CA ILE B 60 -6.24 -9.39 2.54
C ILE B 60 -5.57 -10.73 2.71
N HIS B 61 -5.16 -11.38 1.64
CA HIS B 61 -4.64 -12.77 1.75
C HIS B 61 -3.21 -12.77 2.23
N VAL B 62 -2.91 -13.55 3.24
CA VAL B 62 -1.57 -13.74 3.70
C VAL B 62 -1.32 -15.21 3.53
N GLY B 63 -0.56 -15.55 2.52
CA GLY B 63 -0.32 -16.96 2.21
C GLY B 63 0.76 -17.58 3.08
N PRO B 64 0.94 -18.90 2.94
CA PRO B 64 1.96 -19.63 3.66
C PRO B 64 3.31 -19.02 3.47
N GLY B 65 4.01 -18.76 4.56
CA GLY B 65 5.33 -18.17 4.47
C GLY B 65 5.36 -16.66 4.36
N GLU B 66 4.21 -16.01 4.18
CA GLU B 66 4.08 -14.57 4.25
C GLU B 66 3.63 -14.17 5.69
N LEU B 67 3.91 -12.95 6.12
CA LEU B 67 3.54 -12.43 7.39
C LEU B 67 2.51 -11.32 7.33
N ASP B 68 1.73 -11.17 8.40
CA ASP B 68 0.82 -10.07 8.52
C ASP B 68 1.60 -8.72 8.62
N ASP B 69 0.93 -7.63 8.30
CA ASP B 69 1.43 -6.29 8.37
C ASP B 69 1.25 -5.54 9.70
N TYR B 70 0.20 -5.87 10.44
CA TYR B 70 -0.15 -5.24 11.68
C TYR B 70 -0.39 -6.34 12.73
N TYR B 71 -0.14 -6.00 13.99
CA TYR B 71 -0.63 -6.79 15.11
C TYR B 71 -1.98 -6.22 15.48
N GLY B 72 -2.93 -7.07 15.89
CA GLY B 72 -4.23 -6.64 16.44
C GLY B 72 -4.30 -7.21 17.86
N PHE B 73 -4.67 -6.39 18.81
CA PHE B 73 -4.83 -6.85 20.21
C PHE B 73 -6.33 -6.70 20.48
N TRP B 74 -6.98 -7.84 20.62
CA TRP B 74 -8.40 -7.95 20.84
C TRP B 74 -8.66 -8.14 22.29
N SER B 75 -9.65 -7.43 22.80
CA SER B 75 -10.15 -7.74 24.09
C SER B 75 -10.78 -9.17 24.05
N GLY B 76 -10.73 -9.91 25.17
CA GLY B 76 -11.38 -11.21 25.19
C GLY B 76 -12.77 -11.16 25.71
N GLY B 77 -13.27 -9.95 25.93
CA GLY B 77 -14.61 -9.78 26.46
C GLY B 77 -14.84 -10.49 27.79
N HIS B 78 -15.98 -11.15 27.89
CA HIS B 78 -16.43 -11.86 29.06
C HIS B 78 -15.60 -13.08 29.37
N GLN B 79 -14.72 -13.49 28.43
CA GLN B 79 -13.86 -14.63 28.66
C GLN B 79 -12.62 -14.26 29.41
N GLY B 80 -12.22 -12.97 29.38
CA GLY B 80 -11.24 -12.48 30.28
C GLY B 80 -9.80 -12.35 29.84
N GLU B 81 -9.45 -12.85 28.65
CA GLU B 81 -8.08 -12.84 28.14
C GLU B 81 -7.87 -11.68 27.14
N VAL B 82 -6.66 -11.51 26.63
CA VAL B 82 -6.38 -10.64 25.49
C VAL B 82 -5.91 -11.60 24.36
N ARG B 83 -6.30 -11.35 23.12
CA ARG B 83 -5.94 -12.17 21.99
C ARG B 83 -5.06 -11.33 21.02
N VAL B 84 -4.05 -11.96 20.47
CA VAL B 84 -3.14 -11.30 19.53
C VAL B 84 -3.51 -11.87 18.19
N LEU B 85 -3.91 -10.97 17.27
CA LEU B 85 -4.19 -11.32 15.90
C LEU B 85 -3.17 -10.76 14.94
N GLY B 86 -3.04 -11.39 13.78
CA GLY B 86 -2.32 -10.74 12.66
C GLY B 86 -3.39 -10.08 11.79
N VAL B 87 -3.07 -8.90 11.28
CA VAL B 87 -3.94 -8.18 10.37
C VAL B 87 -3.13 -7.94 9.07
N PRO B 88 -3.68 -8.18 7.88
CA PRO B 88 -5.11 -8.38 7.63
C PRO B 88 -5.65 -9.85 7.57
N SER B 89 -4.88 -10.85 7.91
CA SER B 89 -5.41 -12.21 7.83
C SER B 89 -6.54 -12.45 8.85
N MET B 90 -6.43 -11.73 9.95
CA MET B 90 -7.36 -11.86 11.10
C MET B 90 -7.22 -13.18 11.83
N ARG B 91 -6.09 -13.85 11.68
CA ARG B 91 -5.87 -15.10 12.39
C ARG B 91 -5.36 -14.81 13.82
N GLU B 92 -5.75 -15.65 14.77
CA GLU B 92 -5.31 -15.47 16.13
C GLU B 92 -3.93 -16.14 16.33
N LEU B 93 -2.94 -15.36 16.63
CA LEU B 93 -1.58 -15.83 16.87
C LEU B 93 -1.28 -16.26 18.26
N MET B 94 -1.96 -15.66 19.24
CA MET B 94 -1.69 -15.97 20.63
C MET B 94 -2.83 -15.54 21.52
N ARG B 95 -2.94 -16.24 22.63
CA ARG B 95 -3.90 -15.80 23.68
C ARG B 95 -3.05 -15.50 24.92
N ILE B 96 -3.30 -14.34 25.50
CA ILE B 96 -2.58 -13.88 26.68
C ILE B 96 -3.59 -13.93 27.83
N PRO B 97 -3.41 -14.85 28.76
CA PRO B 97 -4.30 -14.91 29.90
C PRO B 97 -4.15 -13.67 30.82
N VAL B 98 -5.28 -13.16 31.32
CA VAL B 98 -5.32 -11.97 32.17
C VAL B 98 -6.19 -12.22 33.38
N PHE B 99 -7.49 -12.27 33.20
CA PHE B 99 -8.40 -12.46 34.27
C PHE B 99 -8.97 -13.87 34.30
N ASN B 100 -8.78 -14.60 33.24
CA ASN B 100 -9.13 -15.99 33.14
C ASN B 100 -8.11 -16.91 33.76
N VAL B 101 -8.48 -18.14 34.05
CA VAL B 101 -7.54 -19.11 34.46
C VAL B 101 -7.24 -19.97 33.21
N ASP B 102 -5.98 -20.03 32.79
CA ASP B 102 -5.57 -20.76 31.60
C ASP B 102 -4.89 -22.07 31.97
N SER B 103 -5.57 -23.16 31.62
CA SER B 103 -5.04 -24.49 31.84
C SER B 103 -3.66 -24.73 31.15
N ALA B 104 -3.47 -24.12 30.01
CA ALA B 104 -2.31 -24.40 29.19
C ALA B 104 -1.04 -23.88 29.83
N THR B 105 -0.99 -22.59 30.12
CA THR B 105 0.22 -21.97 30.65
C THR B 105 0.21 -22.02 32.18
N GLY B 106 -0.92 -22.39 32.80
CA GLY B 106 -1.04 -22.32 34.24
C GLY B 106 -1.33 -20.97 34.84
N TRP B 107 -1.60 -19.94 34.01
CA TRP B 107 -2.00 -18.62 34.53
C TRP B 107 -3.24 -18.74 35.43
N GLY B 108 -3.10 -18.31 36.69
CA GLY B 108 -4.13 -18.54 37.68
C GLY B 108 -3.82 -19.67 38.62
N LEU B 109 -2.91 -20.59 38.22
CA LEU B 109 -2.46 -21.73 39.02
C LEU B 109 -1.06 -21.57 39.52
N THR B 110 -0.17 -21.05 38.67
CA THR B 110 1.22 -20.85 39.04
C THR B 110 1.40 -19.82 40.15
N ASN B 111 2.50 -19.94 40.86
CA ASN B 111 2.83 -18.93 41.88
C ASN B 111 3.17 -17.58 41.27
N GLU B 112 3.78 -17.56 40.10
CA GLU B 112 4.16 -16.26 39.48
C GLU B 112 2.86 -15.50 39.10
N SER B 113 1.88 -16.17 38.54
CA SER B 113 0.62 -15.52 38.09
C SER B 113 -0.18 -15.13 39.32
N ARG B 114 -0.28 -15.99 40.32
CA ARG B 114 -1.10 -15.66 41.45
C ARG B 114 -0.47 -14.50 42.26
N HIS B 115 0.85 -14.41 42.26
CA HIS B 115 1.57 -13.26 42.86
C HIS B 115 1.16 -11.95 42.14
N ILE B 116 1.12 -11.98 40.83
CA ILE B 116 0.70 -10.78 40.02
C ILE B 116 -0.72 -10.40 40.32
N MET B 117 -1.60 -11.39 40.36
CA MET B 117 -3.04 -11.17 40.58
C MET B 117 -3.34 -10.80 42.04
N GLY B 118 -2.44 -11.10 42.98
CA GLY B 118 -2.71 -10.73 44.37
C GLY B 118 -3.90 -11.49 44.91
N ASP B 119 -4.63 -10.88 45.80
CA ASP B 119 -5.78 -11.51 46.41
C ASP B 119 -6.85 -11.81 45.36
N SER B 120 -6.91 -11.04 44.26
CA SER B 120 -7.86 -11.29 43.19
C SER B 120 -7.64 -12.58 42.40
N ALA B 121 -6.52 -13.31 42.68
CA ALA B 121 -6.33 -14.68 42.19
C ALA B 121 -7.50 -15.61 42.59
N LYS B 122 -8.29 -15.23 43.61
CA LYS B 122 -9.42 -16.07 43.99
C LYS B 122 -10.57 -16.03 42.95
N PHE B 123 -10.56 -15.05 42.05
CA PHE B 123 -11.55 -14.95 41.01
C PHE B 123 -11.12 -15.67 39.75
N LEU B 124 -12.07 -16.41 39.17
CA LEU B 124 -11.84 -17.12 37.97
C LEU B 124 -12.39 -16.49 36.72
N ASN B 125 -12.81 -15.24 36.83
CA ASN B 125 -13.44 -14.51 35.76
C ASN B 125 -12.98 -13.11 35.64
N GLY B 126 -13.25 -12.56 34.47
CA GLY B 126 -13.07 -11.12 34.20
C GLY B 126 -14.00 -10.75 33.08
N ASP B 127 -14.07 -9.46 32.84
CA ASP B 127 -14.90 -8.95 31.74
C ASP B 127 -14.13 -7.78 31.16
N CYS B 128 -13.53 -8.01 30.00
CA CYS B 128 -12.61 -7.08 29.36
C CYS B 128 -13.26 -6.40 28.16
N HIS B 129 -12.93 -5.13 27.98
CA HIS B 129 -13.59 -4.35 26.95
C HIS B 129 -12.60 -3.56 26.10
N HIS B 130 -11.61 -2.97 26.75
CA HIS B 130 -10.92 -1.75 26.22
C HIS B 130 -9.38 -1.91 26.30
N PRO B 131 -8.76 -2.55 25.30
CA PRO B 131 -7.31 -2.67 25.23
C PRO B 131 -6.64 -1.46 24.60
N HIS B 132 -5.57 -0.97 25.22
CA HIS B 132 -4.83 0.22 24.78
C HIS B 132 -3.34 0.10 24.95
N ILE B 133 -2.60 0.61 23.97
CA ILE B 133 -1.13 0.56 23.96
C ILE B 133 -0.50 1.87 24.41
N SER B 134 0.57 1.79 25.20
CA SER B 134 1.22 2.94 25.78
C SER B 134 1.82 3.81 24.63
N MET B 135 1.86 5.09 24.88
CA MET B 135 2.29 6.09 23.91
C MET B 135 3.39 7.03 24.46
N THR B 136 4.16 7.55 23.53
CA THR B 136 5.17 8.58 23.80
C THR B 136 4.95 9.67 22.71
N ASP B 137 4.68 10.86 23.17
CA ASP B 137 4.41 11.98 22.27
C ASP B 137 3.30 11.70 21.24
N GLY B 138 2.22 11.09 21.71
CA GLY B 138 1.07 10.83 20.87
C GLY B 138 1.21 9.75 19.82
N LYS B 139 2.20 8.88 19.97
CA LYS B 139 2.47 7.75 19.06
C LYS B 139 2.68 6.48 19.89
N TYR B 140 2.35 5.32 19.35
CA TYR B 140 2.51 4.06 20.14
C TYR B 140 4.00 3.85 20.39
N ASP B 141 4.34 3.44 21.59
CA ASP B 141 5.68 3.06 21.89
C ASP B 141 5.87 1.58 22.08
N GLY B 142 4.80 0.82 22.02
CA GLY B 142 4.88 -0.61 22.05
C GLY B 142 5.32 -1.24 23.39
N LYS B 143 5.33 -0.48 24.51
CA LYS B 143 5.89 -1.07 25.67
C LYS B 143 4.83 -1.94 26.41
N TYR B 144 3.66 -1.34 26.60
CA TYR B 144 2.59 -1.94 27.41
C TYR B 144 1.25 -1.91 26.70
N LEU B 145 0.42 -2.89 27.05
CA LEU B 145 -1.00 -2.87 26.75
C LEU B 145 -1.75 -2.91 28.08
N PHE B 146 -2.76 -2.06 28.19
CA PHE B 146 -3.60 -2.01 29.36
C PHE B 146 -5.00 -2.43 29.01
N ILE B 147 -5.69 -3.10 29.95
CA ILE B 147 -7.08 -3.49 29.80
C ILE B 147 -7.88 -3.48 31.11
N ASN B 148 -9.15 -3.23 31.00
CA ASN B 148 -10.09 -3.22 32.12
C ASN B 148 -10.61 -4.61 32.44
N ASP B 149 -11.14 -4.71 33.64
CA ASP B 149 -11.98 -5.76 34.10
C ASP B 149 -13.22 -5.17 34.78
N LYS B 150 -14.33 -5.23 34.08
CA LYS B 150 -15.60 -4.75 34.66
C LYS B 150 -16.16 -5.62 35.76
N ALA B 151 -15.93 -6.91 35.74
CA ALA B 151 -16.53 -7.85 36.68
C ALA B 151 -15.95 -7.72 38.08
N ASN B 152 -14.62 -7.68 38.22
CA ASN B 152 -13.97 -7.58 39.52
C ASN B 152 -13.08 -6.32 39.71
N SER B 153 -13.38 -5.28 38.96
CA SER B 153 -12.93 -3.93 39.17
C SER B 153 -11.40 -3.82 39.17
N ARG B 154 -10.79 -4.27 38.07
CA ARG B 154 -9.37 -4.30 37.94
C ARG B 154 -8.88 -3.66 36.66
N VAL B 155 -7.61 -3.33 36.69
CA VAL B 155 -6.83 -2.91 35.55
C VAL B 155 -5.62 -3.84 35.51
N ALA B 156 -5.32 -4.34 34.30
CA ALA B 156 -4.15 -5.15 34.13
C ALA B 156 -3.23 -4.53 33.07
N ARG B 157 -1.97 -4.82 33.26
CA ARG B 157 -0.92 -4.42 32.32
C ARG B 157 -0.33 -5.68 31.70
N ILE B 158 -0.14 -5.61 30.40
CA ILE B 158 0.59 -6.60 29.63
C ILE B 158 1.90 -6.02 29.09
N ARG B 159 3.00 -6.72 29.32
CA ARG B 159 4.28 -6.37 28.71
C ARG B 159 4.33 -6.94 27.32
N LEU B 160 4.40 -6.06 26.32
CA LEU B 160 4.36 -6.50 24.98
C LEU B 160 5.65 -7.21 24.52
N ASP B 161 6.78 -7.08 25.23
CA ASP B 161 7.98 -7.83 24.87
C ASP B 161 7.84 -9.33 25.07
N ILE B 162 7.15 -9.74 26.10
CA ILE B 162 6.97 -11.15 26.48
C ILE B 162 5.51 -11.65 26.25
N MET B 163 4.60 -10.76 25.92
CA MET B 163 3.15 -11.05 25.71
C MET B 163 2.55 -11.77 26.89
N LYS B 164 2.76 -11.18 28.09
CA LYS B 164 2.20 -11.71 29.28
C LYS B 164 1.71 -10.53 30.12
N CYS B 165 0.69 -10.79 30.90
CA CYS B 165 0.26 -9.87 31.97
C CYS B 165 1.36 -9.84 33.06
N ASP B 166 1.85 -8.70 33.39
CA ASP B 166 2.91 -8.58 34.39
C ASP B 166 2.55 -7.79 35.66
N LYS B 167 1.40 -7.12 35.64
CA LYS B 167 0.91 -6.33 36.81
C LYS B 167 -0.62 -6.31 36.71
N MET B 168 -1.23 -6.23 37.88
CA MET B 168 -2.65 -6.08 37.96
C MET B 168 -2.98 -5.34 39.25
N ILE B 169 -4.00 -4.53 39.22
CA ILE B 169 -4.48 -3.75 40.35
C ILE B 169 -5.97 -3.86 40.48
N THR B 170 -6.43 -4.07 41.71
CA THR B 170 -7.87 -3.93 42.05
C THR B 170 -8.05 -2.45 42.44
N VAL B 171 -8.83 -1.72 41.70
CA VAL B 171 -9.05 -0.30 41.96
C VAL B 171 -9.89 -0.18 43.26
N PRO B 172 -9.37 0.58 44.22
CA PRO B 172 -10.07 0.59 45.49
C PRO B 172 -11.34 1.44 45.56
N ASN B 173 -12.30 1.01 46.41
CA ASN B 173 -13.43 1.83 46.74
C ASN B 173 -14.36 2.16 45.54
N VAL B 174 -14.38 1.26 44.58
CA VAL B 174 -15.21 1.36 43.43
C VAL B 174 -15.83 0.02 43.02
N GLN B 175 -16.82 0.09 42.12
CA GLN B 175 -17.36 -1.10 41.48
C GLN B 175 -17.46 -0.85 39.98
N ALA B 176 -16.86 -1.80 39.26
CA ALA B 176 -16.93 -2.04 37.80
C ALA B 176 -16.06 -1.08 36.98
N ILE B 177 -14.87 -1.52 36.62
CA ILE B 177 -13.97 -0.73 35.80
C ILE B 177 -14.37 -0.98 34.33
N HIS B 178 -14.88 0.05 33.66
CA HIS B 178 -15.37 -0.07 32.30
C HIS B 178 -14.52 0.69 31.34
N GLY B 179 -14.84 1.96 31.13
CA GLY B 179 -14.05 2.77 30.22
C GLY B 179 -12.60 2.85 30.73
N LEU B 180 -11.69 2.84 29.81
CA LEU B 180 -10.26 2.88 30.08
C LEU B 180 -9.58 3.46 28.84
N ARG B 181 -8.68 4.41 29.04
CA ARG B 181 -7.79 4.87 27.99
C ARG B 181 -6.55 5.49 28.58
N LEU B 182 -5.58 5.78 27.72
CA LEU B 182 -4.24 6.15 28.20
C LEU B 182 -3.95 7.63 27.91
N GLN B 183 -3.21 8.25 28.80
CA GLN B 183 -2.59 9.53 28.52
C GLN B 183 -1.73 9.39 27.27
N LYS B 184 -1.85 10.39 26.39
CA LYS B 184 -1.10 10.34 25.12
C LYS B 184 0.24 11.20 25.13
N VAL B 185 0.22 12.29 25.86
CA VAL B 185 1.25 13.37 25.79
C VAL B 185 1.49 13.88 27.19
N PRO B 186 2.74 14.06 27.61
CA PRO B 186 3.95 13.76 26.79
C PRO B 186 4.23 12.28 26.59
N HIS B 187 3.64 11.45 27.47
CA HIS B 187 3.67 10.02 27.30
C HIS B 187 2.57 9.43 28.21
N THR B 188 2.46 8.11 28.21
CA THR B 188 1.50 7.46 29.07
C THR B 188 2.03 7.40 30.49
N LYS B 189 1.89 8.48 31.25
CA LYS B 189 2.17 8.45 32.63
C LYS B 189 1.03 7.80 33.41
N TYR B 190 -0.17 8.17 33.04
CA TYR B 190 -1.40 7.68 33.67
C TYR B 190 -2.23 6.80 32.71
N VAL B 191 -2.82 5.80 33.32
CA VAL B 191 -3.95 5.06 32.79
C VAL B 191 -5.18 5.64 33.44
N PHE B 192 -6.17 6.06 32.61
CA PHE B 192 -7.40 6.60 33.12
C PHE B 192 -8.46 5.55 33.03
N ALA B 193 -9.17 5.31 34.12
CA ALA B 193 -10.18 4.23 34.16
C ALA B 193 -11.46 4.70 34.86
N ASN B 194 -12.60 4.38 34.24
CA ASN B 194 -13.93 4.75 34.70
C ASN B 194 -14.47 3.65 35.61
N ALA B 195 -14.93 4.00 36.80
CA ALA B 195 -15.79 3.08 37.58
C ALA B 195 -17.25 3.45 37.26
N GLU B 196 -18.01 2.48 36.80
CA GLU B 196 -19.29 2.71 36.22
C GLU B 196 -20.42 2.93 37.21
N PHE B 197 -20.39 2.24 38.33
CA PHE B 197 -21.56 2.17 39.17
C PHE B 197 -21.47 2.99 40.48
N ILE B 198 -22.50 3.76 40.75
CA ILE B 198 -22.59 4.59 41.97
C ILE B 198 -22.73 3.65 43.17
N ILE B 199 -21.88 3.81 44.17
CA ILE B 199 -22.01 3.02 45.41
C ILE B 199 -21.93 3.94 46.66
N PRO B 200 -22.44 3.47 47.77
CA PRO B 200 -22.24 4.19 49.02
C PRO B 200 -20.80 4.20 49.55
N HIS B 201 -20.41 5.26 50.26
CA HIS B 201 -19.10 5.35 50.86
C HIS B 201 -19.29 5.80 52.34
N PRO B 202 -19.00 4.95 53.32
CA PRO B 202 -18.55 3.53 53.12
C PRO B 202 -19.69 2.63 52.67
N ASN B 203 -19.34 1.50 52.11
CA ASN B 203 -20.36 0.56 51.67
C ASN B 203 -20.38 -0.62 52.64
N ASP B 204 -20.81 -0.33 53.85
CA ASP B 204 -20.74 -1.27 54.95
C ASP B 204 -22.11 -1.83 55.32
N GLY B 205 -23.13 -1.47 54.55
CA GLY B 205 -24.44 -2.06 54.74
C GLY B 205 -25.38 -1.18 55.58
N LYS B 206 -24.89 -0.03 56.04
CA LYS B 206 -25.74 0.87 56.85
C LYS B 206 -26.62 1.74 55.96
N VAL B 207 -26.07 2.23 54.85
CA VAL B 207 -26.82 3.04 53.91
C VAL B 207 -26.79 2.34 52.55
N PHE B 208 -27.95 2.14 51.95
CA PHE B 208 -28.04 1.56 50.63
C PHE B 208 -28.57 2.52 49.61
N ASP B 209 -28.93 3.71 50.04
CA ASP B 209 -29.58 4.68 49.15
C ASP B 209 -28.56 5.31 48.18
N LEU B 210 -28.81 5.22 46.89
CA LEU B 210 -27.87 5.80 45.93
C LEU B 210 -28.04 7.30 45.67
N GLN B 211 -29.07 7.90 46.28
CA GLN B 211 -29.28 9.35 46.22
C GLN B 211 -28.57 9.99 47.38
N ASP B 212 -28.05 9.23 48.35
CA ASP B 212 -27.34 9.80 49.47
C ASP B 212 -26.16 10.68 49.02
N GLU B 213 -25.81 11.67 49.82
CA GLU B 213 -24.68 12.55 49.52
C GLU B 213 -23.33 11.81 49.46
N ASN B 214 -23.21 10.67 50.11
CA ASN B 214 -21.97 9.95 50.05
C ASN B 214 -22.04 8.71 49.13
N SER B 215 -23.03 8.68 48.26
CA SER B 215 -23.15 7.69 47.20
C SER B 215 -22.64 8.35 45.93
N TYR B 216 -21.63 7.72 45.34
CA TYR B 216 -20.98 8.27 44.17
C TYR B 216 -20.09 7.22 43.50
N THR B 217 -19.62 7.59 42.30
CA THR B 217 -18.52 6.92 41.67
C THR B 217 -17.38 7.87 41.42
N MET B 218 -16.27 7.33 40.95
CA MET B 218 -15.00 8.04 40.84
C MET B 218 -14.30 7.69 39.52
N TYR B 219 -13.61 8.69 39.01
CA TYR B 219 -12.71 8.54 37.90
C TYR B 219 -11.34 8.19 38.53
N ASN B 220 -10.60 7.32 37.89
CA ASN B 220 -9.40 6.74 38.43
C ASN B 220 -8.18 6.93 37.56
N ALA B 221 -7.04 7.26 38.16
CA ALA B 221 -5.80 7.36 37.46
C ALA B 221 -4.80 6.45 38.14
N ILE B 222 -4.25 5.57 37.35
CA ILE B 222 -3.24 4.60 37.81
C ILE B 222 -1.93 5.02 37.16
N ASP B 223 -0.85 4.99 37.95
CA ASP B 223 0.47 5.21 37.42
C ASP B 223 0.85 4.03 36.54
N ALA B 224 1.08 4.33 35.27
CA ALA B 224 1.31 3.25 34.28
C ALA B 224 2.58 2.42 34.58
N GLU B 225 3.62 3.07 35.06
CA GLU B 225 4.86 2.39 35.25
C GLU B 225 4.91 1.65 36.58
N THR B 226 4.36 2.20 37.64
CA THR B 226 4.38 1.50 38.92
C THR B 226 3.22 0.55 39.12
N MET B 227 2.12 0.79 38.37
CA MET B 227 0.86 0.14 38.56
C MET B 227 0.35 0.24 39.99
N GLU B 228 0.58 1.39 40.61
CA GLU B 228 -0.09 1.77 41.82
C GLU B 228 -1.08 2.89 41.49
N MET B 229 -2.08 3.11 42.34
CA MET B 229 -3.00 4.26 42.14
C MET B 229 -2.24 5.60 42.22
N ALA B 230 -2.65 6.53 41.41
CA ALA B 230 -2.18 7.91 41.50
C ALA B 230 -3.19 8.79 42.19
N PHE B 231 -4.43 8.77 41.71
CA PHE B 231 -5.48 9.58 42.34
C PHE B 231 -6.86 9.15 41.83
N GLN B 232 -7.88 9.51 42.57
CA GLN B 232 -9.29 9.34 42.20
C GLN B 232 -10.04 10.68 42.30
N VAL B 233 -11.00 10.88 41.37
CA VAL B 233 -11.77 12.08 41.36
C VAL B 233 -13.25 11.71 41.46
N ILE B 234 -13.90 12.17 42.52
CA ILE B 234 -15.33 11.91 42.73
C ILE B 234 -16.07 12.71 41.72
N VAL B 235 -17.05 12.08 41.08
CA VAL B 235 -17.85 12.84 40.05
C VAL B 235 -19.33 12.76 40.39
N ASP B 236 -20.09 13.69 39.83
CA ASP B 236 -21.56 13.54 39.78
C ASP B 236 -21.88 12.49 38.71
N GLY B 237 -22.98 11.82 38.85
CA GLY B 237 -23.44 10.90 37.83
C GLY B 237 -22.61 9.65 37.81
N ASN B 238 -22.57 9.05 36.63
CA ASN B 238 -21.87 7.78 36.40
CA ASN B 238 -21.77 7.88 36.46
C ASN B 238 -20.77 8.06 35.31
N LEU B 239 -20.01 7.02 35.01
CA LEU B 239 -18.97 7.16 34.00
C LEU B 239 -19.15 5.97 33.05
N ASP B 240 -19.01 6.22 31.76
CA ASP B 240 -19.10 5.18 30.75
C ASP B 240 -17.76 4.97 30.02
N ASN B 241 -17.44 5.77 28.98
CA ASN B 241 -16.17 5.70 28.32
C ASN B 241 -15.30 6.97 28.55
N THR B 242 -14.03 6.92 28.20
CA THR B 242 -13.11 8.02 28.49
C THR B 242 -12.01 8.09 27.38
N ASP B 243 -11.49 9.30 27.19
CA ASP B 243 -10.28 9.50 26.37
C ASP B 243 -9.54 10.71 26.92
N ALA B 244 -8.35 10.96 26.34
CA ALA B 244 -7.44 11.94 26.83
C ALA B 244 -7.02 12.79 25.57
N ASP B 245 -6.57 14.02 25.89
CA ASP B 245 -6.18 14.92 24.79
C ASP B 245 -4.75 14.66 24.29
N TYR B 246 -4.25 15.54 23.42
CA TYR B 246 -2.87 15.49 22.97
C TYR B 246 -1.99 16.58 23.64
N THR B 247 -2.30 16.98 24.87
CA THR B 247 -1.45 17.87 25.67
C THR B 247 -1.10 17.39 27.05
N GLY B 248 -1.91 16.51 27.60
CA GLY B 248 -1.67 16.01 28.98
C GLY B 248 -2.46 16.78 29.99
N ARG B 249 -3.07 17.90 29.59
CA ARG B 249 -3.85 18.65 30.55
C ARG B 249 -5.25 18.02 30.78
N PHE B 250 -5.91 17.61 29.68
CA PHE B 250 -7.32 17.28 29.75
C PHE B 250 -7.59 15.82 29.46
N ALA B 251 -8.62 15.32 30.17
CA ALA B 251 -9.24 14.02 29.90
C ALA B 251 -10.72 14.23 30.00
N ALA B 252 -11.47 13.31 29.44
CA ALA B 252 -12.91 13.47 29.37
C ALA B 252 -13.62 12.12 29.50
N ALA B 253 -14.82 12.11 30.05
CA ALA B 253 -15.58 10.88 30.13
C ALA B 253 -17.07 11.15 29.83
N THR B 254 -17.73 10.22 29.17
CA THR B 254 -19.15 10.28 29.06
C THR B 254 -19.83 9.77 30.34
N CYS B 255 -21.02 10.29 30.57
CA CYS B 255 -21.91 9.92 31.66
C CYS B 255 -23.31 9.64 31.09
N TYR B 256 -23.96 8.53 31.48
CA TYR B 256 -25.32 8.25 31.01
C TYR B 256 -26.31 8.32 32.12
N ASN B 257 -25.87 8.45 33.37
CA ASN B 257 -26.83 8.49 34.45
C ASN B 257 -26.69 9.76 35.24
N SER B 258 -26.87 10.87 34.57
CA SER B 258 -26.86 12.14 35.25
C SER B 258 -28.05 12.24 36.19
N GLU B 259 -29.03 11.34 35.98
CA GLU B 259 -30.28 11.34 36.77
C GLU B 259 -30.04 10.67 38.11
N LYS B 260 -28.91 9.97 38.26
CA LYS B 260 -28.63 9.19 39.46
C LYS B 260 -29.83 8.28 39.76
N ALA B 261 -30.32 7.62 38.73
CA ALA B 261 -31.52 6.83 38.84
C ALA B 261 -31.09 5.41 38.78
N PHE B 262 -31.86 4.49 39.36
CA PHE B 262 -31.44 3.08 39.37
C PHE B 262 -32.39 2.16 38.57
N ASP B 263 -33.34 2.80 37.89
CA ASP B 263 -34.32 2.18 36.98
C ASP B 263 -33.97 2.53 35.51
N LEU B 264 -34.25 1.64 34.59
CA LEU B 264 -33.93 1.84 33.18
C LEU B 264 -34.56 3.12 32.69
N GLY B 265 -35.85 3.27 32.90
CA GLY B 265 -36.52 4.52 32.42
C GLY B 265 -35.95 5.79 33.08
N GLY B 266 -35.66 5.69 34.40
CA GLY B 266 -35.11 6.81 35.17
C GLY B 266 -33.77 7.27 34.58
N MET B 267 -33.03 6.32 34.07
CA MET B 267 -31.72 6.62 33.48
C MET B 267 -31.82 7.30 32.11
N MET B 268 -33.01 7.40 31.54
CA MET B 268 -33.24 8.08 30.24
C MET B 268 -34.22 9.24 30.36
N ARG B 269 -34.38 9.79 31.56
CA ARG B 269 -35.32 10.88 31.75
C ARG B 269 -34.81 12.18 31.16
N ASN B 270 -33.50 12.44 31.28
CA ASN B 270 -32.98 13.76 30.87
C ASN B 270 -32.64 13.77 29.39
N GLU B 271 -33.02 14.83 28.70
CA GLU B 271 -32.65 14.96 27.30
C GLU B 271 -31.12 14.96 27.14
N ARG B 272 -30.42 15.55 28.11
CA ARG B 272 -28.95 15.55 28.08
C ARG B 272 -28.37 15.00 29.35
N ASP B 273 -27.34 14.18 29.23
CA ASP B 273 -26.44 13.90 30.35
C ASP B 273 -25.23 14.83 30.13
N TRP B 274 -24.01 14.32 30.21
CA TRP B 274 -22.85 15.15 29.99
C TRP B 274 -21.64 14.38 29.58
N VAL B 275 -20.69 15.11 29.04
CA VAL B 275 -19.30 14.72 29.12
C VAL B 275 -18.68 15.49 30.25
N VAL B 276 -18.03 14.79 31.19
CA VAL B 276 -17.28 15.46 32.24
C VAL B 276 -15.80 15.57 31.77
N VAL B 277 -15.25 16.78 31.89
CA VAL B 277 -13.86 17.03 31.52
C VAL B 277 -13.08 17.27 32.79
N PHE B 278 -11.89 16.66 32.85
CA PHE B 278 -10.99 16.75 34.00
C PHE B 278 -9.77 17.59 33.62
N ASP B 279 -9.42 18.48 34.53
CA ASP B 279 -8.20 19.28 34.41
C ASP B 279 -7.16 18.54 35.21
N ILE B 280 -6.45 17.67 34.52
CA ILE B 280 -5.50 16.76 35.15
C ILE B 280 -4.38 17.57 35.83
N HIS B 281 -3.98 18.70 35.23
CA HIS B 281 -2.98 19.55 35.89
C HIS B 281 -3.45 20.05 37.25
N ALA B 282 -4.71 20.40 37.34
CA ALA B 282 -5.21 20.89 38.60
C ALA B 282 -5.30 19.78 39.63
N VAL B 283 -5.72 18.60 39.19
CA VAL B 283 -5.74 17.43 40.11
C VAL B 283 -4.33 17.16 40.66
N GLU B 284 -3.38 17.08 39.74
CA GLU B 284 -1.97 16.84 40.16
C GLU B 284 -1.47 17.89 41.18
N ALA B 285 -1.82 19.12 40.93
CA ALA B 285 -1.40 20.23 41.81
C ALA B 285 -2.00 20.06 43.21
N ALA B 286 -3.28 19.72 43.28
CA ALA B 286 -3.90 19.47 44.56
C ALA B 286 -3.29 18.32 45.31
N VAL B 287 -2.92 17.25 44.57
CA VAL B 287 -2.25 16.14 45.23
C VAL B 287 -0.85 16.58 45.77
N LYS B 288 -0.10 17.31 44.96
CA LYS B 288 1.20 17.84 45.47
C LYS B 288 1.05 18.75 46.71
N ALA B 289 -0.03 19.51 46.78
CA ALA B 289 -0.26 20.42 47.89
C ALA B 289 -0.83 19.71 49.12
N GLY B 290 -1.16 18.43 48.99
CA GLY B 290 -1.77 17.66 50.05
C GLY B 290 -3.22 17.95 50.29
N ASP B 291 -3.86 18.57 49.33
CA ASP B 291 -5.25 18.93 49.40
C ASP B 291 -6.16 17.79 48.86
N PHE B 292 -6.28 16.75 49.64
CA PHE B 292 -7.09 15.56 49.28
C PHE B 292 -7.50 14.81 50.55
N ILE B 293 -8.45 13.91 50.41
CA ILE B 293 -8.82 12.98 51.46
C ILE B 293 -8.42 11.59 51.04
N THR B 294 -8.48 10.66 51.99
CA THR B 294 -8.40 9.23 51.63
C THR B 294 -9.66 8.51 52.10
N LEU B 295 -9.96 7.39 51.44
CA LEU B 295 -11.17 6.60 51.75
C LEU B 295 -10.74 5.21 52.21
N GLY B 296 -11.38 4.79 53.28
CA GLY B 296 -11.16 3.43 53.78
C GLY B 296 -9.76 3.12 53.99
N ASP B 297 -9.31 1.92 53.56
CA ASP B 297 -7.95 1.54 53.82
C ASP B 297 -6.98 1.88 52.66
N SER B 298 -7.39 2.71 51.72
CA SER B 298 -6.52 3.01 50.59
C SER B 298 -5.81 4.31 50.84
N LYS B 299 -4.53 4.39 50.52
CA LYS B 299 -3.74 5.63 50.57
C LYS B 299 -4.00 6.54 49.39
N THR B 300 -4.78 6.09 48.41
CA THR B 300 -5.00 6.89 47.20
C THR B 300 -5.55 8.26 47.50
N PRO B 301 -4.92 9.31 46.96
CA PRO B 301 -5.49 10.66 47.06
C PRO B 301 -6.86 10.74 46.29
N VAL B 302 -7.86 11.28 46.98
CA VAL B 302 -9.19 11.44 46.47
C VAL B 302 -9.57 12.91 46.46
N LEU B 303 -9.90 13.40 45.28
CA LEU B 303 -10.27 14.79 45.00
C LEU B 303 -11.77 14.80 44.71
N ASP B 304 -12.43 15.92 45.01
CA ASP B 304 -13.86 15.97 44.84
C ASP B 304 -14.15 16.79 43.62
N GLY B 305 -14.61 16.14 42.57
CA GLY B 305 -14.98 16.82 41.30
C GLY B 305 -16.47 17.02 41.10
N ARG B 306 -17.26 16.86 42.15
CA ARG B 306 -18.71 17.16 42.05
C ARG B 306 -18.94 18.65 42.01
N LYS B 307 -20.05 19.08 41.43
CA LYS B 307 -20.51 20.45 41.65
C LYS B 307 -21.03 20.65 43.10
N LYS B 308 -20.88 21.85 43.63
CA LYS B 308 -21.36 22.17 44.98
C LYS B 308 -22.27 23.37 44.85
N ASP B 309 -23.54 23.13 45.12
CA ASP B 309 -24.58 24.13 45.05
C ASP B 309 -24.50 24.87 43.74
N GLY B 310 -24.32 24.10 42.67
CA GLY B 310 -24.29 24.63 41.32
C GLY B 310 -22.91 25.12 40.89
N LYS B 311 -21.96 25.23 41.81
CA LYS B 311 -20.68 25.80 41.47
C LYS B 311 -19.67 24.67 41.11
N ASP B 312 -18.91 24.88 40.07
CA ASP B 312 -17.95 23.86 39.63
C ASP B 312 -16.77 23.76 40.58
N SER B 313 -16.23 22.54 40.63
CA SER B 313 -15.00 22.29 41.32
C SER B 313 -13.87 22.79 40.43
N LYS B 314 -12.67 22.87 40.97
CA LYS B 314 -11.45 23.22 40.20
C LYS B 314 -11.11 22.09 39.17
N PHE B 315 -11.56 20.88 39.48
CA PHE B 315 -11.01 19.72 38.79
C PHE B 315 -11.83 19.32 37.55
N THR B 316 -13.07 19.72 37.48
CA THR B 316 -14.02 19.24 36.50
C THR B 316 -14.93 20.34 35.87
N ARG B 317 -15.39 20.10 34.68
CA ARG B 317 -16.50 20.81 34.08
C ARG B 317 -17.39 19.82 33.39
N TYR B 318 -18.70 20.07 33.42
CA TYR B 318 -19.68 19.18 32.94
C TYR B 318 -20.31 19.84 31.71
N VAL B 319 -20.17 19.20 30.56
CA VAL B 319 -20.64 19.70 29.28
C VAL B 319 -21.90 18.91 28.88
N PRO B 320 -23.06 19.59 28.83
CA PRO B 320 -24.24 18.80 28.55
C PRO B 320 -24.21 18.22 27.13
N VAL B 321 -24.60 16.96 27.04
CA VAL B 321 -24.55 16.16 25.82
C VAL B 321 -25.71 15.15 25.79
N PRO B 322 -26.48 15.10 24.71
CA PRO B 322 -27.53 14.09 24.59
C PRO B 322 -27.01 12.77 23.96
N LYS B 323 -27.58 11.59 24.26
CA LYS B 323 -28.50 11.35 25.36
C LYS B 323 -28.15 9.94 25.80
N ASN B 324 -27.80 9.79 27.08
CA ASN B 324 -27.08 8.59 27.56
C ASN B 324 -25.88 8.35 26.64
N PRO B 325 -25.07 9.38 26.39
CA PRO B 325 -23.96 9.18 25.46
C PRO B 325 -22.96 8.08 25.90
N HIS B 326 -22.27 7.50 24.94
CA HIS B 326 -21.54 6.29 25.16
C HIS B 326 -20.07 6.53 24.77
N GLY B 327 -19.73 6.37 23.50
CA GLY B 327 -18.36 6.54 23.13
C GLY B 327 -17.82 7.92 23.38
N CYS B 328 -16.52 7.96 23.73
CA CYS B 328 -15.84 9.19 24.01
C CYS B 328 -14.45 9.05 23.36
N ASN B 329 -14.30 9.64 22.21
CA ASN B 329 -13.14 9.41 21.35
C ASN B 329 -12.45 10.75 20.97
N THR B 330 -11.14 10.81 21.14
CA THR B 330 -10.34 11.97 20.78
C THR B 330 -9.91 11.83 19.32
N SER B 331 -10.24 12.81 18.50
CA SER B 331 -9.78 12.79 17.11
C SER B 331 -8.23 12.81 17.01
N SER B 332 -7.70 12.16 15.99
CA SER B 332 -6.25 12.01 15.83
C SER B 332 -5.47 13.28 15.61
N ASP B 333 -6.11 14.35 15.16
CA ASP B 333 -5.47 15.68 15.04
C ASP B 333 -5.59 16.46 16.34
N GLY B 334 -6.16 15.83 17.40
CA GLY B 334 -6.25 16.47 18.68
C GLY B 334 -7.27 17.54 18.90
N LYS B 335 -8.10 17.81 17.89
CA LYS B 335 -9.04 18.91 17.93
C LYS B 335 -10.27 18.65 18.77
N TYR B 336 -10.76 17.41 18.78
CA TYR B 336 -12.06 17.14 19.36
C TYR B 336 -12.10 15.95 20.35
N PHE B 337 -12.86 16.07 21.42
CA PHE B 337 -13.47 14.91 22.09
C PHE B 337 -14.82 14.73 21.42
N ILE B 338 -15.08 13.55 20.83
CA ILE B 338 -16.37 13.27 20.18
C ILE B 338 -17.15 12.25 21.00
N ALA B 339 -18.33 12.69 21.47
CA ALA B 339 -19.21 11.81 22.21
C ALA B 339 -20.32 11.24 21.31
N ALA B 340 -20.50 9.94 21.34
CA ALA B 340 -21.53 9.30 20.57
C ALA B 340 -22.86 9.37 21.30
N GLY B 341 -23.92 9.75 20.59
CA GLY B 341 -25.14 10.17 21.23
C GLY B 341 -26.05 9.06 21.77
N LYS B 342 -25.86 7.82 21.28
CA LYS B 342 -26.61 6.64 21.60
C LYS B 342 -28.15 6.82 21.43
N LEU B 343 -28.86 7.36 22.43
CA LEU B 343 -30.28 7.50 22.32
C LEU B 343 -30.64 8.71 21.45
N SER B 344 -29.70 9.64 21.31
CA SER B 344 -29.80 10.75 20.39
C SER B 344 -29.04 10.33 19.12
N PRO B 345 -29.58 10.61 17.94
CA PRO B 345 -29.01 10.08 16.70
C PRO B 345 -27.87 10.94 16.17
N THR B 346 -27.01 11.40 17.10
CA THR B 346 -25.98 12.38 16.86
C THR B 346 -24.62 11.96 17.45
N CYS B 347 -23.56 12.68 17.10
CA CYS B 347 -22.37 12.79 17.96
C CYS B 347 -22.25 14.25 18.37
N SER B 348 -21.68 14.52 19.54
CA SER B 348 -21.37 15.86 19.95
C SER B 348 -19.85 16.08 19.94
N MET B 349 -19.39 17.20 19.34
CA MET B 349 -17.97 17.51 19.17
C MET B 349 -17.56 18.63 20.11
N ILE B 350 -16.70 18.28 21.05
CA ILE B 350 -16.21 19.23 22.02
C ILE B 350 -14.84 19.72 21.53
N ALA B 351 -14.68 21.05 21.35
CA ALA B 351 -13.43 21.60 20.93
C ALA B 351 -12.43 21.65 22.06
N ILE B 352 -11.38 20.85 21.97
CA ILE B 352 -10.36 20.81 23.01
C ILE B 352 -9.70 22.21 23.22
N ASP B 353 -9.54 22.94 22.11
CA ASP B 353 -9.08 24.34 22.10
C ASP B 353 -9.81 25.28 23.07
N LYS B 354 -11.09 25.04 23.25
CA LYS B 354 -11.95 25.89 24.08
C LYS B 354 -11.92 25.55 25.55
N LEU B 355 -11.27 24.43 25.93
CA LEU B 355 -11.31 23.98 27.29
C LEU B 355 -10.59 24.88 28.31
N PRO B 356 -9.42 25.48 27.92
CA PRO B 356 -8.81 26.40 28.87
C PRO B 356 -9.77 27.59 29.22
N ASP B 357 -10.45 28.13 28.23
CA ASP B 357 -11.50 29.15 28.48
C ASP B 357 -12.64 28.65 29.39
N LEU B 358 -13.08 27.42 29.16
CA LEU B 358 -14.07 26.81 30.00
C LEU B 358 -13.60 26.75 31.47
N PHE B 359 -12.38 26.28 31.69
CA PHE B 359 -11.89 26.13 33.04
C PHE B 359 -11.53 27.46 33.70
N ALA B 360 -11.32 28.47 32.89
CA ALA B 360 -11.04 29.83 33.40
C ALA B 360 -12.32 30.62 33.76
N GLY B 361 -13.49 30.11 33.41
CA GLY B 361 -14.75 30.76 33.70
C GLY B 361 -15.07 31.82 32.71
N LYS B 362 -14.44 31.77 31.55
CA LYS B 362 -14.70 32.72 30.50
C LYS B 362 -16.02 32.39 29.75
N LEU B 363 -16.48 31.14 29.83
CA LEU B 363 -17.63 30.74 29.04
C LEU B 363 -18.80 30.58 29.97
N ALA B 364 -19.69 31.53 29.83
CA ALA B 364 -20.98 31.48 30.47
C ALA B 364 -21.67 30.67 29.39
N ASP B 365 -21.97 29.45 29.84
CA ASP B 365 -22.53 28.26 29.15
C ASP B 365 -21.52 27.13 28.70
N PRO B 366 -21.50 26.02 29.47
CA PRO B 366 -20.57 24.96 29.11
C PRO B 366 -20.83 24.36 27.70
N ARG B 367 -22.06 24.46 27.19
CA ARG B 367 -22.34 24.06 25.81
C ARG B 367 -21.56 24.84 24.77
N ASP B 368 -20.99 25.98 25.15
CA ASP B 368 -20.25 26.76 24.18
C ASP B 368 -18.98 26.04 23.71
N VAL B 369 -18.52 25.00 24.41
CA VAL B 369 -17.40 24.21 23.88
C VAL B 369 -17.81 23.18 22.83
N ILE B 370 -19.09 22.98 22.64
CA ILE B 370 -19.60 22.09 21.62
C ILE B 370 -19.61 22.87 20.30
N VAL B 371 -18.94 22.35 19.30
CA VAL B 371 -18.80 23.03 18.02
C VAL B 371 -19.35 22.26 16.84
N GLY B 372 -19.88 21.07 17.13
CA GLY B 372 -20.56 20.26 16.14
C GLY B 372 -21.47 19.22 16.77
N GLU B 373 -22.58 18.87 16.11
CA GLU B 373 -23.54 17.91 16.67
C GLU B 373 -24.21 17.26 15.46
N PRO B 374 -23.43 16.55 14.66
CA PRO B 374 -23.98 15.95 13.44
C PRO B 374 -25.04 14.89 13.66
N GLU B 375 -26.08 14.93 12.86
CA GLU B 375 -27.12 13.90 12.90
C GLU B 375 -26.71 12.81 11.93
N LEU B 376 -26.46 11.60 12.47
CA LEU B 376 -25.80 10.54 11.73
C LEU B 376 -26.68 9.33 11.47
N GLY B 377 -27.61 9.02 12.35
CA GLY B 377 -28.46 7.83 12.21
C GLY B 377 -28.76 7.20 13.57
N LEU B 378 -29.43 6.06 13.57
CA LEU B 378 -29.92 5.50 14.82
C LEU B 378 -28.91 4.65 15.60
N GLY B 379 -28.74 5.01 16.85
CA GLY B 379 -27.90 4.31 17.79
C GLY B 379 -26.38 4.54 17.67
N PRO B 380 -25.92 5.79 17.54
CA PRO B 380 -24.47 5.97 17.43
C PRO B 380 -23.77 5.57 18.76
N LEU B 381 -22.77 4.73 18.66
CA LEU B 381 -22.06 4.27 19.84
C LEU B 381 -20.60 4.64 20.00
N HIS B 382 -19.81 4.62 18.93
CA HIS B 382 -18.38 4.80 19.00
CA HIS B 382 -18.36 4.77 19.00
C HIS B 382 -17.88 5.45 17.70
N THR B 383 -16.73 6.11 17.74
CA THR B 383 -16.19 6.79 16.61
C THR B 383 -14.69 6.56 16.49
N THR B 384 -14.22 6.47 15.24
CA THR B 384 -12.78 6.35 15.01
C THR B 384 -12.41 7.24 13.78
N PHE B 385 -11.12 7.21 13.41
CA PHE B 385 -10.55 8.30 12.60
C PHE B 385 -9.63 7.71 11.55
N ASP B 386 -9.71 8.26 10.31
CA ASP B 386 -8.73 7.85 9.27
C ASP B 386 -7.47 8.73 9.17
N GLY B 387 -7.40 9.83 9.94
CA GLY B 387 -6.28 10.76 9.79
C GLY B 387 -6.33 11.58 8.52
N ARG B 388 -7.44 11.50 7.82
CA ARG B 388 -7.68 12.33 6.60
C ARG B 388 -8.77 13.37 6.82
N GLY B 389 -9.22 13.53 8.07
CA GLY B 389 -10.30 14.42 8.37
C GLY B 389 -11.69 13.79 8.46
N ASN B 390 -11.80 12.48 8.23
CA ASN B 390 -13.06 11.79 8.41
C ASN B 390 -13.17 11.03 9.74
N ALA B 391 -14.37 11.00 10.28
CA ALA B 391 -14.74 10.14 11.39
C ALA B 391 -15.59 9.02 10.86
N TYR B 392 -15.58 7.90 11.57
CA TYR B 392 -16.34 6.73 11.21
C TYR B 392 -17.06 6.35 12.52
N THR B 393 -18.38 6.21 12.45
CA THR B 393 -19.17 5.98 13.66
C THR B 393 -20.10 4.79 13.51
N THR B 394 -20.19 3.98 14.57
CA THR B 394 -21.10 2.81 14.54
C THR B 394 -22.53 3.28 14.84
N LEU B 395 -23.46 2.77 14.07
CA LEU B 395 -24.89 2.90 14.28
C LEU B 395 -25.44 1.55 14.66
N PHE B 396 -25.68 1.38 15.98
CA PHE B 396 -26.09 0.04 16.49
C PHE B 396 -27.48 -0.36 15.95
N ILE B 397 -28.42 0.57 15.92
CA ILE B 397 -29.84 0.27 15.55
C ILE B 397 -29.97 0.15 14.01
N ASP B 398 -29.35 1.08 13.29
CA ASP B 398 -29.35 1.05 11.84
C ASP B 398 -28.40 0.02 11.30
N SER B 399 -27.50 -0.53 12.15
CA SER B 399 -26.58 -1.59 11.78
C SER B 399 -25.66 -1.19 10.63
N GLN B 400 -25.00 -0.04 10.83
CA GLN B 400 -24.11 0.51 9.82
C GLN B 400 -22.89 1.13 10.43
N VAL B 401 -21.90 1.36 9.59
CA VAL B 401 -20.83 2.27 9.88
C VAL B 401 -21.10 3.52 9.01
N VAL B 402 -21.09 4.69 9.63
CA VAL B 402 -21.24 5.93 8.87
C VAL B 402 -19.94 6.70 8.83
N LYS B 403 -19.50 6.99 7.61
CA LYS B 403 -18.33 7.83 7.39
C LYS B 403 -18.79 9.27 7.25
N TRP B 404 -18.15 10.20 7.99
CA TRP B 404 -18.54 11.62 7.96
C TRP B 404 -17.36 12.56 8.14
N ASN B 405 -17.47 13.77 7.57
CA ASN B 405 -16.37 14.69 7.56
C ASN B 405 -16.50 15.62 8.76
N MET B 406 -15.48 15.72 9.59
CA MET B 406 -15.60 16.47 10.83
C MET B 406 -15.74 18.00 10.62
N GLU B 407 -14.89 18.55 9.77
CA GLU B 407 -14.93 20.00 9.52
C GLU B 407 -16.27 20.43 8.90
N GLU B 408 -16.84 19.63 8.00
CA GLU B 408 -18.17 19.91 7.50
C GLU B 408 -19.24 19.91 8.54
N ALA B 409 -19.16 18.97 9.49
CA ALA B 409 -20.09 18.95 10.58
C ALA B 409 -20.01 20.23 11.41
N VAL B 410 -18.80 20.73 11.60
CA VAL B 410 -18.60 21.97 12.36
C VAL B 410 -19.26 23.14 11.59
N ARG B 411 -19.08 23.16 10.27
CA ARG B 411 -19.72 24.17 9.43
C ARG B 411 -21.25 24.08 9.49
N ALA B 412 -21.76 22.85 9.43
CA ALA B 412 -23.19 22.62 9.53
C ALA B 412 -23.70 23.13 10.86
N TYR B 413 -22.90 23.03 11.93
CA TYR B 413 -23.43 23.40 13.26
C TYR B 413 -23.66 24.92 13.31
N LYS B 414 -22.85 25.64 12.56
CA LYS B 414 -23.00 27.08 12.42
C LYS B 414 -24.07 27.46 11.41
N GLY B 415 -24.77 26.47 10.85
CA GLY B 415 -25.89 26.73 9.97
C GLY B 415 -25.62 26.65 8.47
N GLU B 416 -24.37 26.47 8.07
CA GLU B 416 -24.10 26.23 6.65
C GLU B 416 -24.74 24.94 6.13
N LYS B 417 -25.20 24.97 4.89
CA LYS B 417 -25.82 23.82 4.28
C LYS B 417 -24.73 22.98 3.61
N VAL B 418 -24.37 21.89 4.28
CA VAL B 418 -23.31 21.04 3.80
C VAL B 418 -23.67 19.62 4.26
N ASN B 419 -23.43 18.64 3.43
CA ASN B 419 -23.75 17.25 3.79
C ASN B 419 -22.44 16.56 4.24
N TYR B 420 -22.34 16.50 5.53
CA TYR B 420 -21.13 15.96 6.17
C TYR B 420 -21.10 14.41 6.08
N ILE B 421 -22.20 13.77 5.76
CA ILE B 421 -22.25 12.31 5.61
C ILE B 421 -21.75 11.89 4.25
N LYS B 422 -20.73 11.05 4.23
CA LYS B 422 -20.09 10.59 3.03
C LYS B 422 -20.54 9.23 2.57
N GLN B 423 -20.75 8.29 3.49
CA GLN B 423 -21.19 6.95 3.13
C GLN B 423 -21.72 6.19 4.35
N LYS B 424 -22.67 5.32 4.14
CA LYS B 424 -23.15 4.37 5.15
C LYS B 424 -22.94 2.96 4.63
N LEU B 425 -22.23 2.16 5.40
CA LEU B 425 -21.91 0.77 4.98
C LEU B 425 -22.66 -0.16 5.91
N ASP B 426 -23.48 -1.02 5.34
CA ASP B 426 -24.20 -2.00 6.16
C ASP B 426 -23.22 -3.04 6.78
N VAL B 427 -23.39 -3.30 8.08
CA VAL B 427 -22.57 -4.30 8.76
C VAL B 427 -23.50 -5.31 9.42
N HIS B 428 -22.94 -6.43 9.84
CA HIS B 428 -23.76 -7.59 10.10
C HIS B 428 -23.50 -8.27 11.44
N TYR B 429 -24.18 -7.90 12.53
CA TYR B 429 -25.19 -6.92 12.63
C TYR B 429 -25.04 -6.27 13.99
N GLN B 430 -25.48 -5.01 14.12
CA GLN B 430 -25.53 -4.28 15.37
C GLN B 430 -24.11 -4.02 15.90
N PRO B 431 -23.41 -3.09 15.27
CA PRO B 431 -22.03 -2.83 15.67
C PRO B 431 -21.94 -2.06 16.98
N GLY B 432 -20.93 -2.39 17.77
CA GLY B 432 -20.65 -1.63 19.01
C GLY B 432 -19.46 -0.73 18.79
N HIS B 433 -18.25 -1.21 19.10
CA HIS B 433 -17.05 -0.38 18.90
C HIS B 433 -16.55 -0.60 17.44
N LEU B 434 -15.74 0.33 16.99
CA LEU B 434 -14.97 0.21 15.77
C LEU B 434 -13.61 0.82 15.96
N HIS B 435 -12.67 0.42 15.10
CA HIS B 435 -11.28 0.83 15.29
C HIS B 435 -10.55 0.92 13.98
N ALA B 436 -10.06 2.09 13.66
CA ALA B 436 -9.22 2.31 12.47
C ALA B 436 -7.70 2.24 12.89
N SER B 437 -6.89 1.69 12.00
CA SER B 437 -5.48 1.52 12.30
C SER B 437 -4.75 2.83 12.73
N LEU B 438 -4.12 2.78 13.93
CA LEU B 438 -3.42 3.89 14.54
C LEU B 438 -4.27 5.09 14.88
N CYS B 439 -5.61 4.90 15.01
CA CYS B 439 -6.54 5.97 15.25
C CYS B 439 -6.34 6.71 16.59
N GLU B 440 -5.73 6.04 17.58
CA GLU B 440 -5.46 6.71 18.86
C GLU B 440 -4.19 7.53 18.93
N THR B 441 -3.59 7.74 17.78
CA THR B 441 -2.27 8.36 17.70
C THR B 441 -2.29 9.42 16.61
N ASN B 442 -1.31 10.30 16.60
CA ASN B 442 -1.20 11.31 15.55
C ASN B 442 -0.64 10.71 14.28
N GLU B 443 -0.44 9.39 14.23
CA GLU B 443 -0.06 8.68 13.03
C GLU B 443 -1.20 7.91 12.33
N ALA B 444 -2.45 8.16 12.75
CA ALA B 444 -3.62 7.46 12.21
C ALA B 444 -3.41 7.34 10.71
N ASP B 445 -3.44 6.15 10.16
CA ASP B 445 -2.98 5.95 8.80
C ASP B 445 -4.05 5.65 7.75
N GLY B 446 -5.32 5.57 8.20
CA GLY B 446 -6.43 5.39 7.33
C GLY B 446 -6.43 4.19 6.42
N LYS B 447 -5.82 3.09 6.84
CA LYS B 447 -5.77 1.89 6.03
C LYS B 447 -6.86 0.84 6.32
N TRP B 448 -6.99 0.43 7.58
CA TRP B 448 -7.91 -0.66 7.97
C TRP B 448 -8.86 -0.19 9.05
N LEU B 449 -10.06 -0.73 8.98
CA LEU B 449 -11.08 -0.43 9.94
C LEU B 449 -11.74 -1.76 10.33
N VAL B 450 -11.91 -1.97 11.64
CA VAL B 450 -12.63 -3.17 12.11
C VAL B 450 -13.86 -2.71 12.87
N ALA B 451 -15.02 -3.26 12.50
CA ALA B 451 -16.23 -2.96 13.21
C ALA B 451 -16.65 -4.26 13.92
N LEU B 452 -16.92 -4.13 15.19
CA LEU B 452 -17.19 -5.27 16.06
C LEU B 452 -18.69 -5.41 16.40
N SER B 453 -19.36 -6.30 15.68
CA SER B 453 -20.80 -6.42 15.67
C SER B 453 -21.30 -7.51 16.60
N LYS B 454 -22.40 -7.23 17.27
CA LYS B 454 -22.84 -8.08 18.33
C LYS B 454 -23.69 -9.24 17.95
N PHE B 455 -24.41 -9.21 16.82
CA PHE B 455 -25.20 -10.37 16.42
C PHE B 455 -24.71 -10.87 15.09
N SER B 456 -24.33 -12.12 14.99
CA SER B 456 -23.85 -12.62 13.74
C SER B 456 -24.89 -13.39 12.90
N LYS B 457 -25.98 -13.80 13.53
CA LYS B 457 -27.12 -14.40 12.81
C LYS B 457 -26.65 -15.49 11.89
N ASP B 458 -26.82 -15.32 10.55
CA ASP B 458 -26.45 -16.36 9.64
C ASP B 458 -25.17 -16.07 8.86
N ARG B 459 -24.26 -15.27 9.42
CA ARG B 459 -23.02 -14.96 8.69
C ARG B 459 -21.96 -16.09 8.75
N PHE B 460 -22.15 -17.06 9.64
CA PHE B 460 -21.25 -18.21 9.79
C PHE B 460 -22.06 -19.49 9.98
N LEU B 461 -21.42 -20.65 9.80
CA LEU B 461 -22.11 -21.92 10.05
C LEU B 461 -22.83 -21.90 11.42
N PRO B 462 -24.02 -22.50 11.49
CA PRO B 462 -24.72 -22.60 12.74
C PRO B 462 -23.92 -23.39 13.77
N VAL B 463 -23.86 -22.87 15.00
CA VAL B 463 -23.16 -23.57 16.05
C VAL B 463 -23.94 -23.66 17.35
N GLY B 464 -25.26 -23.63 17.24
CA GLY B 464 -26.08 -23.66 18.39
C GLY B 464 -26.58 -22.36 18.87
N PRO B 465 -27.21 -22.37 20.04
CA PRO B 465 -27.92 -21.14 20.45
C PRO B 465 -26.98 -20.00 20.72
N LEU B 466 -25.71 -20.30 21.16
CA LEU B 466 -24.76 -19.25 21.35
C LEU B 466 -24.03 -18.99 20.05
N HIS B 467 -24.03 -17.77 19.59
CA HIS B 467 -23.38 -17.41 18.31
C HIS B 467 -22.06 -16.68 18.59
N PRO B 468 -21.19 -16.62 17.59
CA PRO B 468 -20.01 -15.77 17.72
C PRO B 468 -20.39 -14.29 17.43
N GLU B 469 -19.49 -13.39 17.81
CA GLU B 469 -19.52 -11.99 17.41
CA GLU B 469 -19.55 -12.02 17.38
C GLU B 469 -18.97 -11.96 15.98
N ASN B 470 -19.21 -10.90 15.28
CA ASN B 470 -18.74 -10.77 13.92
C ASN B 470 -17.91 -9.51 13.88
N ASP B 471 -16.60 -9.68 13.79
CA ASP B 471 -15.68 -8.53 13.67
C ASP B 471 -15.30 -8.40 12.19
N GLN B 472 -15.77 -7.35 11.58
CA GLN B 472 -15.66 -7.17 10.16
C GLN B 472 -14.55 -6.24 9.78
N LEU B 473 -13.66 -6.71 8.95
CA LEU B 473 -12.54 -5.91 8.39
C LEU B 473 -13.02 -5.14 7.18
N ILE B 474 -12.76 -3.84 7.22
CA ILE B 474 -13.21 -2.91 6.18
C ILE B 474 -11.97 -2.14 5.70
N ASP B 475 -11.80 -2.08 4.38
CA ASP B 475 -10.70 -1.32 3.76
C ASP B 475 -11.14 0.11 3.68
N ILE B 476 -10.41 1.00 4.35
CA ILE B 476 -10.72 2.42 4.35
C ILE B 476 -9.67 3.27 3.59
N SER B 477 -8.75 2.61 2.92
CA SER B 477 -7.59 3.28 2.33
C SER B 477 -7.98 4.26 1.21
N GLY B 478 -9.15 4.06 0.60
CA GLY B 478 -9.64 4.96 -0.48
C GLY B 478 -10.90 5.70 -0.05
N ASP B 479 -11.61 6.25 -1.03
CA ASP B 479 -12.73 7.11 -0.78
C ASP B 479 -13.94 6.32 -0.27
N GLU B 480 -14.09 5.08 -0.70
CA GLU B 480 -15.22 4.25 -0.36
C GLU B 480 -14.78 3.16 0.65
N MET B 481 -15.48 3.06 1.75
CA MET B 481 -15.36 1.84 2.65
C MET B 481 -15.75 0.58 1.91
N LYS B 482 -14.88 -0.45 1.94
CA LYS B 482 -15.29 -1.74 1.39
C LYS B 482 -15.17 -2.85 2.44
N LEU B 483 -16.23 -3.60 2.63
CA LEU B 483 -16.23 -4.78 3.52
C LEU B 483 -15.42 -5.93 2.90
N VAL B 484 -14.38 -6.38 3.56
CA VAL B 484 -13.59 -7.46 3.03
C VAL B 484 -13.53 -8.80 3.75
N HIS B 485 -13.81 -8.83 5.06
CA HIS B 485 -13.71 -10.06 5.83
C HIS B 485 -14.59 -10.07 7.01
N ASP B 486 -15.25 -11.19 7.24
CA ASP B 486 -16.04 -11.44 8.43
C ASP B 486 -15.25 -12.37 9.36
N GLY B 487 -14.96 -11.89 10.54
CA GLY B 487 -14.08 -12.61 11.51
C GLY B 487 -14.93 -13.00 12.74
N PRO B 488 -15.30 -14.26 12.85
CA PRO B 488 -16.02 -14.70 14.04
C PRO B 488 -15.18 -14.70 15.26
N THR B 489 -15.72 -14.22 16.39
CA THR B 489 -14.91 -14.22 17.60
C THR B 489 -15.78 -14.66 18.79
N PHE B 490 -15.11 -15.24 19.79
CA PHE B 490 -15.80 -15.82 20.93
C PHE B 490 -16.01 -14.78 22.00
N ALA B 491 -17.16 -14.77 22.67
CA ALA B 491 -17.28 -13.97 23.91
C ALA B 491 -17.19 -12.47 23.85
N GLU B 492 -17.52 -11.92 22.73
CA GLU B 492 -17.75 -10.54 22.69
C GLU B 492 -16.53 -9.71 23.03
N PRO B 493 -15.56 -9.74 22.16
CA PRO B 493 -14.51 -8.75 22.24
C PRO B 493 -15.14 -7.37 22.15
N HIS B 494 -14.81 -6.46 22.96
CA HIS B 494 -15.73 -5.30 22.61
C HIS B 494 -14.95 -4.40 21.60
N ASP B 495 -13.73 -4.13 21.94
CA ASP B 495 -12.91 -3.21 21.25
C ASP B 495 -11.62 -3.92 20.95
N CYS B 496 -10.85 -3.34 20.03
CA CYS B 496 -9.54 -3.88 19.70
C CYS B 496 -8.60 -2.73 19.42
N ILE B 497 -7.33 -3.03 19.22
CA ILE B 497 -6.37 -1.99 18.91
C ILE B 497 -5.32 -2.57 17.95
N MET B 498 -4.98 -1.83 16.88
CA MET B 498 -3.98 -2.32 15.96
C MET B 498 -2.63 -1.55 16.09
N ALA B 499 -1.51 -2.21 15.81
CA ALA B 499 -0.23 -1.53 15.84
C ALA B 499 0.51 -2.03 14.53
N ARG B 500 1.33 -1.19 13.94
CA ARG B 500 2.23 -1.71 12.87
C ARG B 500 3.15 -2.79 13.43
N ARG B 501 3.50 -3.69 12.56
CA ARG B 501 4.50 -4.72 12.89
C ARG B 501 5.75 -4.11 13.52
N ASP B 502 6.21 -2.96 12.99
CA ASP B 502 7.40 -2.34 13.44
C ASP B 502 7.29 -1.59 14.75
N GLN B 503 6.07 -1.49 15.30
CA GLN B 503 5.86 -0.90 16.62
C GLN B 503 5.94 -1.87 17.77
N ILE B 504 5.97 -3.15 17.48
CA ILE B 504 6.00 -4.22 18.50
C ILE B 504 7.31 -5.00 18.38
N LYS B 505 8.04 -5.03 19.49
CA LYS B 505 9.35 -5.68 19.56
C LYS B 505 9.25 -6.76 20.65
N THR B 506 9.40 -8.01 20.30
CA THR B 506 9.23 -9.10 21.27
C THR B 506 10.52 -9.84 21.53
N LYS B 507 10.58 -10.52 22.64
CA LYS B 507 11.72 -11.36 22.97
C LYS B 507 11.40 -12.74 22.45
N LYS B 508 12.38 -13.48 22.00
CA LYS B 508 12.20 -14.87 21.56
C LYS B 508 12.53 -15.87 22.63
N ILE B 509 13.34 -15.47 23.59
CA ILE B 509 13.72 -16.31 24.71
C ILE B 509 13.68 -15.51 25.98
N TRP B 510 13.43 -16.12 27.13
CA TRP B 510 13.41 -15.32 28.35
C TRP B 510 14.79 -14.91 28.82
N ASP B 511 14.90 -13.79 29.54
CA ASP B 511 16.13 -13.41 30.28
C ASP B 511 16.00 -14.05 31.66
N ARG B 512 17.08 -14.62 32.14
CA ARG B 512 17.08 -15.27 33.45
C ARG B 512 16.77 -14.30 34.61
N ASN B 513 16.99 -13.02 34.40
CA ASN B 513 16.72 -11.99 35.42
C ASN B 513 15.40 -11.27 35.21
N ASP B 514 14.53 -11.82 34.38
CA ASP B 514 13.24 -11.16 34.08
C ASP B 514 12.45 -10.95 35.34
N PRO B 515 11.93 -9.72 35.51
CA PRO B 515 11.07 -9.42 36.66
C PRO B 515 9.84 -10.32 36.85
N PHE B 516 9.31 -10.89 35.77
CA PHE B 516 8.11 -11.70 35.86
C PHE B 516 8.26 -12.83 36.87
N PHE B 517 9.45 -13.43 36.93
CA PHE B 517 9.64 -14.56 37.86
C PHE B 517 10.73 -14.27 38.90
N ALA B 518 11.08 -12.99 39.02
CA ALA B 518 12.07 -12.58 40.01
C ALA B 518 11.76 -12.99 41.43
N PRO B 519 10.50 -12.92 41.88
CA PRO B 519 10.22 -13.42 43.18
C PRO B 519 10.53 -14.89 43.41
N THR B 520 10.36 -15.71 42.38
CA THR B 520 10.68 -17.13 42.49
C THR B 520 12.21 -17.32 42.57
N VAL B 521 12.92 -16.51 41.79
CA VAL B 521 14.37 -16.51 41.85
C VAL B 521 14.88 -16.13 43.28
N GLU B 522 14.18 -15.21 43.91
CA GLU B 522 14.49 -14.82 45.32
C GLU B 522 14.19 -15.92 46.33
N MET B 523 13.05 -16.61 46.17
CA MET B 523 12.74 -17.80 46.97
C MET B 523 13.85 -18.86 46.85
N ALA B 524 14.33 -19.09 45.63
CA ALA B 524 15.35 -20.11 45.41
C ALA B 524 16.63 -19.72 46.18
N LYS B 525 16.98 -18.44 46.14
CA LYS B 525 18.19 -17.93 46.81
C LYS B 525 18.14 -18.24 48.28
N LYS B 526 16.99 -18.07 48.90
CA LYS B 526 16.83 -18.43 50.31
C LYS B 526 17.04 -19.91 50.58
N ASP B 527 16.83 -20.75 49.60
CA ASP B 527 17.13 -22.19 49.75
C ASP B 527 18.56 -22.57 49.29
N GLY B 528 19.32 -21.59 48.84
CA GLY B 528 20.65 -21.87 48.36
C GLY B 528 20.69 -22.44 46.97
N ILE B 529 19.60 -22.28 46.19
CA ILE B 529 19.46 -22.94 44.93
C ILE B 529 19.96 -22.10 43.75
N ASN B 530 20.77 -22.71 42.87
CA ASN B 530 21.15 -22.10 41.59
C ASN B 530 20.18 -22.73 40.55
N LEU B 531 19.22 -21.96 40.11
CA LEU B 531 18.13 -22.49 39.28
C LEU B 531 18.61 -22.97 37.95
N ASP B 532 19.68 -22.37 37.42
CA ASP B 532 20.25 -22.80 36.14
C ASP B 532 20.84 -24.19 36.15
N THR B 533 21.14 -24.76 37.34
CA THR B 533 21.81 -26.03 37.41
C THR B 533 21.23 -27.08 38.33
N ASP B 534 20.49 -26.69 39.36
CA ASP B 534 20.25 -27.61 40.47
C ASP B 534 19.01 -28.47 40.26
N ASN B 535 19.09 -29.69 40.76
CA ASN B 535 18.06 -30.61 40.74
C ASN B 535 18.02 -31.20 42.14
N LYS B 536 17.14 -30.68 42.97
CA LYS B 536 17.17 -30.95 44.42
C LYS B 536 15.80 -30.86 45.05
N VAL B 537 15.63 -31.59 46.14
CA VAL B 537 14.37 -31.56 46.87
C VAL B 537 14.63 -31.00 48.28
N ILE B 538 14.00 -29.89 48.62
CA ILE B 538 14.21 -29.25 49.90
C ILE B 538 12.96 -29.61 50.73
N ARG B 539 13.13 -30.12 51.93
CA ARG B 539 11.98 -30.40 52.82
C ARG B 539 11.99 -29.32 53.91
N ASP B 540 10.81 -28.83 54.25
CA ASP B 540 10.68 -27.66 55.16
C ASP B 540 9.36 -27.79 55.92
N GLY B 541 9.38 -28.62 56.96
CA GLY B 541 8.15 -28.94 57.67
C GLY B 541 7.32 -29.81 56.80
N ASN B 542 6.04 -29.45 56.64
CA ASN B 542 5.20 -30.21 55.71
CA ASN B 542 5.07 -30.09 55.75
C ASN B 542 5.13 -29.55 54.31
N LYS B 543 6.09 -28.70 54.04
CA LYS B 543 6.36 -28.16 52.67
C LYS B 543 7.51 -28.90 52.03
N VAL B 544 7.34 -29.23 50.77
CA VAL B 544 8.38 -29.79 49.99
C VAL B 544 8.58 -28.88 48.76
N ARG B 545 9.81 -28.42 48.53
CA ARG B 545 10.12 -27.58 47.40
C ARG B 545 11.10 -28.35 46.45
N VAL B 546 10.56 -28.76 45.29
CA VAL B 546 11.29 -29.44 44.30
C VAL B 546 11.82 -28.43 43.35
N TYR B 547 13.11 -28.43 43.10
CA TYR B 547 13.72 -27.61 42.08
C TYR B 547 14.36 -28.47 41.02
N MET B 548 14.09 -28.14 39.75
CA MET B 548 14.68 -28.87 38.69
C MET B 548 14.91 -28.01 37.47
N THR B 549 15.89 -28.44 36.69
CA THR B 549 16.09 -27.96 35.33
C THR B 549 15.27 -28.89 34.42
N SER B 550 14.97 -28.43 33.22
CA SER B 550 14.39 -29.27 32.22
C SER B 550 15.08 -29.01 30.87
N MET B 551 15.30 -30.05 30.12
CA MET B 551 15.98 -29.99 28.84
C MET B 551 15.45 -31.17 28.07
N ALA B 552 14.78 -30.90 26.96
CA ALA B 552 14.04 -31.92 26.25
C ALA B 552 14.93 -33.07 25.93
N PRO B 553 14.54 -34.31 26.18
CA PRO B 553 13.20 -34.73 26.59
C PRO B 553 13.17 -35.26 28.06
N ALA B 554 13.79 -34.54 29.00
CA ALA B 554 13.97 -35.06 30.34
C ALA B 554 13.81 -33.97 31.41
N PHE B 555 12.97 -34.25 32.35
CA PHE B 555 12.92 -33.44 33.57
C PHE B 555 14.22 -33.75 34.35
N GLY B 556 14.73 -32.76 35.03
CA GLY B 556 15.92 -32.95 35.83
C GLY B 556 15.77 -33.70 37.08
N VAL B 557 14.55 -33.71 37.62
CA VAL B 557 14.17 -34.56 38.71
C VAL B 557 13.03 -35.45 38.21
N GLN B 558 13.28 -36.73 38.17
CA GLN B 558 12.32 -37.69 37.62
C GLN B 558 11.54 -38.48 38.65
N GLU B 559 11.92 -38.33 39.91
CA GLU B 559 11.21 -38.94 41.01
C GLU B 559 11.47 -38.21 42.26
N PHE B 560 10.43 -38.07 43.08
CA PHE B 560 10.58 -37.55 44.44
C PHE B 560 9.48 -38.14 45.32
N THR B 561 9.73 -38.13 46.63
CA THR B 561 8.90 -38.81 47.58
C THR B 561 8.49 -37.82 48.63
N VAL B 562 7.19 -37.85 48.97
CA VAL B 562 6.59 -36.92 49.91
C VAL B 562 5.69 -37.70 50.86
N LYS B 563 5.26 -37.05 51.92
CA LYS B 563 4.25 -37.62 52.83
C LYS B 563 2.85 -37.09 52.45
N GLN B 564 1.85 -37.96 52.59
CA GLN B 564 0.50 -37.56 52.29
C GLN B 564 0.18 -36.29 53.10
N GLY B 565 -0.43 -35.31 52.47
CA GLY B 565 -0.76 -34.06 53.05
C GLY B 565 0.26 -32.93 52.89
N ASP B 566 1.45 -33.23 52.36
CA ASP B 566 2.51 -32.24 52.18
C ASP B 566 2.04 -31.21 51.13
N GLU B 567 2.41 -29.98 51.34
CA GLU B 567 2.26 -28.91 50.35
C GLU B 567 3.52 -28.86 49.48
N VAL B 568 3.38 -29.35 48.25
CA VAL B 568 4.47 -29.51 47.30
C VAL B 568 4.54 -28.30 46.36
N THR B 569 5.71 -27.68 46.26
CA THR B 569 5.97 -26.65 45.28
C THR B 569 6.99 -27.23 44.29
N VAL B 570 6.69 -27.20 43.00
CA VAL B 570 7.60 -27.66 41.96
C VAL B 570 8.01 -26.43 41.18
N THR B 571 9.32 -26.21 41.06
CA THR B 571 9.86 -25.06 40.36
C THR B 571 10.76 -25.64 39.24
N ILE B 572 10.47 -25.25 38.00
CA ILE B 572 11.09 -25.81 36.82
C ILE B 572 11.72 -24.69 36.05
N THR B 573 12.99 -24.86 35.68
CA THR B 573 13.71 -23.90 34.84
C THR B 573 14.10 -24.63 33.57
N ASN B 574 13.58 -24.15 32.46
CA ASN B 574 13.77 -24.73 31.15
C ASN B 574 15.09 -24.18 30.65
N ILE B 575 16.07 -25.06 30.58
CA ILE B 575 17.41 -24.67 30.18
C ILE B 575 17.69 -24.98 28.72
N ASP B 576 16.70 -25.35 27.94
CA ASP B 576 16.86 -25.33 26.49
C ASP B 576 17.12 -23.89 26.03
N GLN B 577 17.97 -23.73 25.01
CA GLN B 577 18.21 -22.42 24.43
C GLN B 577 17.59 -22.26 23.01
N ILE B 578 17.03 -23.30 22.44
CA ILE B 578 16.43 -23.16 21.14
C ILE B 578 15.07 -22.46 21.23
N GLU B 579 14.82 -21.52 20.36
CA GLU B 579 13.51 -20.88 20.30
C GLU B 579 12.39 -21.90 20.08
N ASP B 580 11.30 -21.68 20.78
CA ASP B 580 10.04 -22.43 20.57
C ASP B 580 10.12 -23.77 21.32
N VAL B 581 11.19 -24.14 22.02
CA VAL B 581 11.19 -25.42 22.75
C VAL B 581 10.60 -25.26 24.15
N SER B 582 9.27 -25.13 24.24
CA SER B 582 8.56 -25.03 25.50
C SER B 582 8.37 -26.41 26.10
N HIS B 583 8.34 -26.46 27.41
CA HIS B 583 8.02 -27.65 28.15
C HIS B 583 6.76 -27.33 28.93
N GLY B 584 6.17 -28.39 29.47
CA GLY B 584 5.05 -28.24 30.38
C GLY B 584 5.22 -29.17 31.54
N PHE B 585 4.29 -29.09 32.49
CA PHE B 585 4.36 -29.93 33.67
C PHE B 585 2.91 -30.08 34.11
N VAL B 586 2.45 -31.33 34.18
CA VAL B 586 1.16 -31.66 34.61
C VAL B 586 1.32 -32.81 35.64
N VAL B 587 0.64 -32.69 36.77
CA VAL B 587 0.61 -33.81 37.72
C VAL B 587 -0.77 -34.45 37.56
N VAL B 588 -0.76 -35.73 37.24
CA VAL B 588 -2.01 -36.40 36.92
C VAL B 588 -2.99 -36.41 38.09
N ASN B 589 -4.20 -36.02 37.82
CA ASN B 589 -5.29 -36.07 38.82
C ASN B 589 -5.11 -35.16 40.01
N HIS B 590 -4.32 -34.10 39.87
CA HIS B 590 -4.12 -33.13 40.94
C HIS B 590 -4.49 -31.71 40.57
N GLY B 591 -4.91 -31.49 39.35
CA GLY B 591 -5.28 -30.17 38.89
C GLY B 591 -4.14 -29.24 38.74
N VAL B 592 -2.97 -29.76 38.30
CA VAL B 592 -1.74 -29.04 38.21
C VAL B 592 -1.30 -29.04 36.74
N SER B 593 -1.05 -27.83 36.19
CA SER B 593 -0.66 -27.61 34.80
C SER B 593 0.08 -26.32 34.66
N MET B 594 1.23 -26.30 33.97
CA MET B 594 1.91 -25.03 33.64
C MET B 594 2.87 -25.18 32.49
N GLU B 595 3.18 -24.06 31.91
CA GLU B 595 4.18 -23.87 30.81
C GLU B 595 5.49 -23.41 31.36
N ILE B 596 6.57 -23.85 30.75
CA ILE B 596 7.92 -23.37 31.02
C ILE B 596 8.61 -23.22 29.66
N SER B 597 8.68 -21.99 29.21
CA SER B 597 9.30 -21.68 27.93
C SER B 597 10.82 -21.53 28.07
N PRO B 598 11.54 -21.44 26.95
CA PRO B 598 13.02 -21.43 27.07
C PRO B 598 13.52 -20.33 27.98
N GLN B 599 14.37 -20.73 28.91
CA GLN B 599 15.02 -19.87 29.94
C GLN B 599 14.07 -19.30 30.98
N GLN B 600 12.80 -19.76 30.99
CA GLN B 600 11.86 -19.38 31.98
C GLN B 600 12.01 -20.24 33.23
N THR B 601 11.74 -19.61 34.40
CA THR B 601 11.47 -20.39 35.62
C THR B 601 9.98 -20.25 35.95
N SER B 602 9.29 -21.39 36.20
CA SER B 602 7.88 -21.37 36.60
C SER B 602 7.68 -22.28 37.77
N SER B 603 6.67 -22.00 38.58
CA SER B 603 6.47 -22.79 39.81
C SER B 603 5.00 -22.93 40.13
N ILE B 604 4.68 -23.99 40.85
CA ILE B 604 3.33 -24.33 41.14
C ILE B 604 3.27 -25.12 42.42
N THR B 605 2.22 -24.88 43.20
CA THR B 605 2.04 -25.41 44.53
C THR B 605 0.72 -26.18 44.64
N PHE B 606 0.76 -27.39 45.16
CA PHE B 606 -0.41 -28.21 45.27
C PHE B 606 -0.25 -29.12 46.52
N VAL B 607 -1.36 -29.69 46.98
CA VAL B 607 -1.31 -30.62 48.11
C VAL B 607 -1.33 -32.06 47.63
N ALA B 608 -0.42 -32.86 48.16
CA ALA B 608 -0.29 -34.24 47.81
C ALA B 608 -1.25 -35.01 48.72
N ASP B 609 -2.53 -34.91 48.38
CA ASP B 609 -3.60 -35.47 49.23
C ASP B 609 -3.94 -36.92 48.97
N LYS B 610 -3.27 -37.55 48.02
CA LYS B 610 -3.51 -38.93 47.70
C LYS B 610 -2.26 -39.81 47.84
N PRO B 611 -2.33 -40.85 48.68
CA PRO B 611 -1.18 -41.76 48.78
C PRO B 611 -0.98 -42.50 47.46
N GLY B 612 0.21 -43.04 47.28
CA GLY B 612 0.47 -43.85 46.11
C GLY B 612 1.42 -43.17 45.14
N LEU B 613 1.47 -43.77 43.98
CA LEU B 613 2.33 -43.28 42.86
C LEU B 613 1.49 -42.40 41.99
N HIS B 614 2.01 -41.22 41.69
CA HIS B 614 1.29 -40.26 40.85
C HIS B 614 2.23 -39.73 39.78
N TRP B 615 1.85 -39.96 38.54
CA TRP B 615 2.67 -39.58 37.45
C TRP B 615 2.62 -38.07 37.20
N TYR B 616 3.73 -37.55 36.70
CA TYR B 616 3.74 -36.24 36.08
C TYR B 616 4.37 -36.29 34.70
N TYR B 617 3.99 -35.36 33.82
CA TYR B 617 4.42 -35.43 32.44
C TYR B 617 4.54 -34.05 31.86
N CYS B 618 5.28 -34.00 30.78
CA CYS B 618 5.43 -32.75 29.99
C CYS B 618 4.27 -32.60 29.05
N SER B 619 3.57 -31.50 29.14
CA SER B 619 2.36 -31.35 28.29
C SER B 619 2.68 -30.70 26.93
N TRP B 620 3.85 -30.05 26.76
CA TRP B 620 4.14 -29.30 25.53
C TRP B 620 5.05 -30.14 24.64
N PHE B 621 4.56 -30.45 23.45
CA PHE B 621 5.25 -31.40 22.56
C PHE B 621 6.55 -30.69 22.20
N CYS B 622 7.66 -31.29 22.61
CA CYS B 622 8.96 -30.64 22.70
C CYS B 622 10.08 -31.41 22.00
N HIS B 623 9.84 -32.65 21.54
CA HIS B 623 10.89 -33.56 21.14
C HIS B 623 10.25 -34.80 20.66
N ALA B 624 10.99 -35.62 19.89
CA ALA B 624 10.50 -36.92 19.45
C ALA B 624 10.12 -37.87 20.58
N LEU B 625 10.80 -37.69 21.70
CA LEU B 625 10.61 -38.47 22.92
C LEU B 625 9.72 -37.77 23.98
N HIS B 626 8.89 -36.86 23.50
CA HIS B 626 7.96 -36.14 24.38
C HIS B 626 7.09 -37.04 25.26
N MET B 627 6.56 -38.11 24.70
CA MET B 627 5.63 -38.96 25.45
C MET B 627 6.35 -39.57 26.66
N GLU B 628 7.66 -39.76 26.52
CA GLU B 628 8.53 -40.30 27.54
C GLU B 628 9.10 -39.29 28.52
N MET B 629 8.78 -38.00 28.37
CA MET B 629 9.26 -36.94 29.29
C MET B 629 8.25 -36.91 30.47
N VAL B 630 8.49 -37.77 31.42
CA VAL B 630 7.68 -38.04 32.57
C VAL B 630 8.48 -38.16 33.83
N GLY B 631 7.76 -38.24 34.93
CA GLY B 631 8.36 -38.49 36.19
C GLY B 631 7.30 -39.06 37.14
N ARG B 632 7.75 -39.36 38.36
CA ARG B 632 6.89 -39.99 39.35
C ARG B 632 7.00 -39.31 40.72
N MET B 633 5.84 -38.93 41.24
CA MET B 633 5.72 -38.47 42.64
C MET B 633 5.24 -39.67 43.49
N MET B 634 6.01 -40.04 44.51
CA MET B 634 5.59 -41.11 45.38
C MET B 634 5.11 -40.58 46.73
N VAL B 635 3.89 -40.90 47.14
CA VAL B 635 3.30 -40.27 48.33
C VAL B 635 3.09 -41.36 49.42
N GLU B 636 3.82 -41.20 50.51
CA GLU B 636 3.77 -42.23 51.58
C GLU B 636 2.52 -41.95 52.43
N PRO B 637 1.76 -42.98 52.74
CA PRO B 637 0.51 -42.73 53.42
C PRO B 637 0.70 -42.23 54.82
N ALA B 638 -0.29 -41.47 55.26
CA ALA B 638 -0.35 -41.00 56.65
C ALA B 638 -0.40 -42.29 57.59
N LYS C 57 -11.26 -26.51 -9.19
CA LYS C 57 -10.44 -26.80 -7.99
C LYS C 57 -11.13 -26.23 -6.71
N GLN C 58 -10.67 -26.72 -5.56
CA GLN C 58 -11.33 -26.45 -4.29
C GLN C 58 -11.17 -24.99 -3.91
N LYS C 59 -12.22 -24.32 -3.47
CA LYS C 59 -12.07 -22.89 -3.10
C LYS C 59 -11.50 -22.77 -1.66
N ILE C 60 -10.63 -21.81 -1.47
CA ILE C 60 -9.93 -21.65 -0.21
C ILE C 60 -10.53 -20.44 0.60
N HIS C 61 -10.90 -19.42 -0.16
CA HIS C 61 -11.36 -18.20 0.47
C HIS C 61 -12.85 -18.25 0.65
N VAL C 62 -13.33 -17.99 1.85
CA VAL C 62 -14.76 -17.90 2.10
C VAL C 62 -15.06 -16.45 2.38
N GLY C 63 -15.71 -15.79 1.43
CA GLY C 63 -15.89 -14.34 1.50
C GLY C 63 -17.12 -14.00 2.42
N PRO C 64 -17.34 -12.71 2.64
CA PRO C 64 -18.40 -12.24 3.52
C PRO C 64 -19.72 -12.71 3.02
N GLY C 65 -20.49 -13.31 3.91
CA GLY C 65 -21.79 -13.83 3.53
C GLY C 65 -21.79 -15.22 2.94
N GLU C 66 -20.63 -15.79 2.68
CA GLU C 66 -20.51 -17.19 2.27
C GLU C 66 -20.20 -18.05 3.50
N LEU C 67 -20.56 -19.32 3.47
CA LEU C 67 -20.32 -20.24 4.55
C LEU C 67 -19.29 -21.28 4.22
N ASP C 68 -18.62 -21.79 5.27
CA ASP C 68 -17.71 -22.89 5.11
C ASP C 68 -18.45 -24.16 4.68
N ASP C 69 -17.69 -25.09 4.13
CA ASP C 69 -18.21 -26.38 3.67
C ASP C 69 -18.22 -27.50 4.74
N TYR C 70 -17.23 -27.44 5.68
CA TYR C 70 -17.07 -28.43 6.69
C TYR C 70 -17.00 -27.74 8.04
N TYR C 71 -17.49 -28.41 9.03
CA TYR C 71 -17.15 -28.11 10.44
C TYR C 71 -15.82 -28.80 10.77
N GLY C 72 -14.97 -28.10 11.52
CA GLY C 72 -13.79 -28.76 12.10
C GLY C 72 -13.93 -28.71 13.60
N PHE C 73 -13.65 -29.81 14.28
CA PHE C 73 -13.68 -29.85 15.74
C PHE C 73 -12.25 -30.11 16.16
N TRP C 74 -11.63 -29.08 16.74
CA TRP C 74 -10.27 -29.05 17.15
C TRP C 74 -10.21 -29.38 18.62
N SER C 75 -9.27 -30.21 18.99
CA SER C 75 -8.95 -30.31 20.37
C SER C 75 -8.32 -29.02 20.88
N GLY C 76 -8.53 -28.70 22.16
CA GLY C 76 -7.89 -27.46 22.74
C GLY C 76 -6.56 -27.75 23.33
N GLY C 77 -6.15 -29.01 23.28
CA GLY C 77 -4.96 -29.41 23.93
C GLY C 77 -4.90 -29.11 25.39
N HIS C 78 -3.75 -28.65 25.90
CA HIS C 78 -3.55 -28.31 27.31
C HIS C 78 -4.38 -27.16 27.80
N GLN C 79 -5.14 -26.47 26.92
CA GLN C 79 -6.03 -25.45 27.34
C GLN C 79 -7.37 -26.00 27.76
N GLY C 80 -7.74 -27.19 27.26
CA GLY C 80 -8.82 -27.90 27.83
C GLY C 80 -10.18 -27.84 27.19
N GLU C 81 -10.34 -27.00 26.17
CA GLU C 81 -11.63 -26.82 25.51
C GLU C 81 -11.69 -27.57 24.17
N VAL C 82 -12.84 -27.53 23.51
CA VAL C 82 -13.01 -27.92 22.12
C VAL C 82 -13.34 -26.69 21.32
N ARG C 83 -12.77 -26.57 20.12
CA ARG C 83 -12.97 -25.39 19.28
C ARG C 83 -13.63 -25.81 17.96
N VAL C 84 -14.64 -25.07 17.58
CA VAL C 84 -15.37 -25.36 16.34
C VAL C 84 -14.83 -24.38 15.33
N LEU C 85 -14.31 -24.94 14.23
CA LEU C 85 -13.81 -24.13 13.16
C LEU C 85 -14.67 -24.35 11.88
N GLY C 86 -14.65 -23.36 10.98
CA GLY C 86 -15.10 -23.62 9.63
C GLY C 86 -13.96 -23.99 8.75
N VAL C 87 -14.19 -24.93 7.85
CA VAL C 87 -13.19 -25.33 6.89
C VAL C 87 -13.78 -25.12 5.50
N PRO C 88 -13.10 -24.45 4.58
CA PRO C 88 -11.64 -24.24 4.60
C PRO C 88 -11.14 -22.84 5.05
N SER C 89 -11.98 -21.97 5.61
CA SER C 89 -11.51 -20.67 6.07
C SER C 89 -10.54 -20.82 7.24
N MET C 90 -10.75 -21.87 8.02
CA MET C 90 -10.02 -22.16 9.25
C MET C 90 -10.30 -21.16 10.35
N ARG C 91 -11.41 -20.44 10.27
CA ARG C 91 -11.81 -19.47 11.28
C ARG C 91 -12.43 -20.19 12.45
N GLU C 92 -12.17 -19.70 13.68
CA GLU C 92 -12.83 -20.30 14.86
C GLU C 92 -14.21 -19.71 15.04
N LEU C 93 -15.23 -20.53 14.89
CA LEU C 93 -16.61 -20.09 15.02
C LEU C 93 -17.08 -20.14 16.48
N MET C 94 -16.57 -21.10 17.26
CA MET C 94 -17.07 -21.23 18.63
C MET C 94 -16.06 -21.97 19.52
N ARG C 95 -16.13 -21.70 20.77
CA ARG C 95 -15.39 -22.45 21.77
C ARG C 95 -16.39 -23.17 22.69
N ILE C 96 -16.15 -24.43 22.93
CA ILE C 96 -16.99 -25.27 23.79
C ILE C 96 -16.15 -25.60 25.02
N PRO C 97 -16.49 -25.02 26.16
CA PRO C 97 -15.73 -25.33 27.37
C PRO C 97 -15.96 -26.77 27.82
N VAL C 98 -14.90 -27.46 28.24
CA VAL C 98 -14.95 -28.83 28.68
C VAL C 98 -14.23 -29.02 30.00
N PHE C 99 -12.93 -28.94 30.01
CA PHE C 99 -12.16 -29.13 31.21
C PHE C 99 -11.67 -27.83 31.79
N ASN C 100 -11.70 -26.78 30.98
CA ASN C 100 -11.39 -25.43 31.41
C ASN C 100 -12.54 -24.77 32.13
N VAL C 101 -12.22 -23.72 32.83
CA VAL C 101 -13.21 -22.88 33.40
C VAL C 101 -13.35 -21.69 32.48
N ASP C 102 -14.56 -21.46 31.97
CA ASP C 102 -14.88 -20.38 31.06
C ASP C 102 -15.59 -19.24 31.71
N SER C 103 -14.90 -18.12 31.84
CA SER C 103 -15.45 -16.91 32.44
C SER C 103 -16.70 -16.40 31.66
N ALA C 104 -16.75 -16.62 30.36
CA ALA C 104 -17.77 -16.04 29.54
C ALA C 104 -19.12 -16.72 29.81
N THR C 105 -19.21 -18.01 29.59
CA THR C 105 -20.44 -18.76 29.74
C THR C 105 -20.65 -19.17 31.22
N GLY C 106 -19.62 -19.08 32.04
CA GLY C 106 -19.69 -19.60 33.40
C GLY C 106 -19.44 -21.09 33.59
N TRP C 107 -19.05 -21.79 32.53
CA TRP C 107 -18.72 -23.24 32.62
C TRP C 107 -17.59 -23.45 33.64
N GLY C 108 -17.87 -24.26 34.65
CA GLY C 108 -17.02 -24.46 35.80
C GLY C 108 -17.44 -23.67 37.00
N LEU C 109 -18.28 -22.65 36.81
CA LEU C 109 -18.83 -21.83 37.89
C LEU C 109 -20.31 -22.12 38.11
N THR C 110 -21.07 -22.35 37.05
CA THR C 110 -22.50 -22.55 37.16
C THR C 110 -22.84 -23.91 37.80
N ASN C 111 -24.02 -23.99 38.37
CA ASN C 111 -24.45 -25.27 38.94
C ASN C 111 -24.65 -26.36 37.91
N GLU C 112 -25.07 -25.98 36.71
CA GLU C 112 -25.31 -27.00 35.66
C GLU C 112 -24.01 -27.64 35.24
N SER C 113 -22.98 -26.79 35.04
CA SER C 113 -21.64 -27.30 34.60
C SER C 113 -21.01 -28.10 35.72
N ARG C 114 -21.09 -27.62 36.95
CA ARG C 114 -20.39 -28.32 38.03
C ARG C 114 -21.06 -29.66 38.30
N HIS C 115 -22.36 -29.74 38.09
CA HIS C 115 -23.11 -30.99 38.23
C HIS C 115 -22.59 -32.01 37.19
N ILE C 116 -22.43 -31.56 35.95
CA ILE C 116 -21.92 -32.43 34.87
C ILE C 116 -20.48 -32.92 35.19
N MET C 117 -19.65 -32.00 35.68
CA MET C 117 -18.23 -32.30 36.00
C MET C 117 -18.10 -33.16 37.30
N GLY C 118 -19.11 -33.14 38.16
CA GLY C 118 -19.04 -33.92 39.41
C GLY C 118 -17.94 -33.44 40.30
N ASP C 119 -17.29 -34.37 40.99
CA ASP C 119 -16.23 -34.00 41.94
C ASP C 119 -15.08 -33.32 41.16
N SER C 120 -14.88 -33.68 39.90
CA SER C 120 -13.81 -33.12 39.08
C SER C 120 -13.98 -31.65 38.76
N ALA C 121 -15.13 -31.05 39.11
CA ALA C 121 -15.29 -29.57 39.09
C ALA C 121 -14.23 -28.86 39.98
N LYS C 122 -13.56 -29.56 40.89
CA LYS C 122 -12.48 -28.93 41.68
C LYS C 122 -11.23 -28.61 40.79
N PHE C 123 -11.12 -29.23 39.64
CA PHE C 123 -9.95 -29.05 38.78
C PHE C 123 -10.25 -27.97 37.75
N LEU C 124 -9.29 -27.09 37.54
CA LEU C 124 -9.43 -25.98 36.60
C LEU C 124 -8.68 -26.21 35.31
N ASN C 125 -8.25 -27.47 35.08
CA ASN C 125 -7.42 -27.79 33.91
C ASN C 125 -7.85 -29.08 33.26
N GLY C 126 -7.36 -29.26 32.06
CA GLY C 126 -7.47 -30.52 31.32
C GLY C 126 -6.44 -30.55 30.27
N ASP C 127 -6.32 -31.67 29.62
CA ASP C 127 -5.34 -31.80 28.54
C ASP C 127 -5.99 -32.74 27.51
N CYS C 128 -6.53 -32.12 26.45
CA CYS C 128 -7.31 -32.88 25.50
C CYS C 128 -6.66 -33.02 24.13
N HIS C 129 -6.78 -34.19 23.52
CA HIS C 129 -6.00 -34.54 22.39
C HIS C 129 -6.84 -35.02 21.20
N HIS C 130 -7.87 -35.77 21.45
CA HIS C 130 -8.44 -36.73 20.48
C HIS C 130 -9.97 -36.56 20.40
N PRO C 131 -10.46 -35.63 19.57
CA PRO C 131 -11.92 -35.48 19.38
C PRO C 131 -12.46 -36.42 18.30
N HIS C 132 -13.55 -37.07 18.61
CA HIS C 132 -14.20 -38.04 17.73
C HIS C 132 -15.69 -37.92 17.74
N ILE C 133 -16.26 -38.06 16.57
CA ILE C 133 -17.68 -37.92 16.35
C ILE C 133 -18.38 -39.29 16.22
N SER C 134 -19.51 -39.46 16.89
CA SER C 134 -20.23 -40.72 16.94
C SER C 134 -20.69 -41.12 15.52
N MET C 135 -20.72 -42.41 15.31
CA MET C 135 -21.01 -43.00 14.01
C MET C 135 -22.17 -44.04 14.07
N THR C 136 -22.85 -44.17 12.95
CA THR C 136 -23.85 -45.20 12.72
C THR C 136 -23.47 -45.85 11.38
N ASP C 137 -23.27 -47.16 11.39
CA ASP C 137 -22.85 -47.91 10.22
C ASP C 137 -21.63 -47.34 9.52
N GLY C 138 -20.62 -46.93 10.31
CA GLY C 138 -19.37 -46.49 9.71
C GLY C 138 -19.40 -45.12 9.08
N LYS C 139 -20.41 -44.30 9.40
CA LYS C 139 -20.54 -42.93 8.93
C LYS C 139 -20.91 -42.01 10.08
N TYR C 140 -20.48 -40.76 10.01
CA TYR C 140 -20.76 -39.81 11.12
C TYR C 140 -22.26 -39.61 11.25
N ASP C 141 -22.78 -39.65 12.47
CA ASP C 141 -24.17 -39.41 12.65
C ASP C 141 -24.48 -38.07 13.29
N GLY C 142 -23.45 -37.34 13.69
CA GLY C 142 -23.64 -36.01 14.16
C GLY C 142 -24.31 -35.88 15.55
N LYS C 143 -24.39 -36.93 16.30
CA LYS C 143 -25.03 -36.83 17.56
C LYS C 143 -24.08 -36.29 18.66
N TYR C 144 -22.93 -36.93 18.79
CA TYR C 144 -21.98 -36.63 19.89
C TYR C 144 -20.56 -36.47 19.41
N LEU C 145 -19.81 -35.72 20.19
CA LEU C 145 -18.35 -35.64 20.06
C LEU C 145 -17.78 -36.05 21.41
N PHE C 146 -16.75 -36.88 21.40
CA PHE C 146 -16.09 -37.32 22.63
C PHE C 146 -14.65 -36.88 22.59
N ILE C 147 -14.10 -36.56 23.78
CA ILE C 147 -12.70 -36.17 23.93
C ILE C 147 -12.14 -36.64 25.27
N ASN C 148 -10.83 -36.85 25.28
CA ASN C 148 -10.08 -37.29 26.43
C ASN C 148 -9.62 -36.09 27.24
N ASP C 149 -9.29 -36.40 28.47
CA ASP C 149 -8.48 -35.54 29.34
C ASP C 149 -7.35 -36.36 29.95
N LYS C 150 -6.15 -36.09 29.48
CA LYS C 150 -4.95 -36.79 29.98
C LYS C 150 -4.58 -36.31 31.38
N ALA C 151 -4.86 -35.03 31.69
CA ALA C 151 -4.42 -34.44 32.96
C ALA C 151 -5.14 -35.02 34.15
N ASN C 152 -6.47 -35.08 34.10
CA ASN C 152 -7.28 -35.56 35.25
C ASN C 152 -8.10 -36.80 34.93
N SER C 153 -7.71 -37.55 33.94
CA SER C 153 -8.17 -38.92 33.65
C SER C 153 -9.70 -39.00 33.39
N ARG C 154 -10.16 -38.20 32.45
CA ARG C 154 -11.57 -38.08 32.14
C ARG C 154 -11.86 -38.28 30.70
N VAL C 155 -13.14 -38.59 30.46
CA VAL C 155 -13.72 -38.56 29.13
C VAL C 155 -14.94 -37.63 29.20
N ALA C 156 -15.09 -36.80 28.18
CA ALA C 156 -16.23 -35.91 28.10
C ALA C 156 -16.99 -36.13 26.82
N ARG C 157 -18.28 -35.94 26.92
CA ARG C 157 -19.21 -35.97 25.76
C ARG C 157 -19.76 -34.59 25.50
N ILE C 158 -19.74 -34.21 24.24
CA ILE C 158 -20.37 -32.97 23.76
C ILE C 158 -21.60 -33.37 22.90
N ARG C 159 -22.71 -32.76 23.19
CA ARG C 159 -23.89 -32.88 22.33
C ARG C 159 -23.82 -31.88 21.21
N LEU C 160 -23.76 -32.38 19.99
CA LEU C 160 -23.55 -31.54 18.85
C LEU C 160 -24.75 -30.67 18.47
N ASP C 161 -25.94 -30.94 18.98
CA ASP C 161 -27.09 -30.09 18.67
C ASP C 161 -27.03 -28.75 19.41
N ILE C 162 -26.51 -28.77 20.65
CA ILE C 162 -26.40 -27.56 21.48
C ILE C 162 -24.96 -27.03 21.60
N MET C 163 -23.99 -27.82 21.12
CA MET C 163 -22.53 -27.50 21.18
C MET C 163 -22.11 -27.20 22.61
N LYS C 164 -22.45 -28.13 23.50
CA LYS C 164 -22.04 -28.01 24.91
C LYS C 164 -21.68 -29.42 25.35
N CYS C 165 -20.75 -29.48 26.28
CA CYS C 165 -20.47 -30.67 27.04
C CYS C 165 -21.67 -31.02 27.95
N ASP C 166 -22.20 -32.22 27.81
CA ASP C 166 -23.38 -32.62 28.54
C ASP C 166 -23.14 -33.79 29.52
N LYS C 167 -21.97 -34.45 29.43
CA LYS C 167 -21.62 -35.55 30.35
C LYS C 167 -20.11 -35.61 30.45
N MET C 168 -19.67 -36.11 31.59
CA MET C 168 -18.25 -36.25 31.82
C MET C 168 -18.06 -37.36 32.83
N ILE C 169 -17.00 -38.15 32.69
CA ILE C 169 -16.70 -39.22 33.59
C ILE C 169 -15.23 -39.22 33.97
N THR C 170 -14.95 -39.39 35.22
CA THR C 170 -13.60 -39.74 35.70
C THR C 170 -13.41 -41.26 35.58
N VAL C 171 -12.50 -41.72 34.76
CA VAL C 171 -12.29 -43.17 34.59
C VAL C 171 -11.67 -43.75 35.87
N PRO C 172 -12.31 -44.78 36.45
CA PRO C 172 -11.79 -45.24 37.76
C PRO C 172 -10.52 -46.10 37.68
N ASN C 173 -9.71 -46.00 38.73
CA ASN C 173 -8.55 -46.87 38.91
C ASN C 173 -7.51 -46.76 37.80
N VAL C 174 -7.38 -45.58 37.20
CA VAL C 174 -6.38 -45.35 36.14
C VAL C 174 -5.71 -43.99 36.27
N GLN C 175 -4.60 -43.80 35.55
CA GLN C 175 -4.01 -42.49 35.37
C GLN C 175 -3.71 -42.20 33.94
N ALA C 176 -4.26 -41.09 33.47
CA ALA C 176 -3.99 -40.36 32.22
C ALA C 176 -4.73 -40.96 31.06
N ILE C 177 -5.91 -40.42 30.70
CA ILE C 177 -6.63 -40.90 29.56
C ILE C 177 -6.11 -40.20 28.31
N HIS C 178 -5.48 -40.98 27.43
CA HIS C 178 -4.82 -40.43 26.27
C HIS C 178 -5.53 -40.81 25.01
N GLY C 179 -5.17 -41.94 24.43
CA GLY C 179 -5.84 -42.38 23.23
C GLY C 179 -7.32 -42.55 23.46
N LEU C 180 -8.08 -42.12 22.44
CA LEU C 180 -9.54 -42.29 22.50
C LEU C 180 -10.06 -42.44 21.10
N ARG C 181 -10.94 -43.37 20.86
CA ARG C 181 -11.67 -43.47 19.58
C ARG C 181 -12.96 -44.25 19.82
N LEU C 182 -13.82 -44.23 18.82
CA LEU C 182 -15.18 -44.67 18.92
C LEU C 182 -15.43 -45.91 18.13
N GLN C 183 -16.28 -46.79 18.68
CA GLN C 183 -16.81 -47.89 17.88
C GLN C 183 -17.49 -47.33 16.61
N LYS C 184 -17.23 -47.96 15.48
CA LYS C 184 -17.78 -47.50 14.21
C LYS C 184 -19.05 -48.22 13.72
N VAL C 185 -19.14 -49.50 14.04
CA VAL C 185 -20.17 -50.41 13.46
C VAL C 185 -20.58 -51.37 14.55
N PRO C 186 -21.88 -51.62 14.69
CA PRO C 186 -22.95 -51.01 13.92
C PRO C 186 -23.25 -49.59 14.23
N HIS C 187 -22.77 -49.14 15.39
CA HIS C 187 -22.83 -47.70 15.76
C HIS C 187 -21.89 -47.51 16.94
N THR C 188 -21.81 -46.26 17.39
CA THR C 188 -20.95 -45.97 18.52
C THR C 188 -21.67 -46.42 19.82
N LYS C 189 -21.52 -47.66 20.17
CA LYS C 189 -22.02 -48.13 21.43
C LYS C 189 -21.04 -47.84 22.54
N TYR C 190 -19.76 -48.07 22.24
CA TYR C 190 -18.67 -47.83 23.16
C TYR C 190 -17.73 -46.73 22.69
N VAL C 191 -17.24 -45.98 23.68
CA VAL C 191 -16.08 -45.12 23.56
C VAL C 191 -14.89 -45.89 24.13
N PHE C 192 -13.83 -46.01 23.36
CA PHE C 192 -12.64 -46.77 23.83
C PHE C 192 -11.60 -45.74 24.22
N ALA C 193 -11.01 -45.91 25.40
CA ALA C 193 -10.07 -44.95 25.94
C ALA C 193 -8.90 -45.64 26.63
N ASN C 194 -7.70 -45.19 26.25
CA ASN C 194 -6.47 -45.69 26.77
C ASN C 194 -6.09 -44.98 28.08
N ALA C 195 -5.75 -45.72 29.14
CA ALA C 195 -4.99 -45.14 30.25
C ALA C 195 -3.49 -45.38 30.02
N GLU C 196 -2.72 -44.29 30.01
CA GLU C 196 -1.32 -44.34 29.59
C GLU C 196 -0.36 -44.90 30.59
N PHE C 197 -0.54 -44.60 31.86
CA PHE C 197 0.49 -44.82 32.82
C PHE C 197 0.20 -46.02 33.76
N ILE C 198 1.22 -46.84 33.92
CA ILE C 198 1.17 -48.04 34.76
C ILE C 198 1.14 -47.61 36.22
N ILE C 199 0.17 -48.11 36.99
CA ILE C 199 0.08 -47.81 38.40
C ILE C 199 -0.13 -49.03 39.29
N PRO C 200 0.16 -48.88 40.56
CA PRO C 200 -0.16 -50.04 41.48
C PRO C 200 -1.65 -50.16 41.72
N HIS C 201 -2.09 -51.42 41.99
CA HIS C 201 -3.48 -51.64 42.34
C HIS C 201 -3.51 -52.55 43.60
N PRO C 202 -3.91 -52.03 44.76
CA PRO C 202 -4.41 -50.65 44.95
C PRO C 202 -3.25 -49.67 44.99
N ASN C 203 -3.55 -48.39 44.79
CA ASN C 203 -2.49 -47.39 44.83
C ASN C 203 -2.50 -46.68 46.18
N ASP C 204 -2.12 -47.42 47.21
CA ASP C 204 -2.30 -46.97 48.57
C ASP C 204 -1.01 -46.57 49.25
N GLY C 205 0.06 -46.58 48.51
CA GLY C 205 1.37 -46.15 48.99
C GLY C 205 2.26 -47.25 49.51
N LYS C 206 1.80 -48.49 49.46
CA LYS C 206 2.61 -49.63 50.00
C LYS C 206 3.61 -50.11 48.98
N VAL C 207 3.20 -50.17 47.73
CA VAL C 207 4.04 -50.62 46.63
C VAL C 207 4.11 -49.54 45.59
N PHE C 208 5.29 -49.19 45.11
CA PHE C 208 5.39 -48.17 44.00
C PHE C 208 5.96 -48.78 42.74
N ASP C 209 6.38 -50.01 42.83
CA ASP C 209 7.17 -50.66 41.76
C ASP C 209 6.31 -51.00 40.56
N LEU C 210 6.72 -50.58 39.40
CA LEU C 210 5.95 -50.91 38.16
C LEU C 210 5.98 -52.37 37.75
N GLN C 211 6.95 -53.12 38.25
CA GLN C 211 7.16 -54.52 37.88
C GLN C 211 6.37 -55.42 38.79
N ASP C 212 5.80 -54.90 39.87
CA ASP C 212 4.93 -55.72 40.73
C ASP C 212 3.81 -56.36 39.93
N GLU C 213 3.35 -57.54 40.36
CA GLU C 213 2.28 -58.23 39.62
C GLU C 213 0.94 -57.44 39.61
N ASN C 214 0.75 -56.55 40.58
CA ASN C 214 -0.47 -55.78 40.57
C ASN C 214 -0.28 -54.34 40.09
N SER C 215 0.84 -54.09 39.41
CA SER C 215 1.09 -52.81 38.74
C SER C 215 0.78 -53.00 37.28
N TYR C 216 -0.14 -52.17 36.77
CA TYR C 216 -0.58 -52.26 35.39
C TYR C 216 -1.38 -51.04 34.98
N THR C 217 -1.67 -50.98 33.72
CA THR C 217 -2.75 -50.09 33.22
C THR C 217 -3.81 -50.92 32.48
N MET C 218 -4.88 -50.23 32.12
CA MET C 218 -6.09 -50.83 31.59
C MET C 218 -6.59 -50.06 30.37
N TYR C 219 -7.17 -50.82 29.43
CA TYR C 219 -7.99 -50.30 28.38
C TYR C 219 -9.38 -50.15 28.87
N ASN C 220 -10.07 -49.10 28.48
CA ASN C 220 -11.36 -48.73 29.05
C ASN C 220 -12.43 -48.55 27.98
N ALA C 221 -13.63 -49.10 28.23
CA ALA C 221 -14.76 -48.89 27.42
C ALA C 221 -15.88 -48.23 28.19
N ILE C 222 -16.40 -47.14 27.62
CA ILE C 222 -17.45 -46.34 28.24
C ILE C 222 -18.66 -46.48 27.36
N ASP C 223 -19.81 -46.67 27.97
CA ASP C 223 -21.07 -46.71 27.24
C ASP C 223 -21.37 -45.31 26.74
N ALA C 224 -21.41 -45.14 25.42
CA ALA C 224 -21.52 -43.83 24.83
C ALA C 224 -22.78 -43.07 25.22
N GLU C 225 -23.90 -43.78 25.30
CA GLU C 225 -25.15 -43.17 25.55
C GLU C 225 -25.37 -42.88 27.02
N THR C 226 -24.94 -43.73 27.90
CA THR C 226 -25.17 -43.47 29.34
C THR C 226 -24.01 -42.70 29.98
N MET C 227 -22.84 -42.74 29.34
CA MET C 227 -21.59 -42.21 29.89
C MET C 227 -21.27 -42.78 31.25
N GLU C 228 -21.60 -44.05 31.47
CA GLU C 228 -21.07 -44.85 32.54
C GLU C 228 -20.06 -45.82 32.00
N MET C 229 -19.15 -46.30 32.85
CA MET C 229 -18.20 -47.37 32.39
C MET C 229 -18.93 -48.63 31.97
N ALA C 230 -18.42 -49.27 30.94
CA ALA C 230 -18.86 -50.58 30.52
C ALA C 230 -17.94 -51.66 31.01
N PHE C 231 -16.67 -51.54 30.73
CA PHE C 231 -15.70 -52.52 31.20
C PHE C 231 -14.27 -51.97 31.09
N GLN C 232 -13.37 -52.61 31.79
CA GLN C 232 -11.92 -52.38 31.67
C GLN C 232 -11.16 -53.69 31.41
N VAL C 233 -10.07 -53.62 30.64
CA VAL C 233 -9.28 -54.77 30.37
C VAL C 233 -7.82 -54.47 30.76
N ILE C 234 -7.29 -55.29 31.70
CA ILE C 234 -5.96 -55.18 32.16
C ILE C 234 -5.06 -55.63 31.08
N VAL C 235 -4.00 -54.86 30.80
CA VAL C 235 -3.05 -55.22 29.74
C VAL C 235 -1.64 -55.28 30.27
N ASP C 236 -0.81 -56.03 29.57
CA ASP C 236 0.66 -55.88 29.74
C ASP C 236 1.09 -54.54 29.16
N GLY C 237 2.25 -54.07 29.52
CA GLY C 237 2.77 -52.82 28.93
C GLY C 237 1.89 -51.60 29.25
N ASN C 238 1.85 -50.68 28.33
CA ASN C 238 1.07 -49.46 28.50
C ASN C 238 0.24 -49.21 27.22
N LEU C 239 -0.41 -48.05 27.11
CA LEU C 239 -1.31 -47.84 26.01
C LEU C 239 -1.09 -46.38 25.56
N ASP C 240 -1.02 -46.17 24.26
CA ASP C 240 -0.75 -44.88 23.70
C ASP C 240 -2.01 -44.44 22.88
N ASN C 241 -2.15 -44.84 21.62
CA ASN C 241 -3.34 -44.51 20.84
C ASN C 241 -4.20 -45.78 20.54
N THR C 242 -5.40 -45.56 20.01
CA THR C 242 -6.32 -46.67 19.77
C THR C 242 -7.26 -46.38 18.61
N ASP C 243 -7.71 -47.43 17.95
CA ASP C 243 -8.76 -47.34 16.95
C ASP C 243 -9.55 -48.63 16.95
N ALA C 244 -10.61 -48.62 16.12
CA ALA C 244 -11.60 -49.69 16.11
C ALA C 244 -11.78 -50.10 14.65
N ASP C 245 -12.25 -51.34 14.50
CA ASP C 245 -12.48 -51.87 13.11
C ASP C 245 -13.86 -51.39 12.55
N TYR C 246 -14.22 -51.94 11.40
CA TYR C 246 -15.53 -51.67 10.81
C TYR C 246 -16.56 -52.87 10.97
N THR C 247 -16.46 -53.58 12.09
CA THR C 247 -17.45 -54.63 12.44
C THR C 247 -17.95 -54.49 13.87
N GLY C 248 -17.15 -53.94 14.77
CA GLY C 248 -17.50 -53.91 16.20
C GLY C 248 -16.86 -55.01 16.98
N ARG C 249 -16.26 -55.97 16.32
CA ARG C 249 -15.57 -57.04 17.08
C ARG C 249 -14.18 -56.63 17.61
N PHE C 250 -13.40 -55.91 16.80
CA PHE C 250 -12.00 -55.70 17.16
C PHE C 250 -11.68 -54.20 17.42
N ALA C 251 -10.76 -54.01 18.35
CA ALA C 251 -10.13 -52.74 18.62
C ALA C 251 -8.67 -53.03 18.86
N ALA C 252 -7.86 -51.96 18.77
CA ALA C 252 -6.44 -52.11 18.82
C ALA C 252 -5.80 -50.86 19.43
N ALA C 253 -4.68 -51.08 20.16
CA ALA C 253 -3.95 -49.93 20.71
C ALA C 253 -2.45 -50.13 20.57
N THR C 254 -1.72 -49.06 20.41
CA THR C 254 -0.30 -49.09 20.54
C THR C 254 0.19 -49.09 21.94
N CYS C 255 1.38 -49.64 22.11
CA CYS C 255 2.08 -49.69 23.41
C CYS C 255 3.51 -49.26 23.21
N TYR C 256 4.04 -48.37 24.03
CA TYR C 256 5.49 -47.96 23.90
C TYR C 256 6.30 -48.41 25.05
N ASN C 257 5.67 -48.89 26.13
CA ASN C 257 6.40 -49.27 27.30
C ASN C 257 6.11 -50.74 27.58
N SER C 258 6.46 -51.60 26.64
CA SER C 258 6.33 -53.03 26.86
C SER C 258 7.30 -53.46 27.97
N GLU C 259 8.30 -52.61 28.24
CA GLU C 259 9.37 -52.89 29.18
C GLU C 259 8.91 -52.57 30.60
N LYS C 260 7.77 -51.89 30.75
CA LYS C 260 7.32 -51.43 32.06
C LYS C 260 8.44 -50.68 32.85
N ALA C 261 9.06 -49.73 32.19
CA ALA C 261 10.17 -49.00 32.75
C ALA C 261 9.70 -47.61 33.10
N PHE C 262 10.41 -46.89 33.95
CA PHE C 262 10.06 -45.47 34.17
C PHE C 262 11.12 -44.48 33.66
N ASP C 263 12.28 -45.07 33.28
CA ASP C 263 13.40 -44.31 32.73
C ASP C 263 13.41 -44.39 31.17
N LEU C 264 13.93 -43.34 30.58
CA LEU C 264 13.90 -43.16 29.14
C LEU C 264 14.58 -44.34 28.48
N GLY C 265 15.79 -44.70 28.94
CA GLY C 265 16.49 -45.82 28.34
C GLY C 265 15.75 -47.13 28.43
N GLY C 266 15.16 -47.38 29.60
CA GLY C 266 14.45 -48.63 29.89
C GLY C 266 13.22 -48.74 28.97
N MET C 267 12.61 -47.58 28.65
CA MET C 267 11.41 -47.59 27.80
C MET C 267 11.72 -47.82 26.31
N MET C 268 13.01 -47.84 25.95
CA MET C 268 13.45 -48.05 24.56
C MET C 268 14.32 -49.28 24.42
N ARG C 269 14.29 -50.20 25.41
CA ARG C 269 15.18 -51.33 25.44
C ARG C 269 14.84 -52.36 24.36
N ASN C 270 13.54 -52.57 24.13
CA ASN C 270 13.10 -53.56 23.15
C ASN C 270 13.02 -52.99 21.76
N GLU C 271 13.51 -53.71 20.75
CA GLU C 271 13.36 -53.18 19.39
CA GLU C 271 13.37 -53.26 19.37
C GLU C 271 11.89 -53.13 19.00
N ARG C 272 11.09 -54.05 19.52
CA ARG C 272 9.66 -54.08 19.26
C ARG C 272 8.87 -53.96 20.55
N ASP C 273 7.91 -53.02 20.59
CA ASP C 273 6.82 -53.10 21.59
C ASP C 273 5.70 -53.90 20.88
N TRP C 274 4.45 -53.41 20.92
CA TRP C 274 3.38 -54.10 20.23
C TRP C 274 2.22 -53.23 19.93
N VAL C 275 1.33 -53.77 19.11
CA VAL C 275 -0.05 -53.33 19.07
C VAL C 275 -0.81 -54.40 19.80
N VAL C 276 -1.58 -54.00 20.82
CA VAL C 276 -2.46 -54.95 21.47
C VAL C 276 -3.83 -54.92 20.76
N VAL C 277 -4.35 -56.07 20.41
CA VAL C 277 -5.66 -56.24 19.80
C VAL C 277 -6.62 -56.86 20.80
N PHE C 278 -7.81 -56.31 20.88
CA PHE C 278 -8.88 -56.73 21.73
C PHE C 278 -10.01 -57.34 20.95
N ASP C 279 -10.44 -58.51 21.46
CA ASP C 279 -11.64 -59.14 20.94
C ASP C 279 -12.81 -58.65 21.79
N ILE C 280 -13.42 -57.59 21.36
CA ILE C 280 -14.48 -56.94 22.11
C ILE C 280 -15.68 -57.91 22.29
N HIS C 281 -15.98 -58.73 21.30
CA HIS C 281 -17.05 -59.73 21.47
C HIS C 281 -16.77 -60.68 22.62
N ALA C 282 -15.52 -61.08 22.75
CA ALA C 282 -15.17 -62.01 23.80
C ALA C 282 -15.33 -61.26 25.17
N VAL C 283 -14.84 -59.98 25.20
CA VAL C 283 -14.98 -59.21 26.46
C VAL C 283 -16.46 -59.07 26.83
N GLU C 284 -17.26 -58.65 25.90
CA GLU C 284 -18.70 -58.46 26.12
C GLU C 284 -19.36 -59.70 26.67
N ALA C 285 -18.99 -60.83 26.09
CA ALA C 285 -19.56 -62.12 26.53
C ALA C 285 -19.20 -62.43 27.94
N ALA C 286 -17.92 -62.21 28.32
CA ALA C 286 -17.49 -62.50 29.65
C ALA C 286 -18.22 -61.55 30.65
N VAL C 287 -18.41 -60.28 30.26
CA VAL C 287 -19.14 -59.35 31.15
C VAL C 287 -20.62 -59.88 31.33
N LYS C 288 -21.28 -60.24 30.22
CA LYS C 288 -22.63 -60.81 30.35
C LYS C 288 -22.70 -62.04 31.26
N ALA C 289 -21.71 -62.91 31.17
CA ALA C 289 -21.68 -64.13 31.91
C ALA C 289 -21.21 -63.93 33.36
N GLY C 290 -20.80 -62.71 33.73
CA GLY C 290 -20.33 -62.47 35.06
C GLY C 290 -18.94 -62.92 35.38
N ASP C 291 -18.19 -63.23 34.35
CA ASP C 291 -16.81 -63.63 34.51
C ASP C 291 -15.88 -62.37 34.51
N PHE C 292 -15.86 -61.68 35.64
CA PHE C 292 -15.03 -60.47 35.80
C PHE C 292 -14.77 -60.22 37.27
N ILE C 293 -13.78 -59.39 37.57
CA ILE C 293 -13.55 -58.93 38.94
C ILE C 293 -13.84 -57.45 39.00
N THR C 294 -13.82 -56.90 40.21
CA THR C 294 -13.90 -55.46 40.37
C THR C 294 -12.72 -54.97 41.19
N LEU C 295 -12.39 -53.67 41.02
CA LEU C 295 -11.29 -53.06 41.72
C LEU C 295 -11.73 -51.92 42.62
N GLY C 296 -11.13 -51.83 43.79
CA GLY C 296 -11.41 -50.73 44.72
C GLY C 296 -12.90 -50.60 44.94
N ASP C 297 -13.37 -49.35 44.95
CA ASP C 297 -14.81 -49.14 45.15
C ASP C 297 -15.60 -48.99 43.86
N SER C 298 -15.03 -49.39 42.73
CA SER C 298 -15.75 -49.26 41.46
C SER C 298 -16.47 -50.59 41.17
N LYS C 299 -17.68 -50.52 40.66
CA LYS C 299 -18.41 -51.71 40.21
C LYS C 299 -18.07 -52.06 38.77
N THR C 300 -17.16 -51.32 38.12
CA THR C 300 -16.88 -51.59 36.72
C THR C 300 -16.31 -53.00 36.55
N PRO C 301 -16.84 -53.78 35.60
CA PRO C 301 -16.29 -55.06 35.28
C PRO C 301 -14.82 -54.95 34.73
N VAL C 302 -13.90 -55.69 35.30
CA VAL C 302 -12.53 -55.76 34.93
C VAL C 302 -12.16 -57.15 34.45
N LEU C 303 -11.65 -57.20 33.24
CA LEU C 303 -11.14 -58.42 32.59
C LEU C 303 -9.66 -58.44 32.57
N ASP C 304 -9.06 -59.62 32.67
CA ASP C 304 -7.59 -59.70 32.61
C ASP C 304 -7.12 -60.08 31.24
N GLY C 305 -6.54 -59.12 30.50
CA GLY C 305 -5.94 -59.33 29.18
C GLY C 305 -4.48 -59.53 29.14
N ARG C 306 -3.83 -59.73 30.27
CA ARG C 306 -2.40 -59.97 30.29
C ARG C 306 -2.08 -61.39 29.78
N LYS C 307 -0.91 -61.62 29.24
CA LYS C 307 -0.43 -62.98 29.06
C LYS C 307 -0.05 -63.60 30.41
N LYS C 308 -0.22 -64.91 30.54
CA LYS C 308 0.10 -65.59 31.80
C LYS C 308 1.03 -66.73 31.44
N ASP C 309 2.28 -66.62 31.90
CA ASP C 309 3.28 -67.65 31.68
C ASP C 309 3.29 -68.07 30.22
N GLY C 310 3.27 -67.07 29.34
CA GLY C 310 3.30 -67.30 27.92
C GLY C 310 1.95 -67.62 27.26
N LYS C 311 0.91 -67.83 28.05
CA LYS C 311 -0.38 -68.18 27.49
C LYS C 311 -1.24 -66.94 27.24
N ASP C 312 -1.84 -66.86 26.07
CA ASP C 312 -2.70 -65.75 25.73
C ASP C 312 -4.00 -65.73 26.48
N SER C 313 -4.47 -64.53 26.76
CA SER C 313 -5.80 -64.34 27.28
C SER C 313 -6.75 -64.52 26.08
N LYS C 314 -8.02 -64.83 26.38
CA LYS C 314 -9.08 -64.87 25.38
C LYS C 314 -9.39 -63.43 24.79
N PHE C 315 -9.02 -62.42 25.56
CA PHE C 315 -9.43 -61.04 25.19
C PHE C 315 -8.44 -60.32 24.31
N THR C 316 -7.18 -60.72 24.31
CA THR C 316 -6.11 -59.99 23.70
C THR C 316 -5.12 -60.81 22.87
N ARG C 317 -4.50 -60.17 21.89
CA ARG C 317 -3.30 -60.63 21.23
C ARG C 317 -2.33 -59.48 21.13
N TYR C 318 -1.06 -59.76 21.26
CA TYR C 318 -0.02 -58.78 21.29
C TYR C 318 0.84 -59.01 20.06
N VAL C 319 0.79 -58.06 19.11
CA VAL C 319 1.44 -58.17 17.82
C VAL C 319 2.70 -57.28 17.82
N PRO C 320 3.88 -57.91 17.71
CA PRO C 320 5.06 -57.10 17.91
C PRO C 320 5.24 -56.09 16.77
N VAL C 321 5.59 -54.88 17.19
CA VAL C 321 5.67 -53.68 16.27
C VAL C 321 6.82 -52.78 16.80
N PRO C 322 7.72 -52.34 15.91
CA PRO C 322 8.74 -51.40 16.35
C PRO C 322 8.29 -49.93 16.14
N LYS C 323 8.79 -48.94 16.89
CA LYS C 323 9.52 -49.07 18.13
C LYS C 323 9.02 -47.87 18.91
N ASN C 324 8.49 -48.13 20.08
CA ASN C 324 7.68 -47.14 20.83
C ASN C 324 6.64 -46.54 19.87
N PRO C 325 5.90 -47.42 19.16
CA PRO C 325 4.92 -46.93 18.22
C PRO C 325 3.82 -46.05 18.87
N HIS C 326 3.24 -45.18 18.06
CA HIS C 326 2.45 -44.10 18.54
C HIS C 326 1.05 -44.17 17.85
N GLY C 327 0.92 -43.62 16.64
CA GLY C 327 -0.39 -43.62 16.03
C GLY C 327 -0.94 -45.03 15.77
N CYS C 328 -2.24 -45.13 15.84
CA CYS C 328 -2.94 -46.43 15.60
C CYS C 328 -4.23 -46.04 14.86
N ASN C 329 -4.24 -46.24 13.56
CA ASN C 329 -5.25 -45.70 12.70
C ASN C 329 -5.86 -46.81 11.77
N THR C 330 -7.17 -46.86 11.71
CA THR C 330 -7.92 -47.82 10.91
C THR C 330 -8.15 -47.23 9.51
N SER C 331 -7.67 -47.92 8.49
CA SER C 331 -7.93 -47.47 7.13
C SER C 331 -9.43 -47.38 6.80
N SER C 332 -9.80 -46.48 5.88
CA SER C 332 -11.23 -46.21 5.67
C SER C 332 -12.00 -47.34 4.97
N ASP C 333 -11.26 -48.20 4.27
CA ASP C 333 -11.79 -49.44 3.69
C ASP C 333 -11.86 -50.57 4.67
N GLY C 334 -11.45 -50.32 5.94
CA GLY C 334 -11.54 -51.34 6.99
C GLY C 334 -10.56 -52.49 6.94
N LYS C 335 -9.59 -52.41 6.05
CA LYS C 335 -8.64 -53.47 5.87
C LYS C 335 -7.54 -53.52 6.90
N TYR C 336 -7.07 -52.37 7.37
CA TYR C 336 -5.87 -52.35 8.21
C TYR C 336 -5.99 -51.52 9.50
N PHE C 337 -5.35 -51.99 10.56
CA PHE C 337 -4.91 -51.11 11.66
C PHE C 337 -3.45 -50.75 11.27
N ILE C 338 -3.15 -49.47 11.19
CA ILE C 338 -1.80 -49.02 10.85
C ILE C 338 -1.13 -48.34 12.04
N ALA C 339 -0.07 -48.93 12.55
CA ALA C 339 0.70 -48.36 13.65
C ALA C 339 1.92 -47.56 13.20
N ALA C 340 2.03 -46.32 13.63
CA ALA C 340 3.16 -45.48 13.22
C ALA C 340 4.36 -45.81 14.11
N GLY C 341 5.50 -46.03 13.49
CA GLY C 341 6.63 -46.62 14.21
C GLY C 341 7.45 -45.76 15.11
N LYS C 342 7.31 -44.44 14.96
CA LYS C 342 8.02 -43.41 15.78
C LYS C 342 9.54 -43.57 15.80
N LEU C 343 10.09 -44.42 16.68
CA LEU C 343 11.54 -44.55 16.75
C LEU C 343 12.07 -45.41 15.64
N SER C 344 11.21 -46.21 15.05
CA SER C 344 11.47 -46.95 13.81
C SER C 344 10.88 -46.15 12.68
N PRO C 345 11.58 -46.05 11.54
CA PRO C 345 11.17 -45.18 10.46
C PRO C 345 10.12 -45.85 9.54
N THR C 346 9.14 -46.49 10.14
CA THR C 346 8.22 -47.38 9.49
C THR C 346 6.77 -47.12 9.97
N CYS C 347 5.79 -47.63 9.23
CA CYS C 347 4.50 -47.97 9.81
C CYS C 347 4.34 -49.50 9.72
N SER C 348 3.59 -50.09 10.62
CA SER C 348 3.27 -51.49 10.56
C SER C 348 1.77 -51.68 10.27
N MET C 349 1.42 -52.52 9.27
CA MET C 349 0.06 -52.74 8.78
C MET C 349 -0.44 -54.10 9.27
N ILE C 350 -1.45 -54.05 10.12
CA ILE C 350 -2.12 -55.23 10.59
C ILE C 350 -3.36 -55.54 9.78
N ALA C 351 -3.42 -56.76 9.19
CA ALA C 351 -4.60 -57.11 8.34
C ALA C 351 -5.76 -57.52 9.21
N ILE C 352 -6.79 -56.70 9.28
CA ILE C 352 -7.94 -56.96 10.13
C ILE C 352 -8.60 -58.31 9.78
N ASP C 353 -8.57 -58.65 8.48
CA ASP C 353 -9.02 -59.94 7.91
C ASP C 353 -8.46 -61.14 8.61
N LYS C 354 -7.22 -61.05 9.08
CA LYS C 354 -6.51 -62.15 9.69
C LYS C 354 -6.75 -62.29 11.16
N LEU C 355 -7.45 -61.34 11.79
CA LEU C 355 -7.60 -61.37 13.23
C LEU C 355 -8.44 -62.51 13.78
N PRO C 356 -9.55 -62.85 13.10
CA PRO C 356 -10.29 -64.06 13.54
C PRO C 356 -9.43 -65.31 13.61
N ASP C 357 -8.60 -65.53 12.59
CA ASP C 357 -7.63 -66.62 12.57
C ASP C 357 -6.58 -66.52 13.69
N LEU C 358 -6.11 -65.30 13.99
CA LEU C 358 -5.21 -65.12 15.07
C LEU C 358 -5.86 -65.53 16.39
N PHE C 359 -7.08 -65.10 16.64
CA PHE C 359 -7.71 -65.39 17.93
C PHE C 359 -8.15 -66.85 18.02
N ALA C 360 -8.30 -67.50 16.87
CA ALA C 360 -8.64 -68.93 16.81
C ALA C 360 -7.45 -69.88 16.90
N GLY C 361 -6.25 -69.34 16.92
CA GLY C 361 -5.03 -70.16 17.05
C GLY C 361 -4.57 -70.74 15.74
N LYS C 362 -5.07 -70.23 14.65
CA LYS C 362 -4.76 -70.75 13.34
C LYS C 362 -3.52 -70.17 12.74
N LEU C 363 -2.96 -69.11 13.33
CA LEU C 363 -1.68 -68.56 12.84
C LEU C 363 -0.53 -68.94 13.76
N ALA C 364 0.62 -69.17 13.17
CA ALA C 364 1.78 -69.66 13.94
C ALA C 364 2.36 -68.59 14.89
N ASP C 365 2.24 -67.31 14.54
CA ASP C 365 3.08 -66.28 15.14
C ASP C 365 2.17 -65.01 15.05
N PRO C 366 2.05 -64.22 16.13
CA PRO C 366 1.25 -63.00 16.03
C PRO C 366 1.75 -62.05 14.90
N ARG C 367 3.03 -62.08 14.58
CA ARG C 367 3.54 -61.29 13.43
C ARG C 367 2.92 -61.70 12.09
N ASP C 368 2.29 -62.86 12.01
CA ASP C 368 1.69 -63.24 10.75
C ASP C 368 0.52 -62.32 10.33
N VAL C 369 -0.04 -61.55 11.28
CA VAL C 369 -1.10 -60.60 10.86
C VAL C 369 -0.53 -59.32 10.31
N ILE C 370 0.79 -59.09 10.45
CA ILE C 370 1.44 -57.92 9.82
C ILE C 370 1.65 -58.27 8.36
N VAL C 371 1.12 -57.42 7.49
CA VAL C 371 1.22 -57.65 6.05
C VAL C 371 1.93 -56.58 5.29
N GLY C 372 2.33 -55.53 6.01
CA GLY C 372 3.12 -54.44 5.44
C GLY C 372 3.89 -53.70 6.55
N GLU C 373 5.08 -53.21 6.24
CA GLU C 373 5.90 -52.49 7.18
C GLU C 373 6.74 -51.52 6.40
N PRO C 374 6.11 -50.62 5.67
CA PRO C 374 6.84 -49.71 4.81
C PRO C 374 7.83 -48.78 5.55
N GLU C 375 9.01 -48.61 4.96
CA GLU C 375 9.96 -47.64 5.44
C GLU C 375 9.64 -46.28 4.82
N LEU C 376 9.30 -45.30 5.66
CA LEU C 376 8.71 -44.03 5.20
C LEU C 376 9.60 -42.83 5.46
N GLY C 377 10.38 -42.84 6.55
CA GLY C 377 11.11 -41.67 6.94
C GLY C 377 11.21 -41.51 8.46
N LEU C 378 11.87 -40.43 8.92
CA LEU C 378 12.16 -40.31 10.32
C LEU C 378 11.02 -39.74 11.15
N GLY C 379 10.68 -40.46 12.19
CA GLY C 379 9.65 -40.05 13.11
C GLY C 379 8.20 -40.21 12.74
N PRO C 380 7.81 -41.36 12.19
CA PRO C 380 6.37 -41.46 11.79
C PRO C 380 5.49 -41.48 13.01
N LEU C 381 4.48 -40.60 13.00
CA LEU C 381 3.61 -40.51 14.17
C LEU C 381 2.14 -40.92 14.01
N HIS C 382 1.54 -40.55 12.91
CA HIS C 382 0.06 -40.66 12.73
CA HIS C 382 0.08 -40.73 12.72
C HIS C 382 -0.17 -40.86 11.21
N THR C 383 -1.28 -41.50 10.88
CA THR C 383 -1.64 -41.80 9.52
C THR C 383 -3.11 -41.50 9.28
N THR C 384 -3.41 -40.99 8.10
CA THR C 384 -4.76 -40.79 7.67
C THR C 384 -4.92 -41.27 6.18
N PHE C 385 -6.13 -41.10 5.67
CA PHE C 385 -6.57 -41.84 4.45
C PHE C 385 -7.37 -40.97 3.52
N ASP C 386 -7.13 -41.08 2.23
CA ASP C 386 -7.95 -40.33 1.22
C ASP C 386 -9.18 -41.10 0.63
N GLY C 387 -9.33 -42.37 0.98
CA GLY C 387 -10.38 -43.19 0.39
C GLY C 387 -10.07 -43.62 -1.02
N ARG C 388 -8.86 -43.33 -1.51
CA ARG C 388 -8.43 -43.72 -2.86
C ARG C 388 -7.32 -44.74 -2.85
N GLY C 389 -7.03 -45.28 -1.68
CA GLY C 389 -5.98 -46.30 -1.53
C GLY C 389 -4.67 -45.75 -0.98
N ASN C 390 -4.59 -44.43 -0.76
CA ASN C 390 -3.38 -43.84 -0.20
C ASN C 390 -3.52 -43.58 1.30
N ALA C 391 -2.41 -43.73 2.01
CA ALA C 391 -2.22 -43.29 3.36
C ALA C 391 -1.31 -42.09 3.34
N TYR C 392 -1.48 -41.25 4.38
CA TYR C 392 -0.70 -40.03 4.54
C TYR C 392 -0.23 -40.08 5.98
N THR C 393 1.09 -39.98 6.16
CA THR C 393 1.73 -40.17 7.44
C THR C 393 2.60 -38.98 7.80
N THR C 394 2.59 -38.58 9.07
CA THR C 394 3.43 -37.46 9.52
C THR C 394 4.78 -38.04 9.85
N LEU C 395 5.80 -37.33 9.41
CA LEU C 395 7.18 -37.58 9.80
C LEU C 395 7.61 -36.42 10.66
N PHE C 396 7.65 -36.67 11.96
CA PHE C 396 7.98 -35.59 12.95
C PHE C 396 9.41 -35.05 12.75
N ILE C 397 10.39 -35.96 12.59
CA ILE C 397 11.80 -35.58 12.45
C ILE C 397 12.11 -34.99 11.10
N ASP C 398 11.65 -35.63 10.06
CA ASP C 398 11.87 -35.16 8.69
C ASP C 398 10.97 -33.97 8.37
N SER C 399 9.97 -33.71 9.23
CA SER C 399 9.06 -32.57 9.08
C SER C 399 8.33 -32.56 7.76
N GLN C 400 7.67 -33.69 7.50
CA GLN C 400 6.97 -33.87 6.29
C GLN C 400 5.69 -34.63 6.45
N VAL C 401 4.80 -34.53 5.47
CA VAL C 401 3.78 -35.52 5.27
C VAL C 401 4.21 -36.44 4.09
N VAL C 402 4.17 -37.73 4.31
CA VAL C 402 4.46 -38.72 3.25
C VAL C 402 3.21 -39.38 2.81
N LYS C 403 2.96 -39.26 1.49
CA LYS C 403 1.86 -39.95 0.85
C LYS C 403 2.38 -41.31 0.33
N TRP C 404 1.69 -42.37 0.65
CA TRP C 404 2.06 -43.73 0.21
C TRP C 404 0.90 -44.65 -0.10
N ASN C 405 1.15 -45.62 -1.00
CA ASN C 405 0.09 -46.47 -1.50
C ASN C 405 0.09 -47.75 -0.67
N MET C 406 -1.05 -48.07 -0.04
CA MET C 406 -1.09 -49.15 0.91
C MET C 406 -0.82 -50.54 0.31
N GLU C 407 -1.52 -50.83 -0.78
CA GLU C 407 -1.36 -52.14 -1.43
C GLU C 407 0.06 -52.35 -1.97
N GLU C 408 0.69 -51.30 -2.51
CA GLU C 408 2.10 -51.41 -2.91
C GLU C 408 3.02 -51.73 -1.73
N ALA C 409 2.74 -51.14 -0.56
CA ALA C 409 3.53 -51.47 0.62
C ALA C 409 3.36 -52.93 0.98
N VAL C 410 2.15 -53.46 0.81
CA VAL C 410 1.90 -54.87 1.09
C VAL C 410 2.75 -55.74 0.12
N ARG C 411 2.79 -55.35 -1.14
CA ARG C 411 3.64 -56.06 -2.11
C ARG C 411 5.11 -55.98 -1.76
N ALA C 412 5.58 -54.78 -1.34
CA ALA C 412 6.94 -54.65 -0.92
C ALA C 412 7.24 -55.53 0.25
N TYR C 413 6.27 -55.77 1.13
CA TYR C 413 6.57 -56.55 2.36
C TYR C 413 6.87 -58.00 1.97
N LYS C 414 6.24 -58.45 0.90
CA LYS C 414 6.50 -59.79 0.36
C LYS C 414 7.73 -59.82 -0.51
N GLY C 415 8.48 -58.72 -0.60
CA GLY C 415 9.79 -58.76 -1.22
C GLY C 415 9.87 -58.18 -2.63
N GLU C 416 8.73 -57.85 -3.22
CA GLU C 416 8.75 -57.17 -4.51
C GLU C 416 9.41 -55.78 -4.41
N LYS C 417 10.13 -55.40 -5.46
CA LYS C 417 10.63 -54.03 -5.57
C LYS C 417 9.55 -53.16 -6.23
N VAL C 418 8.87 -52.38 -5.42
CA VAL C 418 7.82 -51.48 -5.88
C VAL C 418 7.95 -50.23 -4.97
N ASN C 419 7.74 -49.05 -5.55
CA ASN C 419 7.97 -47.83 -4.78
C ASN C 419 6.63 -47.26 -4.33
N TYR C 420 6.31 -47.66 -3.10
CA TYR C 420 5.02 -47.28 -2.50
C TYR C 420 4.99 -45.81 -2.08
N ILE C 421 6.14 -45.13 -1.99
CA ILE C 421 6.15 -43.69 -1.66
C ILE C 421 5.81 -42.85 -2.87
N LYS C 422 4.78 -42.04 -2.74
CA LYS C 422 4.30 -41.21 -3.88
C LYS C 422 4.79 -39.78 -3.81
N GLN C 423 4.78 -39.21 -2.62
CA GLN C 423 5.25 -37.82 -2.47
C GLN C 423 5.57 -37.54 -1.00
N LYS C 424 6.54 -36.70 -0.76
CA LYS C 424 6.80 -36.12 0.56
C LYS C 424 6.65 -34.59 0.46
N LEU C 425 5.82 -34.02 1.31
CA LEU C 425 5.53 -32.59 1.31
C LEU C 425 6.10 -32.04 2.59
N ASP C 426 6.97 -31.07 2.47
CA ASP C 426 7.51 -30.35 3.65
C ASP C 426 6.41 -29.54 4.40
N VAL C 427 6.38 -29.68 5.72
CA VAL C 427 5.46 -28.93 6.56
C VAL C 427 6.26 -28.21 7.63
N HIS C 428 5.58 -27.28 8.32
CA HIS C 428 6.31 -26.28 9.03
C HIS C 428 5.82 -26.08 10.47
N TYR C 429 6.36 -26.76 11.48
CA TYR C 429 7.42 -27.74 11.42
C TYR C 429 7.12 -28.79 12.47
N GLN C 430 7.59 -30.00 12.26
CA GLN C 430 7.48 -31.12 13.24
C GLN C 430 6.00 -31.54 13.43
N PRO C 431 5.44 -32.20 12.44
CA PRO C 431 4.01 -32.55 12.51
C PRO C 431 3.75 -33.70 13.49
N GLY C 432 2.61 -33.61 14.16
CA GLY C 432 2.13 -34.65 15.02
C GLY C 432 1.03 -35.49 14.36
N HIS C 433 -0.21 -35.17 14.64
CA HIS C 433 -1.39 -35.76 14.02
C HIS C 433 -1.65 -35.06 12.69
N LEU C 434 -2.40 -35.76 11.86
CA LEU C 434 -2.96 -35.24 10.65
C LEU C 434 -4.32 -35.89 10.43
N HIS C 435 -5.12 -35.24 9.62
CA HIS C 435 -6.50 -35.63 9.50
C HIS C 435 -7.03 -35.27 8.10
N ALA C 436 -7.45 -36.29 7.36
CA ALA C 436 -8.10 -36.10 6.07
C ALA C 436 -9.63 -36.14 6.24
N SER C 437 -10.30 -35.30 5.51
CA SER C 437 -11.77 -35.20 5.59
C SER C 437 -12.50 -36.56 5.48
N LEU C 438 -13.29 -36.86 6.52
CA LEU C 438 -14.06 -38.06 6.67
C LEU C 438 -13.28 -39.34 6.72
N CYS C 439 -12.02 -39.23 7.14
CA CYS C 439 -11.08 -40.37 7.14
C CYS C 439 -11.48 -41.48 8.10
N GLU C 440 -12.22 -41.18 9.17
CA GLU C 440 -12.62 -42.21 10.12
C GLU C 440 -13.89 -42.98 9.73
N THR C 441 -14.34 -42.78 8.53
CA THR C 441 -15.61 -43.34 8.06
C THR C 441 -15.41 -43.96 6.69
N ASN C 442 -16.40 -44.75 6.28
CA ASN C 442 -16.34 -45.36 4.96
C ASN C 442 -16.71 -44.37 3.88
N GLU C 443 -16.89 -43.10 4.21
CA GLU C 443 -17.12 -42.01 3.24
C GLU C 443 -15.89 -41.12 3.00
N ALA C 444 -14.71 -41.52 3.51
CA ALA C 444 -13.46 -40.73 3.36
C ALA C 444 -13.44 -40.12 1.96
N ASP C 445 -13.35 -38.79 1.87
CA ASP C 445 -13.65 -38.14 0.56
C ASP C 445 -12.45 -37.59 -0.17
N GLY C 446 -11.28 -37.71 0.43
CA GLY C 446 -10.01 -37.31 -0.18
C GLY C 446 -9.91 -35.90 -0.62
N LYS C 447 -10.56 -34.97 0.06
CA LYS C 447 -10.54 -33.55 -0.35
C LYS C 447 -9.51 -32.68 0.42
N TRP C 448 -9.59 -32.71 1.74
CA TRP C 448 -8.79 -31.81 2.61
C TRP C 448 -8.01 -32.63 3.61
N LEU C 449 -6.85 -32.11 3.92
CA LEU C 449 -5.95 -32.74 4.90
C LEU C 449 -5.40 -31.60 5.75
N VAL C 450 -5.46 -31.80 7.05
CA VAL C 450 -4.83 -30.85 8.03
C VAL C 450 -3.71 -31.59 8.72
N ALA C 451 -2.52 -31.01 8.68
CA ALA C 451 -1.39 -31.48 9.40
C ALA C 451 -1.16 -30.49 10.56
N LEU C 452 -1.09 -31.05 11.79
CA LEU C 452 -0.96 -30.25 12.97
C LEU C 452 0.48 -30.28 13.53
N SER C 453 1.23 -29.23 13.22
CA SER C 453 2.66 -29.16 13.48
C SER C 453 2.97 -28.43 14.79
N LYS C 454 4.00 -28.88 15.46
CA LYS C 454 4.23 -28.46 16.82
C LYS C 454 5.10 -27.23 16.94
N PHE C 455 5.93 -26.91 15.98
CA PHE C 455 6.76 -25.71 16.07
C PHE C 455 6.41 -24.80 14.90
N SER C 456 6.12 -23.54 15.14
CA SER C 456 5.81 -22.70 14.04
C SER C 456 6.95 -21.75 13.65
N LYS C 457 7.94 -21.57 14.54
CA LYS C 457 9.22 -20.91 14.22
C LYS C 457 8.91 -19.58 13.54
N ASP C 458 9.26 -19.42 12.25
CA ASP C 458 9.13 -18.12 11.58
C ASP C 458 7.85 -17.96 10.75
N ARG C 459 6.85 -18.84 10.90
CA ARG C 459 5.74 -18.82 10.02
C ARG C 459 4.70 -17.74 10.29
N PHE C 460 4.75 -17.16 11.47
CA PHE C 460 3.80 -16.08 11.86
C PHE C 460 4.55 -14.95 12.55
N LEU C 461 3.95 -13.78 12.66
CA LEU C 461 4.55 -12.70 13.43
C LEU C 461 5.03 -13.18 14.79
N PRO C 462 6.19 -12.70 15.20
CA PRO C 462 6.66 -13.07 16.56
C PRO C 462 5.69 -12.58 17.64
N VAL C 463 5.48 -13.39 18.65
CA VAL C 463 4.56 -13.05 19.73
C VAL C 463 5.09 -13.37 21.09
N GLY C 464 6.41 -13.34 21.22
CA GLY C 464 7.08 -13.64 22.47
C GLY C 464 7.56 -15.08 22.52
N PRO C 465 8.05 -15.51 23.69
CA PRO C 465 8.69 -16.80 23.77
C PRO C 465 7.82 -17.96 23.53
N LEU C 466 6.52 -17.85 23.83
CA LEU C 466 5.58 -18.92 23.51
C LEU C 466 5.07 -18.70 22.09
N HIS C 467 5.16 -19.70 21.25
CA HIS C 467 4.72 -19.63 19.84
C HIS C 467 3.40 -20.40 19.65
N PRO C 468 2.63 -20.06 18.63
CA PRO C 468 1.47 -20.83 18.26
C PRO C 468 1.88 -22.16 17.57
N GLU C 469 0.96 -23.13 17.53
CA GLU C 469 1.10 -24.31 16.71
CA GLU C 469 1.06 -24.34 16.72
C GLU C 469 0.76 -23.88 15.28
N ASN C 470 1.18 -24.67 14.33
CA ASN C 470 0.84 -24.37 12.93
C ASN C 470 0.00 -25.53 12.41
N ASP C 471 -1.27 -25.31 12.22
CA ASP C 471 -2.16 -26.29 11.60
C ASP C 471 -2.33 -25.98 10.15
N GLN C 472 -1.73 -26.83 9.30
CA GLN C 472 -1.65 -26.48 7.89
C GLN C 472 -2.71 -27.23 7.08
N LEU C 473 -3.49 -26.48 6.30
CA LEU C 473 -4.46 -27.07 5.41
C LEU C 473 -3.80 -27.42 4.07
N ILE C 474 -4.01 -28.66 3.64
CA ILE C 474 -3.39 -29.20 2.45
C ILE C 474 -4.52 -29.78 1.55
N ASP C 475 -4.48 -29.42 0.28
CA ASP C 475 -5.43 -29.96 -0.70
C ASP C 475 -4.90 -31.29 -1.19
N ILE C 476 -5.66 -32.35 -0.95
CA ILE C 476 -5.31 -33.69 -1.35
C ILE C 476 -6.24 -34.27 -2.44
N SER C 477 -7.04 -33.41 -3.04
CA SER C 477 -8.04 -33.80 -4.01
C SER C 477 -7.42 -34.38 -5.30
N GLY C 478 -6.17 -34.04 -5.58
CA GLY C 478 -5.46 -34.53 -6.77
C GLY C 478 -4.27 -35.33 -6.44
N ASP C 479 -3.43 -35.59 -7.46
CA ASP C 479 -2.30 -36.50 -7.26
C ASP C 479 -1.20 -35.87 -6.46
N GLU C 480 -1.10 -34.55 -6.52
CA GLU C 480 -0.07 -33.80 -5.80
C GLU C 480 -0.72 -33.11 -4.54
N MET C 481 -0.23 -33.42 -3.37
CA MET C 481 -0.54 -32.60 -2.16
C MET C 481 -0.06 -31.17 -2.36
N LYS C 482 -0.92 -30.20 -2.09
CA LYS C 482 -0.60 -28.81 -2.18
C LYS C 482 -0.91 -28.09 -0.87
N LEU C 483 0.09 -27.41 -0.33
CA LEU C 483 -0.10 -26.63 0.92
C LEU C 483 -0.87 -25.37 0.62
N VAL C 484 -2.00 -25.14 1.26
CA VAL C 484 -2.77 -23.93 0.99
C VAL C 484 -2.90 -22.88 2.09
N HIS C 485 -2.84 -23.27 3.33
CA HIS C 485 -3.06 -22.34 4.46
C HIS C 485 -2.33 -22.73 5.70
N ASP C 486 -1.73 -21.72 6.36
CA ASP C 486 -1.09 -21.92 7.66
C ASP C 486 -2.04 -21.30 8.71
N GLY C 487 -2.53 -22.12 9.64
CA GLY C 487 -3.47 -21.69 10.64
C GLY C 487 -2.83 -21.74 12.03
N PRO C 488 -2.50 -20.59 12.56
CA PRO C 488 -1.92 -20.57 13.95
C PRO C 488 -2.95 -20.94 14.95
N THR C 489 -2.58 -21.71 15.95
CA THR C 489 -3.58 -22.09 16.96
C THR C 489 -2.87 -22.06 18.32
N PHE C 490 -3.69 -21.84 19.35
CA PHE C 490 -3.18 -21.72 20.68
C PHE C 490 -3.09 -23.07 21.34
N ALA C 491 -2.04 -23.33 22.14
CA ALA C 491 -2.14 -24.51 23.07
C ALA C 491 -2.20 -25.92 22.53
N GLU C 492 -1.68 -26.09 21.36
CA GLU C 492 -1.42 -27.39 20.94
C GLU C 492 -2.69 -28.26 20.85
N PRO C 493 -3.49 -27.93 19.87
CA PRO C 493 -4.46 -28.89 19.47
C PRO C 493 -3.76 -30.15 19.03
N HIS C 494 -4.18 -31.27 19.42
CA HIS C 494 -3.20 -32.28 18.89
C HIS C 494 -3.86 -32.80 17.57
N ASP C 495 -5.12 -33.17 17.65
CA ASP C 495 -5.82 -33.80 16.56
C ASP C 495 -7.09 -32.99 16.35
N CYS C 496 -7.71 -33.24 15.23
CA CYS C 496 -8.98 -32.59 14.91
C CYS C 496 -9.83 -33.55 14.11
N ILE C 497 -11.08 -33.17 13.90
CA ILE C 497 -11.98 -34.08 13.13
C ILE C 497 -12.87 -33.18 12.27
N MET C 498 -13.03 -33.49 11.00
CA MET C 498 -13.89 -32.73 10.15
C MET C 498 -15.23 -33.44 9.82
N ALA C 499 -16.33 -32.68 9.75
CA ALA C 499 -17.61 -33.26 9.36
C ALA C 499 -18.19 -32.34 8.23
N ARG C 500 -18.85 -32.93 7.26
CA ARG C 500 -19.62 -32.08 6.30
C ARG C 500 -20.64 -31.27 7.01
N ARG C 501 -20.86 -30.08 6.48
CA ARG C 501 -21.91 -29.22 6.95
C ARG C 501 -23.22 -29.96 7.15
N ASP C 502 -23.60 -30.82 6.17
CA ASP C 502 -24.86 -31.55 6.28
C ASP C 502 -24.87 -32.72 7.24
N GLN C 503 -23.76 -33.03 7.89
CA GLN C 503 -23.71 -34.02 8.94
C GLN C 503 -23.97 -33.47 10.35
N ILE C 504 -23.99 -32.16 10.49
CA ILE C 504 -24.20 -31.49 11.77
C ILE C 504 -25.53 -30.68 11.74
N LYS C 505 -26.40 -30.90 12.71
CA LYS C 505 -27.68 -30.14 12.79
C LYS C 505 -27.83 -29.50 14.15
N THR C 506 -27.80 -28.18 14.24
CA THR C 506 -27.81 -27.52 15.56
C THR C 506 -29.13 -26.86 15.85
N LYS C 507 -29.39 -26.67 17.12
CA LYS C 507 -30.57 -25.97 17.58
C LYS C 507 -30.37 -24.47 17.48
N LYS C 508 -31.42 -23.74 17.13
CA LYS C 508 -31.34 -22.29 17.02
C LYS C 508 -31.56 -21.63 18.35
N ILE C 509 -32.40 -22.24 19.19
CA ILE C 509 -32.64 -21.82 20.52
C ILE C 509 -32.78 -23.05 21.39
N TRP C 510 -32.66 -22.88 22.70
CA TRP C 510 -32.77 -24.02 23.62
C TRP C 510 -34.21 -24.54 23.71
N ASP C 511 -34.35 -25.83 24.02
CA ASP C 511 -35.62 -26.42 24.42
C ASP C 511 -35.75 -26.27 25.91
N ARG C 512 -36.92 -25.84 26.38
CA ARG C 512 -37.15 -25.70 27.83
C ARG C 512 -37.04 -27.04 28.60
N ASN C 513 -37.15 -28.14 27.88
CA ASN C 513 -37.09 -29.49 28.43
C ASN C 513 -35.68 -30.10 28.36
N ASP C 514 -34.70 -29.31 27.89
CA ASP C 514 -33.37 -29.89 27.70
C ASP C 514 -32.78 -30.44 28.99
N PRO C 515 -32.24 -31.65 28.87
CA PRO C 515 -31.62 -32.27 30.05
C PRO C 515 -30.42 -31.54 30.64
N PHE C 516 -29.78 -30.66 29.87
CA PHE C 516 -28.63 -29.92 30.39
C PHE C 516 -28.96 -29.16 31.69
N PHE C 517 -30.18 -28.63 31.77
CA PHE C 517 -30.54 -27.88 32.99
C PHE C 517 -31.73 -28.49 33.72
N ALA C 518 -31.98 -29.74 33.42
CA ALA C 518 -33.06 -30.44 34.11
C ALA C 518 -32.95 -30.45 35.63
N PRO C 519 -31.78 -30.64 36.19
CA PRO C 519 -31.72 -30.56 37.65
C PRO C 519 -32.12 -29.22 38.23
N THR C 520 -31.84 -28.14 37.50
CA THR C 520 -32.29 -26.81 37.95
C THR C 520 -33.83 -26.70 37.86
N VAL C 521 -34.38 -27.27 36.78
CA VAL C 521 -35.82 -27.33 36.62
C VAL C 521 -36.47 -28.12 37.80
N GLU C 522 -35.78 -29.14 38.28
CA GLU C 522 -36.28 -29.93 39.44
C GLU C 522 -36.19 -29.19 40.75
N MET C 523 -35.11 -28.47 40.95
CA MET C 523 -34.95 -27.54 42.12
C MET C 523 -36.08 -26.49 42.11
N ALA C 524 -36.39 -25.94 40.92
CA ALA C 524 -37.43 -24.93 40.81
C ALA C 524 -38.78 -25.55 41.22
N LYS C 525 -39.04 -26.74 40.70
CA LYS C 525 -40.30 -27.45 40.98
C LYS C 525 -40.51 -27.62 42.47
N LYS C 526 -39.44 -28.04 43.15
CA LYS C 526 -39.50 -28.25 44.58
C LYS C 526 -39.81 -26.93 45.32
N ASP C 527 -39.45 -25.78 44.74
CA ASP C 527 -39.72 -24.51 45.36
C ASP C 527 -41.10 -23.92 44.91
N GLY C 528 -41.81 -24.63 44.06
CA GLY C 528 -43.09 -24.15 43.56
C GLY C 528 -42.91 -23.12 42.44
N ILE C 529 -41.74 -23.07 41.81
CA ILE C 529 -41.43 -22.03 40.82
C ILE C 529 -41.71 -22.53 39.39
N ASN C 530 -42.36 -21.71 38.60
CA ASN C 530 -42.51 -21.91 37.18
C ASN C 530 -41.45 -20.99 36.52
N LEU C 531 -40.40 -21.61 36.02
CA LEU C 531 -39.25 -20.84 35.55
C LEU C 531 -39.56 -19.92 34.37
N ASP C 532 -40.54 -20.33 33.53
CA ASP C 532 -40.95 -19.49 32.39
C ASP C 532 -41.59 -18.16 32.76
N THR C 533 -42.08 -18.04 34.02
CA THR C 533 -42.83 -16.84 34.42
C THR C 533 -42.37 -16.15 35.69
N ASP C 534 -41.71 -16.84 36.62
CA ASP C 534 -41.64 -16.32 37.96
C ASP C 534 -40.44 -15.48 38.24
N ASN C 535 -40.69 -14.48 39.12
CA ASN C 535 -39.67 -13.58 39.56
C ASN C 535 -39.85 -13.52 41.04
N LYS C 536 -39.08 -14.34 41.76
CA LYS C 536 -39.31 -14.56 43.19
C LYS C 536 -38.03 -14.88 43.91
N VAL C 537 -37.98 -14.52 45.19
CA VAL C 537 -36.82 -14.87 46.02
C VAL C 537 -37.28 -15.84 47.10
N ILE C 538 -36.72 -17.03 47.08
CA ILE C 538 -37.08 -18.12 48.02
C ILE C 538 -36.00 -18.10 49.11
N ARG C 539 -36.41 -18.10 50.35
CA ARG C 539 -35.55 -18.12 51.53
C ARG C 539 -35.52 -19.54 52.08
N ASP C 540 -34.34 -20.03 52.44
CA ASP C 540 -34.21 -21.39 52.98
C ASP C 540 -33.07 -21.45 53.97
N GLY C 541 -33.32 -20.97 55.18
CA GLY C 541 -32.25 -20.96 56.19
C GLY C 541 -31.27 -19.87 55.79
N ASN C 542 -29.99 -20.24 55.71
CA ASN C 542 -28.96 -19.33 55.25
C ASN C 542 -28.72 -19.45 53.73
N LYS C 543 -29.62 -20.08 53.03
CA LYS C 543 -29.65 -20.13 51.56
C LYS C 543 -30.71 -19.20 51.05
N VAL C 544 -30.45 -18.54 49.91
CA VAL C 544 -31.38 -17.73 49.24
C VAL C 544 -31.35 -18.23 47.79
N ARG C 545 -32.49 -18.49 47.20
CA ARG C 545 -32.62 -18.88 45.81
C ARG C 545 -33.44 -17.80 45.07
N VAL C 546 -32.77 -17.02 44.26
CA VAL C 546 -33.41 -15.98 43.44
C VAL C 546 -33.74 -16.60 42.14
N TYR C 547 -34.99 -16.46 41.72
CA TYR C 547 -35.40 -16.90 40.39
C TYR C 547 -35.93 -15.67 39.63
N MET C 548 -35.43 -15.49 38.41
CA MET C 548 -35.94 -14.44 37.56
C MET C 548 -35.92 -14.82 36.12
N THR C 549 -36.79 -14.14 35.36
CA THR C 549 -36.75 -14.18 33.92
C THR C 549 -35.87 -13.05 33.45
N SER C 550 -35.38 -13.14 32.22
CA SER C 550 -34.69 -12.04 31.61
C SER C 550 -35.18 -11.85 30.17
N MET C 551 -35.32 -10.58 29.78
CA MET C 551 -35.80 -10.24 28.45
C MET C 551 -35.26 -8.84 28.20
N ALA C 552 -34.51 -8.66 27.10
CA ALA C 552 -33.79 -7.46 26.88
C ALA C 552 -34.68 -6.25 26.95
N PRO C 553 -34.33 -5.18 27.67
CA PRO C 553 -33.08 -4.97 28.35
C PRO C 553 -33.28 -4.98 29.90
N ALA C 554 -34.02 -5.97 30.43
CA ALA C 554 -34.35 -5.93 31.86
C ALA C 554 -34.32 -7.31 32.53
N PHE C 555 -33.61 -7.33 33.66
CA PHE C 555 -33.74 -8.47 34.55
C PHE C 555 -35.12 -8.41 35.18
N GLY C 556 -35.71 -9.58 35.43
CA GLY C 556 -37.04 -9.68 36.07
C GLY C 556 -37.08 -9.15 37.51
N VAL C 557 -35.95 -9.32 38.17
CA VAL C 557 -35.74 -8.84 39.48
C VAL C 557 -34.52 -7.92 39.50
N GLN C 558 -34.74 -6.67 39.84
CA GLN C 558 -33.73 -5.62 39.82
C GLN C 558 -33.12 -5.25 41.14
N GLU C 559 -33.66 -5.81 42.22
CA GLU C 559 -33.08 -5.69 43.52
C GLU C 559 -33.51 -6.85 44.39
N PHE C 560 -32.59 -7.35 45.20
CA PHE C 560 -32.92 -8.30 46.24
C PHE C 560 -31.99 -8.10 47.40
N THR C 561 -32.46 -8.53 48.58
CA THR C 561 -31.75 -8.29 49.82
C THR C 561 -31.49 -9.62 50.47
N VAL C 562 -30.28 -9.78 50.99
CA VAL C 562 -29.88 -10.99 51.72
C VAL C 562 -29.10 -10.63 52.97
N LYS C 563 -28.76 -11.61 53.78
CA LYS C 563 -27.92 -11.37 54.95
C LYS C 563 -26.47 -11.75 54.65
N GLN C 564 -25.56 -11.01 55.25
CA GLN C 564 -24.15 -11.33 55.15
C GLN C 564 -23.94 -12.78 55.48
N GLY C 565 -23.19 -13.47 54.64
CA GLY C 565 -22.93 -14.87 54.79
C GLY C 565 -23.87 -15.85 54.12
N ASP C 566 -25.00 -15.38 53.61
CA ASP C 566 -26.00 -16.23 52.96
C ASP C 566 -25.36 -16.81 51.70
N GLU C 567 -25.77 -18.03 51.40
CA GLU C 567 -25.37 -18.72 50.19
C GLU C 567 -26.47 -18.44 49.16
N VAL C 568 -26.15 -17.58 48.17
CA VAL C 568 -27.11 -17.09 47.23
C VAL C 568 -26.99 -17.89 45.91
N THR C 569 -28.10 -18.43 45.43
CA THR C 569 -28.20 -19.04 44.14
C THR C 569 -29.07 -18.15 43.27
N VAL C 570 -28.56 -17.74 42.14
CA VAL C 570 -29.33 -16.90 41.19
C VAL C 570 -29.61 -17.80 39.96
N THR C 571 -30.88 -17.98 39.63
CA THR C 571 -31.31 -18.83 38.50
C THR C 571 -32.05 -17.90 37.53
N ILE C 572 -31.55 -17.85 36.28
CA ILE C 572 -32.08 -16.92 35.29
C ILE C 572 -32.60 -17.71 34.13
N THR C 573 -33.80 -17.39 33.68
CA THR C 573 -34.36 -17.97 32.46
C THR C 573 -34.55 -16.91 31.38
N ASN C 574 -33.88 -17.03 30.25
CA ASN C 574 -33.92 -16.05 29.19
C ASN C 574 -35.15 -16.37 28.37
N ILE C 575 -36.12 -15.47 28.47
CA ILE C 575 -37.42 -15.68 27.76
C ILE C 575 -37.51 -14.89 26.49
N ASP C 576 -36.41 -14.25 26.03
CA ASP C 576 -36.37 -13.81 24.62
C ASP C 576 -36.47 -15.06 23.71
N GLN C 577 -37.13 -14.89 22.58
CA GLN C 577 -37.27 -16.02 21.61
C GLN C 577 -36.51 -15.77 20.31
N ILE C 578 -35.91 -14.60 20.16
CA ILE C 578 -35.20 -14.24 18.98
C ILE C 578 -33.83 -14.93 19.01
N GLU C 579 -33.47 -15.53 17.88
CA GLU C 579 -32.15 -16.13 17.78
C GLU C 579 -31.02 -15.12 18.08
N ASP C 580 -30.04 -15.59 18.83
CA ASP C 580 -28.81 -14.84 19.05
C ASP C 580 -29.01 -13.77 20.14
N VAL C 581 -30.19 -13.63 20.76
CA VAL C 581 -30.29 -12.67 21.89
C VAL C 581 -29.88 -13.29 23.25
N SER C 582 -28.56 -13.44 23.49
CA SER C 582 -28.06 -13.93 24.74
C SER C 582 -28.01 -12.84 25.79
N HIS C 583 -28.21 -13.22 27.05
CA HIS C 583 -27.97 -12.33 28.19
C HIS C 583 -26.85 -12.95 29.02
N GLY C 584 -26.34 -12.13 29.92
CA GLY C 584 -25.34 -12.58 30.89
C GLY C 584 -25.71 -12.11 32.28
N PHE C 585 -24.92 -12.50 33.27
CA PHE C 585 -25.16 -12.15 34.64
C PHE C 585 -23.79 -12.19 35.32
N VAL C 586 -23.39 -11.02 35.84
CA VAL C 586 -22.17 -10.86 36.57
C VAL C 586 -22.48 -10.15 37.85
N VAL C 587 -21.94 -10.64 38.96
CA VAL C 587 -22.04 -9.90 40.19
C VAL C 587 -20.69 -9.30 40.45
N VAL C 588 -20.66 -7.95 40.53
CA VAL C 588 -19.40 -7.22 40.62
C VAL C 588 -18.62 -7.64 41.90
N ASN C 589 -17.35 -7.96 41.72
CA ASN C 589 -16.38 -8.21 42.72
C ASN C 589 -16.75 -9.47 43.57
N HIS C 590 -17.51 -10.40 43.01
CA HIS C 590 -17.80 -11.64 43.67
C HIS C 590 -17.30 -12.88 42.90
N GLY C 591 -16.67 -12.67 41.73
CA GLY C 591 -16.27 -13.75 40.90
C GLY C 591 -17.33 -14.59 40.26
N VAL C 592 -18.46 -13.97 39.92
CA VAL C 592 -19.67 -14.58 39.43
C VAL C 592 -19.93 -14.11 37.99
N SER C 593 -20.03 -15.03 37.05
CA SER C 593 -20.29 -14.72 35.63
C SER C 593 -20.94 -15.93 34.97
N MET C 594 -21.96 -15.69 34.18
CA MET C 594 -22.55 -16.75 33.33
C MET C 594 -23.33 -16.18 32.15
N GLU C 595 -23.58 -17.07 31.21
CA GLU C 595 -24.37 -16.88 29.97
C GLU C 595 -25.72 -17.48 30.16
N ILE C 596 -26.73 -16.81 29.58
CA ILE C 596 -28.08 -17.41 29.46
C ILE C 596 -28.57 -17.07 28.04
N SER C 597 -28.53 -18.10 27.24
CA SER C 597 -28.94 -18.01 25.83
C SER C 597 -30.46 -18.11 25.70
N PRO C 598 -31.01 -17.84 24.52
CA PRO C 598 -32.46 -17.83 24.39
C PRO C 598 -33.09 -19.19 24.81
N GLN C 599 -34.05 -19.10 25.71
CA GLN C 599 -34.80 -20.20 26.30
C GLN C 599 -34.02 -21.08 27.25
N GLN C 600 -32.75 -20.68 27.56
CA GLN C 600 -31.96 -21.43 28.54
C GLN C 600 -32.35 -20.98 29.96
N THR C 601 -32.22 -21.91 30.88
CA THR C 601 -32.09 -21.56 32.30
C THR C 601 -30.69 -21.86 32.80
N SER C 602 -30.09 -20.90 33.53
CA SER C 602 -28.69 -21.13 34.06
C SER C 602 -28.71 -20.65 35.49
N SER C 603 -27.85 -21.24 36.31
CA SER C 603 -27.83 -20.85 37.72
C SER C 603 -26.45 -20.86 38.30
N ILE C 604 -26.25 -20.04 39.32
CA ILE C 604 -24.94 -19.87 39.89
C ILE C 604 -25.05 -19.58 41.36
N THR C 605 -24.12 -20.15 42.14
CA THR C 605 -24.15 -20.08 43.61
C THR C 605 -22.90 -19.39 44.16
N PHE C 606 -23.10 -18.46 45.09
CA PHE C 606 -21.99 -17.72 45.64
C PHE C 606 -22.34 -17.29 47.05
N VAL C 607 -21.35 -16.97 47.81
CA VAL C 607 -21.56 -16.43 49.16
C VAL C 607 -21.51 -14.92 49.20
N ALA C 608 -22.50 -14.33 49.84
CA ALA C 608 -22.59 -12.88 49.97
C ALA C 608 -21.80 -12.53 51.23
N ASP C 609 -20.49 -12.55 51.10
CA ASP C 609 -19.63 -12.33 52.27
C ASP C 609 -19.22 -10.88 52.50
N LYS C 610 -19.70 -9.98 51.67
CA LYS C 610 -19.46 -8.58 51.86
C LYS C 610 -20.76 -7.78 52.07
N PRO C 611 -20.87 -7.07 53.20
CA PRO C 611 -22.09 -6.28 53.43
C PRO C 611 -22.08 -5.10 52.49
N GLY C 612 -23.23 -4.52 52.27
CA GLY C 612 -23.40 -3.35 51.42
C GLY C 612 -24.15 -3.66 50.14
N LEU C 613 -24.05 -2.69 49.22
CA LEU C 613 -24.74 -2.75 47.97
C LEU C 613 -23.75 -3.23 46.93
N HIS C 614 -24.17 -4.24 46.15
CA HIS C 614 -23.33 -4.88 45.18
C HIS C 614 -24.10 -4.96 43.87
N TRP C 615 -23.54 -4.34 42.85
CA TRP C 615 -24.23 -4.33 41.58
C TRP C 615 -24.06 -5.63 40.83
N TYR C 616 -25.13 -5.95 40.08
CA TYR C 616 -25.06 -6.98 39.05
C TYR C 616 -25.46 -6.46 37.72
N TYR C 617 -24.92 -7.05 36.63
CA TYR C 617 -25.23 -6.55 35.31
C TYR C 617 -25.22 -7.65 34.30
N CYS C 618 -25.85 -7.37 33.18
CA CYS C 618 -25.85 -8.24 32.01
C CYS C 618 -24.57 -8.07 31.22
N SER C 619 -23.84 -9.13 31.03
CA SER C 619 -22.57 -9.03 30.39
C SER C 619 -22.67 -9.16 28.87
N TRP C 620 -23.73 -9.71 28.29
CA TRP C 620 -23.79 -10.01 26.85
C TRP C 620 -24.58 -8.89 26.15
N PHE C 621 -23.93 -8.20 25.23
CA PHE C 621 -24.51 -7.02 24.62
C PHE C 621 -25.72 -7.49 23.86
N CYS C 622 -26.88 -7.02 24.33
CA CYS C 622 -28.15 -7.54 23.99
C CYS C 622 -28.58 -6.07 23.80
N HIS C 623 -29.54 -5.78 23.06
CA HIS C 623 -30.07 -4.36 23.08
C HIS C 623 -29.28 -3.02 23.20
N ALA C 624 -29.86 -1.98 22.56
CA ALA C 624 -29.29 -0.63 22.67
C ALA C 624 -29.12 -0.12 24.11
N LEU C 625 -30.04 -0.60 24.95
CA LEU C 625 -30.08 -0.25 26.38
C LEU C 625 -29.38 -1.32 27.30
N HIS C 626 -28.50 -2.09 26.72
CA HIS C 626 -27.66 -3.07 27.42
C HIS C 626 -26.96 -2.55 28.65
N MET C 627 -26.34 -1.36 28.56
CA MET C 627 -25.59 -0.84 29.71
C MET C 627 -26.49 -0.69 30.89
N GLU C 628 -27.78 -0.40 30.63
CA GLU C 628 -28.79 -0.20 31.61
C GLU C 628 -29.48 -1.50 32.15
N MET C 629 -29.09 -2.69 31.66
CA MET C 629 -29.68 -3.95 32.16
C MET C 629 -28.88 -4.42 33.40
N VAL C 630 -29.24 -3.87 34.55
CA VAL C 630 -28.50 -3.97 35.79
C VAL C 630 -29.47 -4.22 36.97
N GLY C 631 -28.90 -4.51 38.08
CA GLY C 631 -29.63 -4.63 39.31
C GLY C 631 -28.71 -4.53 40.51
N ARG C 632 -29.30 -4.59 41.70
CA ARG C 632 -28.55 -4.41 42.94
C ARG C 632 -28.87 -5.51 43.96
N MET C 633 -27.83 -6.16 44.48
CA MET C 633 -27.94 -7.04 45.61
C MET C 633 -27.58 -6.21 46.88
N MET C 634 -28.47 -6.24 47.87
CA MET C 634 -28.22 -5.55 49.12
C MET C 634 -27.90 -6.60 50.23
N VAL C 635 -26.78 -6.42 50.92
CA VAL C 635 -26.33 -7.47 51.91
C VAL C 635 -26.32 -6.81 53.29
N GLU C 636 -27.17 -7.32 54.17
CA GLU C 636 -27.34 -6.70 55.49
C GLU C 636 -26.23 -7.17 56.37
N PRO C 637 -25.57 -6.27 57.10
CA PRO C 637 -24.44 -6.74 57.91
C PRO C 637 -24.87 -7.64 59.03
N ALA C 638 -23.99 -8.55 59.40
CA ALA C 638 -24.20 -9.33 60.58
C ALA C 638 -24.12 -8.34 61.80
N GLN D 58 12.07 15.48 -57.72
CA GLN D 58 11.39 15.35 -56.37
C GLN D 58 11.77 16.61 -55.56
N LYS D 59 10.82 17.53 -55.50
CA LYS D 59 11.08 18.80 -54.88
C LYS D 59 10.87 18.69 -53.35
N ILE D 60 11.74 19.39 -52.62
CA ILE D 60 11.58 19.46 -51.19
C ILE D 60 10.92 20.71 -50.69
N HIS D 61 10.78 21.76 -51.53
CA HIS D 61 10.23 23.01 -51.03
C HIS D 61 8.71 22.93 -50.93
N VAL D 62 8.17 23.25 -49.78
CA VAL D 62 6.75 23.28 -49.60
C VAL D 62 6.50 24.74 -49.21
N GLY D 63 5.97 25.51 -50.17
CA GLY D 63 5.80 26.91 -49.98
C GLY D 63 4.52 27.24 -49.15
N PRO D 64 4.35 28.52 -48.81
CA PRO D 64 3.16 28.95 -48.03
C PRO D 64 1.89 28.54 -48.74
N GLY D 65 1.03 27.92 -48.00
CA GLY D 65 -0.24 27.49 -48.53
C GLY D 65 -0.22 26.11 -49.17
N GLU D 66 0.97 25.52 -49.37
CA GLU D 66 1.12 24.19 -49.86
C GLU D 66 1.30 23.21 -48.68
N LEU D 67 0.92 21.96 -48.87
CA LEU D 67 1.00 20.96 -47.83
C LEU D 67 2.06 19.90 -48.13
N ASP D 68 2.59 19.31 -47.06
CA ASP D 68 3.44 18.17 -47.16
C ASP D 68 2.72 16.94 -47.77
N ASP D 69 3.49 16.01 -48.30
CA ASP D 69 3.04 14.74 -48.88
C ASP D 69 2.86 13.56 -47.93
N TYR D 70 3.76 13.52 -46.92
CA TYR D 70 3.79 12.45 -45.93
C TYR D 70 3.80 13.03 -44.54
N TYR D 71 3.20 12.31 -43.62
CA TYR D 71 3.46 12.47 -42.18
C TYR D 71 4.72 11.71 -41.79
N GLY D 72 5.56 12.32 -40.94
CA GLY D 72 6.70 11.61 -40.37
C GLY D 72 6.46 11.58 -38.83
N PHE D 73 6.64 10.44 -38.21
CA PHE D 73 6.53 10.33 -36.78
C PHE D 73 7.97 9.99 -36.30
N TRP D 74 8.52 10.94 -35.58
CA TRP D 74 9.85 10.88 -35.05
C TRP D 74 9.76 10.44 -33.61
N SER D 75 10.69 9.57 -33.26
CA SER D 75 10.90 9.30 -31.88
C SER D 75 11.48 10.56 -31.23
N GLY D 76 11.17 10.80 -29.94
CA GLY D 76 11.77 11.95 -29.21
C GLY D 76 13.06 11.59 -28.53
N GLY D 77 13.50 10.36 -28.68
CA GLY D 77 14.64 9.89 -27.96
C GLY D 77 14.58 10.07 -26.44
N HIS D 78 15.67 10.58 -25.85
CA HIS D 78 15.83 10.71 -24.41
C HIS D 78 14.91 11.78 -23.87
N GLN D 79 14.29 12.60 -24.76
CA GLN D 79 13.34 13.60 -24.35
C GLN D 79 11.98 13.07 -24.03
N GLY D 80 11.63 11.95 -24.62
CA GLY D 80 10.47 11.21 -24.17
C GLY D 80 9.20 11.35 -24.98
N GLU D 81 9.13 12.26 -25.96
CA GLU D 81 7.89 12.53 -26.68
C GLU D 81 7.90 11.82 -28.08
N VAL D 82 6.79 11.97 -28.83
CA VAL D 82 6.75 11.69 -30.25
C VAL D 82 6.54 13.02 -30.96
N ARG D 83 7.17 13.21 -32.10
CA ARG D 83 7.06 14.45 -32.87
C ARG D 83 6.43 14.08 -34.23
N VAL D 84 5.48 14.89 -34.68
CA VAL D 84 4.88 14.73 -35.95
C VAL D 84 5.55 15.76 -36.89
N LEU D 85 6.14 15.29 -37.97
CA LEU D 85 6.71 16.11 -38.95
C LEU D 85 5.92 16.03 -40.31
N GLY D 86 5.99 17.07 -41.10
CA GLY D 86 5.66 16.96 -42.51
C GLY D 86 6.87 16.64 -43.34
N VAL D 87 6.70 15.76 -44.32
CA VAL D 87 7.76 15.42 -45.22
C VAL D 87 7.23 15.76 -46.66
N PRO D 88 8.01 16.45 -47.48
CA PRO D 88 9.49 16.62 -47.34
C PRO D 88 9.97 17.95 -46.77
N SER D 89 9.11 18.81 -46.22
CA SER D 89 9.57 20.03 -45.63
C SER D 89 10.44 19.77 -44.39
N MET D 90 10.14 18.70 -43.71
CA MET D 90 10.79 18.30 -42.43
C MET D 90 10.49 19.24 -41.29
N ARG D 91 9.39 19.97 -41.38
CA ARG D 91 8.97 20.88 -40.34
C ARG D 91 8.18 20.08 -39.29
N GLU D 92 8.32 20.50 -38.05
CA GLU D 92 7.61 19.81 -36.98
C GLU D 92 6.21 20.41 -36.81
N LEU D 93 5.21 19.62 -37.05
CA LEU D 93 3.81 20.02 -36.98
C LEU D 93 3.21 19.91 -35.59
N MET D 94 3.66 18.95 -34.82
CA MET D 94 3.08 18.72 -33.51
C MET D 94 4.01 17.91 -32.62
N ARG D 95 3.85 18.10 -31.32
CA ARG D 95 4.52 17.23 -30.40
C ARG D 95 3.46 16.50 -29.56
N ILE D 96 3.66 15.22 -29.38
CA ILE D 96 2.75 14.37 -28.65
C ILE D 96 3.47 13.90 -27.40
N PRO D 97 3.06 14.39 -26.23
CA PRO D 97 3.74 13.97 -24.99
C PRO D 97 3.41 12.51 -24.69
N VAL D 98 4.42 11.78 -24.25
CA VAL D 98 4.28 10.36 -23.92
C VAL D 98 4.91 10.08 -22.58
N PHE D 99 6.24 10.09 -22.49
CA PHE D 99 6.89 9.77 -21.25
C PHE D 99 7.37 11.02 -20.52
N ASN D 100 7.41 12.14 -21.28
CA ASN D 100 7.74 13.44 -20.70
C ASN D 100 6.57 14.10 -20.00
N VAL D 101 6.84 15.10 -19.20
CA VAL D 101 5.82 15.89 -18.66
C VAL D 101 5.75 17.16 -19.51
N ASP D 102 4.57 17.49 -19.99
CA ASP D 102 4.40 18.65 -20.91
C ASP D 102 3.62 19.72 -20.24
N SER D 103 4.30 20.81 -19.98
CA SER D 103 3.73 22.05 -19.40
C SER D 103 2.53 22.56 -20.23
N ALA D 104 2.64 22.47 -21.57
CA ALA D 104 1.65 23.10 -22.41
C ALA D 104 0.27 22.44 -22.26
N THR D 105 0.19 21.17 -22.48
CA THR D 105 -1.06 20.46 -22.51
C THR D 105 -1.39 19.93 -21.15
N GLY D 106 -0.44 19.92 -20.20
CA GLY D 106 -0.65 19.27 -18.93
C GLY D 106 -0.43 17.79 -18.83
N TRP D 107 0.06 17.17 -19.90
CA TRP D 107 0.35 15.72 -19.86
C TRP D 107 1.37 15.42 -18.76
N GLY D 108 0.99 14.52 -17.84
CA GLY D 108 1.77 14.26 -16.66
C GLY D 108 1.25 14.99 -15.43
N LEU D 109 0.43 16.01 -15.61
CA LEU D 109 -0.18 16.77 -14.53
C LEU D 109 -1.67 16.50 -14.40
N THR D 110 -2.37 16.41 -15.54
CA THR D 110 -3.77 16.17 -15.57
C THR D 110 -4.16 14.81 -15.04
N ASN D 111 -5.41 14.71 -14.58
CA ASN D 111 -5.93 13.40 -14.12
C ASN D 111 -6.04 12.38 -15.22
N GLU D 112 -6.40 12.84 -16.41
CA GLU D 112 -6.59 11.89 -17.54
C GLU D 112 -5.24 11.27 -17.90
N SER D 113 -4.18 12.09 -17.98
CA SER D 113 -2.86 11.65 -18.43
C SER D 113 -2.27 10.72 -17.30
N ARG D 114 -2.42 11.15 -16.04
CA ARG D 114 -1.84 10.35 -15.00
C ARG D 114 -2.54 8.95 -14.88
N HIS D 115 -3.84 8.93 -15.17
CA HIS D 115 -4.60 7.69 -15.18
C HIS D 115 -4.02 6.74 -16.24
N ILE D 116 -3.77 7.26 -17.44
CA ILE D 116 -3.18 6.50 -18.54
C ILE D 116 -1.78 5.98 -18.18
N MET D 117 -0.97 6.81 -17.58
CA MET D 117 0.40 6.46 -17.15
C MET D 117 0.40 5.48 -15.92
N GLY D 118 -0.66 5.45 -15.16
CA GLY D 118 -0.70 4.56 -13.98
C GLY D 118 0.34 4.98 -12.94
N ASP D 119 0.88 3.97 -12.25
CA ASP D 119 1.89 4.23 -11.21
C ASP D 119 3.15 4.95 -11.82
N SER D 120 3.44 4.69 -13.11
CA SER D 120 4.57 5.30 -13.78
C SER D 120 4.45 6.80 -14.01
N ALA D 121 3.30 7.40 -13.71
CA ALA D 121 3.11 8.86 -13.63
C ALA D 121 4.14 9.51 -12.67
N LYS D 122 4.72 8.75 -11.74
CA LYS D 122 5.72 9.27 -10.87
C LYS D 122 7.06 9.61 -11.58
N PHE D 123 7.27 9.06 -12.74
CA PHE D 123 8.50 9.31 -13.55
C PHE D 123 8.30 10.48 -14.47
N LEU D 124 9.33 11.32 -14.52
CA LEU D 124 9.28 12.50 -15.40
C LEU D 124 10.13 12.32 -16.64
N ASN D 125 10.55 11.11 -16.93
CA ASN D 125 11.44 10.80 -18.04
C ASN D 125 11.05 9.56 -18.83
N GLY D 126 11.60 9.48 -20.03
CA GLY D 126 11.58 8.33 -20.82
C GLY D 126 12.68 8.32 -21.81
N ASP D 127 12.78 7.21 -22.53
CA ASP D 127 13.83 7.09 -23.54
C ASP D 127 13.26 6.31 -24.67
N CYS D 128 12.84 7.00 -25.73
CA CYS D 128 12.16 6.34 -26.83
C CYS D 128 12.96 6.28 -28.11
N HIS D 129 12.80 5.18 -28.81
CA HIS D 129 13.65 4.87 -29.94
C HIS D 129 12.85 4.55 -31.19
N HIS D 130 11.76 3.80 -31.05
CA HIS D 130 11.26 2.94 -32.14
C HIS D 130 9.73 3.14 -32.33
N PRO D 131 9.33 4.16 -33.13
CA PRO D 131 7.93 4.39 -33.43
C PRO D 131 7.46 3.51 -34.61
N HIS D 132 6.29 2.89 -34.47
CA HIS D 132 5.71 1.97 -35.45
C HIS D 132 4.19 2.16 -35.52
N ILE D 133 3.69 2.12 -36.76
CA ILE D 133 2.29 2.33 -37.05
C ILE D 133 1.59 0.97 -37.32
N SER D 134 0.42 0.79 -36.77
CA SER D 134 -0.34 -0.47 -36.89
C SER D 134 -0.68 -0.75 -38.36
N MET D 135 -0.72 -2.03 -38.64
CA MET D 135 -0.91 -2.52 -40.04
C MET D 135 -2.10 -3.53 -40.12
N THR D 136 -2.66 -3.56 -41.30
CA THR D 136 -3.69 -4.57 -41.70
C THR D 136 -3.23 -5.09 -43.05
N ASP D 137 -3.03 -6.40 -43.13
CA ASP D 137 -2.56 -7.04 -44.35
C ASP D 137 -1.26 -6.46 -44.89
N GLY D 138 -0.31 -6.17 -44.00
CA GLY D 138 0.98 -5.70 -44.43
C GLY D 138 1.03 -4.29 -44.95
N LYS D 139 -0.01 -3.48 -44.66
CA LYS D 139 -0.09 -2.08 -45.07
C LYS D 139 -0.48 -1.24 -43.86
N TYR D 140 -0.05 0.02 -43.77
CA TYR D 140 -0.42 0.85 -42.61
C TYR D 140 -1.92 1.06 -42.60
N ASP D 141 -2.53 0.95 -41.47
CA ASP D 141 -3.93 1.25 -41.36
C ASP D 141 -4.24 2.54 -40.62
N GLY D 142 -3.20 3.20 -40.12
CA GLY D 142 -3.37 4.51 -39.53
C GLY D 142 -4.06 4.57 -38.19
N LYS D 143 -4.25 3.44 -37.52
CA LYS D 143 -5.06 3.50 -36.32
C LYS D 143 -4.18 3.94 -35.09
N TYR D 144 -3.06 3.24 -34.91
CA TYR D 144 -2.19 3.42 -33.76
C TYR D 144 -0.73 3.61 -34.15
N LEU D 145 0.00 4.27 -33.24
CA LEU D 145 1.44 4.32 -33.24
C LEU D 145 1.88 3.79 -31.90
N PHE D 146 2.90 2.93 -31.90
CA PHE D 146 3.46 2.37 -30.67
C PHE D 146 4.91 2.77 -30.57
N ILE D 147 5.34 3.02 -29.34
CA ILE D 147 6.75 3.34 -29.02
C ILE D 147 7.21 2.77 -27.70
N ASN D 148 8.49 2.49 -27.61
CA ASN D 148 9.13 1.98 -26.42
C ASN D 148 9.58 3.10 -25.49
N ASP D 149 9.80 2.69 -24.26
CA ASP D 149 10.54 3.44 -23.27
C ASP D 149 11.61 2.58 -22.64
N LYS D 150 12.85 2.84 -23.04
CA LYS D 150 14.00 2.10 -22.45
C LYS D 150 14.28 2.46 -21.01
N ALA D 151 14.00 3.70 -20.58
CA ALA D 151 14.41 4.15 -19.26
C ALA D 151 13.56 3.54 -18.16
N ASN D 152 12.24 3.52 -18.33
CA ASN D 152 11.33 2.99 -17.31
C ASN D 152 10.46 1.80 -17.77
N SER D 153 10.95 1.11 -18.79
CA SER D 153 10.43 -0.23 -19.22
C SER D 153 8.97 -0.21 -19.59
N ARG D 154 8.59 0.66 -20.52
CA ARG D 154 7.21 0.82 -20.91
C ARG D 154 7.03 0.71 -22.39
N VAL D 155 5.78 0.48 -22.76
CA VAL D 155 5.30 0.62 -24.13
C VAL D 155 4.09 1.56 -24.06
N ALA D 156 4.04 2.47 -25.05
CA ALA D 156 2.94 3.39 -25.15
C ALA D 156 2.26 3.24 -26.47
N ARG D 157 0.98 3.53 -26.44
CA ARG D 157 0.15 3.56 -27.66
C ARG D 157 -0.36 4.98 -27.87
N ILE D 158 -0.20 5.47 -29.10
CA ILE D 158 -0.78 6.74 -29.50
C ILE D 158 -1.94 6.46 -30.50
N ARG D 159 -3.07 7.10 -30.22
CA ARG D 159 -4.18 7.05 -31.15
C ARG D 159 -4.00 8.14 -32.18
N LEU D 160 -3.89 7.71 -33.44
CA LEU D 160 -3.60 8.65 -34.53
C LEU D 160 -4.75 9.54 -34.90
N ASP D 161 -5.98 9.26 -34.47
CA ASP D 161 -7.07 10.17 -34.79
C ASP D 161 -7.03 11.45 -33.96
N ILE D 162 -6.59 11.33 -32.70
CA ILE D 162 -6.55 12.48 -31.79
C ILE D 162 -5.09 12.97 -31.52
N MET D 163 -4.10 12.18 -31.96
CA MET D 163 -2.68 12.44 -31.80
C MET D 163 -2.33 12.65 -30.33
N LYS D 164 -2.72 11.66 -29.53
CA LYS D 164 -2.48 11.66 -28.13
C LYS D 164 -2.10 10.23 -27.74
N CYS D 165 -1.28 10.08 -26.74
CA CYS D 165 -1.09 8.81 -26.08
C CYS D 165 -2.34 8.43 -25.31
N ASP D 166 -2.92 7.27 -25.61
CA ASP D 166 -4.12 6.84 -24.94
C ASP D 166 -3.97 5.60 -24.07
N LYS D 167 -2.84 4.90 -24.15
CA LYS D 167 -2.59 3.74 -23.27
C LYS D 167 -1.08 3.63 -23.03
N MET D 168 -0.73 3.07 -21.91
CA MET D 168 0.64 2.82 -21.60
C MET D 168 0.72 1.65 -20.62
N ILE D 169 1.77 0.84 -20.76
CA ILE D 169 1.95 -0.30 -19.93
C ILE D 169 3.39 -0.37 -19.47
N THR D 170 3.55 -0.64 -18.18
CA THR D 170 4.88 -1.02 -17.66
C THR D 170 5.06 -2.54 -17.86
N VAL D 171 6.03 -2.95 -18.66
CA VAL D 171 6.24 -4.41 -18.93
C VAL D 171 6.74 -5.08 -17.62
N PRO D 172 6.05 -6.12 -17.18
CA PRO D 172 6.41 -6.65 -15.88
C PRO D 172 7.65 -7.56 -15.88
N ASN D 173 8.40 -7.56 -14.78
CA ASN D 173 9.49 -8.47 -14.61
C ASN D 173 10.63 -8.38 -15.64
N VAL D 174 10.85 -7.14 -16.12
CA VAL D 174 11.94 -6.89 -17.03
C VAL D 174 12.59 -5.52 -16.77
N GLN D 175 13.73 -5.30 -17.41
CA GLN D 175 14.39 -4.00 -17.40
C GLN D 175 14.80 -3.63 -18.80
N ALA D 176 14.27 -2.47 -19.23
CA ALA D 176 14.66 -1.67 -20.44
C ALA D 176 14.02 -2.16 -21.70
N ILE D 177 12.93 -1.54 -22.10
CA ILE D 177 12.26 -1.89 -23.35
C ILE D 177 12.93 -1.14 -24.46
N HIS D 178 13.58 -1.85 -25.37
CA HIS D 178 14.37 -1.22 -26.44
C HIS D 178 13.74 -1.51 -27.78
N GLY D 179 14.10 -2.60 -28.40
CA GLY D 179 13.50 -2.99 -29.68
C GLY D 179 12.00 -3.13 -29.56
N LEU D 180 11.33 -2.63 -30.59
CA LEU D 180 9.85 -2.71 -30.68
C LEU D 180 9.44 -2.74 -32.12
N ARG D 181 8.59 -3.66 -32.51
CA ARG D 181 7.95 -3.66 -33.84
C ARG D 181 6.62 -4.40 -33.78
N LEU D 182 5.87 -4.27 -34.84
CA LEU D 182 4.47 -4.69 -34.86
C LEU D 182 4.30 -5.90 -35.76
N GLN D 183 3.41 -6.80 -35.35
CA GLN D 183 2.90 -7.81 -36.29
C GLN D 183 2.32 -7.14 -37.52
N LYS D 184 2.63 -7.67 -38.69
CA LYS D 184 2.20 -7.11 -39.95
C LYS D 184 0.91 -7.76 -40.58
N VAL D 185 0.78 -9.05 -40.38
CA VAL D 185 -0.21 -9.92 -41.09
C VAL D 185 -0.74 -10.94 -40.09
N PRO D 186 -2.06 -11.16 -40.03
CA PRO D 186 -3.06 -10.48 -40.83
C PRO D 186 -3.29 -9.02 -40.50
N HIS D 187 -2.90 -8.66 -39.28
CA HIS D 187 -2.94 -7.30 -38.80
C HIS D 187 -2.10 -7.24 -37.55
N THR D 188 -2.02 -6.02 -37.00
CA THR D 188 -1.23 -5.86 -35.76
C THR D 188 -2.05 -6.36 -34.57
N LYS D 189 -2.01 -7.68 -34.32
CA LYS D 189 -2.61 -8.20 -33.12
C LYS D 189 -1.68 -7.98 -31.94
N TYR D 190 -0.39 -8.22 -32.18
CA TYR D 190 0.64 -8.07 -31.16
C TYR D 190 1.63 -6.95 -31.49
N VAL D 191 2.04 -6.29 -30.43
CA VAL D 191 3.23 -5.46 -30.36
C VAL D 191 4.33 -6.32 -29.76
N PHE D 192 5.46 -6.40 -30.45
CA PHE D 192 6.58 -7.19 -29.93
C PHE D 192 7.58 -6.21 -29.38
N ALA D 193 8.10 -6.51 -28.21
CA ALA D 193 9.01 -5.60 -27.50
C ALA D 193 10.10 -6.37 -26.81
N ASN D 194 11.33 -5.96 -27.05
CA ASN D 194 12.54 -6.53 -26.46
C ASN D 194 12.82 -5.90 -25.11
N ALA D 195 13.05 -6.71 -24.08
CA ALA D 195 13.71 -6.22 -22.83
C ALA D 195 15.23 -6.50 -22.97
N GLU D 196 16.03 -5.45 -22.87
CA GLU D 196 17.43 -5.51 -23.25
C GLU D 196 18.34 -6.18 -22.18
N PHE D 197 18.04 -6.00 -20.90
CA PHE D 197 19.01 -6.29 -19.91
C PHE D 197 18.67 -7.53 -19.04
N ILE D 198 19.66 -8.40 -18.88
CA ILE D 198 19.48 -9.67 -18.14
C ILE D 198 19.37 -9.33 -16.65
N ILE D 199 18.35 -9.83 -15.97
CA ILE D 199 18.19 -9.60 -14.54
C ILE D 199 17.84 -10.89 -13.77
N PRO D 200 18.04 -10.88 -12.46
CA PRO D 200 17.60 -12.06 -11.64
C PRO D 200 16.09 -12.16 -11.53
N HIS D 201 15.57 -13.39 -11.41
CA HIS D 201 14.18 -13.63 -11.19
C HIS D 201 14.06 -14.61 -9.99
N PRO D 202 13.50 -14.18 -8.85
CA PRO D 202 13.05 -12.82 -8.60
C PRO D 202 14.23 -11.84 -8.39
N ASN D 203 13.95 -10.56 -8.52
CA ASN D 203 14.98 -9.57 -8.34
C ASN D 203 14.84 -8.90 -6.99
N ASP D 204 15.09 -9.68 -5.94
CA ASP D 204 14.75 -9.25 -4.60
C ASP D 204 15.97 -8.90 -3.75
N GLY D 205 17.14 -8.94 -4.34
CA GLY D 205 18.37 -8.52 -3.67
C GLY D 205 19.15 -9.67 -3.02
N LYS D 206 18.64 -10.90 -3.12
CA LYS D 206 19.35 -12.08 -2.61
C LYS D 206 20.38 -12.57 -3.60
N VAL D 207 20.04 -12.57 -4.89
CA VAL D 207 20.98 -13.07 -5.89
C VAL D 207 21.30 -11.96 -6.88
N PHE D 208 22.57 -11.64 -7.03
CA PHE D 208 22.98 -10.64 -8.03
C PHE D 208 23.71 -11.22 -9.19
N ASP D 209 23.95 -12.52 -9.14
CA ASP D 209 24.76 -13.18 -10.15
C ASP D 209 23.99 -13.30 -11.48
N LEU D 210 24.54 -12.77 -12.56
CA LEU D 210 23.87 -12.86 -13.84
C LEU D 210 24.05 -14.20 -14.58
N GLN D 211 24.91 -15.04 -14.04
CA GLN D 211 25.16 -16.38 -14.60
C GLN D 211 24.22 -17.37 -14.01
N ASP D 212 23.51 -16.99 -12.94
CA ASP D 212 22.50 -17.85 -12.33
C ASP D 212 21.49 -18.32 -13.35
N GLU D 213 20.97 -19.52 -13.13
CA GLU D 213 19.97 -20.08 -14.07
C GLU D 213 18.67 -19.26 -14.11
N ASN D 214 18.39 -18.49 -13.06
CA ASN D 214 17.20 -17.69 -13.07
C ASN D 214 17.47 -16.22 -13.41
N SER D 215 18.66 -15.94 -13.95
CA SER D 215 19.00 -14.60 -14.49
C SER D 215 18.83 -14.68 -15.99
N TYR D 216 17.94 -13.85 -16.51
CA TYR D 216 17.61 -13.83 -17.93
C TYR D 216 16.84 -12.58 -18.29
N THR D 217 16.67 -12.40 -19.59
CA THR D 217 15.65 -11.47 -20.08
C THR D 217 14.65 -12.19 -20.97
N MET D 218 13.63 -11.47 -21.42
CA MET D 218 12.46 -11.99 -22.05
C MET D 218 12.04 -11.10 -23.25
N TYR D 219 11.51 -11.78 -24.27
CA TYR D 219 10.79 -11.18 -25.36
C TYR D 219 9.36 -11.02 -24.95
N ASN D 220 8.74 -9.93 -25.34
CA ASN D 220 7.42 -9.53 -24.85
C ASN D 220 6.43 -9.25 -25.94
N ALA D 221 5.22 -9.75 -25.80
CA ALA D 221 4.15 -9.49 -26.71
C ALA D 221 3.01 -8.85 -25.95
N ILE D 222 2.54 -7.74 -26.49
CA ILE D 222 1.49 -6.93 -25.90
C ILE D 222 0.34 -6.98 -26.91
N ASP D 223 -0.86 -7.09 -26.40
CA ASP D 223 -2.04 -7.06 -27.23
C ASP D 223 -2.23 -5.65 -27.66
N ALA D 224 -2.19 -5.43 -28.96
CA ALA D 224 -2.28 -4.07 -29.51
C ALA D 224 -3.54 -3.32 -29.18
N GLU D 225 -4.67 -4.03 -29.21
CA GLU D 225 -5.93 -3.40 -29.02
C GLU D 225 -6.26 -3.19 -27.54
N THR D 226 -5.89 -4.11 -26.67
CA THR D 226 -6.20 -3.93 -25.26
C THR D 226 -5.10 -3.22 -24.47
N MET D 227 -3.89 -3.26 -25.03
CA MET D 227 -2.66 -2.82 -24.33
C MET D 227 -2.48 -3.48 -22.98
N GLU D 228 -2.84 -4.77 -22.91
CA GLU D 228 -2.40 -5.64 -21.82
C GLU D 228 -1.35 -6.60 -22.34
N MET D 229 -0.57 -7.19 -21.45
CA MET D 229 0.37 -8.27 -21.84
C MET D 229 -0.34 -9.46 -22.45
N ALA D 230 0.25 -10.03 -23.50
CA ALA D 230 -0.20 -11.29 -24.06
C ALA D 230 0.64 -12.43 -23.53
N PHE D 231 1.97 -12.30 -23.68
CA PHE D 231 2.87 -13.32 -23.23
C PHE D 231 4.32 -12.86 -23.22
N GLN D 232 5.14 -13.56 -22.48
CA GLN D 232 6.60 -13.34 -22.48
C GLN D 232 7.36 -14.66 -22.77
N VAL D 233 8.50 -14.56 -23.47
CA VAL D 233 9.30 -15.70 -23.84
C VAL D 233 10.70 -15.51 -23.28
N ILE D 234 11.13 -16.40 -22.38
CA ILE D 234 12.47 -16.32 -21.81
C ILE D 234 13.42 -16.75 -22.88
N VAL D 235 14.50 -16.00 -23.04
CA VAL D 235 15.47 -16.33 -24.05
C VAL D 235 16.87 -16.49 -23.43
N ASP D 236 17.74 -17.16 -24.16
CA ASP D 236 19.17 -17.10 -23.88
C ASP D 236 19.69 -15.74 -24.34
N GLY D 237 20.80 -15.31 -23.78
CA GLY D 237 21.38 -14.07 -24.22
C GLY D 237 20.53 -12.84 -23.88
N ASN D 238 20.61 -11.84 -24.76
CA ASN D 238 19.83 -10.65 -24.58
C ASN D 238 19.15 -10.26 -25.86
N LEU D 239 18.51 -9.09 -25.91
CA LEU D 239 17.68 -8.74 -27.03
C LEU D 239 17.99 -7.27 -27.34
N ASP D 240 18.13 -6.98 -28.63
CA ASP D 240 18.45 -5.64 -29.10
C ASP D 240 17.29 -5.10 -29.95
N ASN D 241 17.24 -5.37 -31.24
CA ASN D 241 16.10 -4.99 -32.09
C ASN D 241 15.28 -6.20 -32.56
N THR D 242 14.11 -5.93 -33.14
CA THR D 242 13.18 -7.00 -33.50
C THR D 242 12.35 -6.61 -34.72
N ASP D 243 11.97 -7.62 -35.50
CA ASP D 243 10.93 -7.40 -36.53
C ASP D 243 10.11 -8.70 -36.70
N ALA D 244 9.11 -8.61 -37.58
CA ALA D 244 8.11 -9.61 -37.80
C ALA D 244 7.99 -9.86 -39.28
N ASP D 245 7.58 -11.07 -39.63
CA ASP D 245 7.41 -11.46 -41.06
C ASP D 245 6.14 -10.92 -41.68
N TYR D 246 5.79 -11.38 -42.89
CA TYR D 246 4.51 -11.03 -43.50
C TYR D 246 3.50 -12.22 -43.49
N THR D 247 3.52 -13.02 -42.43
CA THR D 247 2.49 -14.09 -42.24
C THR D 247 1.86 -14.10 -40.87
N GLY D 248 2.59 -13.59 -39.88
CA GLY D 248 2.10 -13.66 -38.50
C GLY D 248 2.69 -14.80 -37.74
N ARG D 249 3.33 -15.72 -38.43
CA ARG D 249 3.95 -16.84 -37.73
C ARG D 249 5.28 -16.51 -37.05
N PHE D 250 6.15 -15.76 -37.74
CA PHE D 250 7.52 -15.60 -37.26
C PHE D 250 7.82 -14.16 -36.87
N ALA D 251 8.63 -14.05 -35.81
CA ALA D 251 9.31 -12.81 -35.43
C ALA D 251 10.76 -13.18 -35.15
N ALA D 252 11.60 -12.15 -35.08
CA ALA D 252 13.01 -12.33 -34.91
C ALA D 252 13.60 -11.16 -34.11
N ALA D 253 14.66 -11.42 -33.39
CA ALA D 253 15.39 -10.39 -32.69
C ALA D 253 16.90 -10.62 -32.69
N THR D 254 17.66 -9.55 -32.75
CA THR D 254 19.09 -9.61 -32.60
C THR D 254 19.45 -9.72 -31.11
N CYS D 255 20.61 -10.33 -30.88
CA CYS D 255 21.22 -10.48 -29.59
C CYS D 255 22.67 -10.13 -29.67
N TYR D 256 23.18 -9.32 -28.73
CA TYR D 256 24.61 -8.94 -28.75
C TYR D 256 25.36 -9.52 -27.58
N ASN D 257 24.66 -10.08 -26.61
CA ASN D 257 25.31 -10.65 -25.46
C ASN D 257 24.98 -12.14 -25.35
N SER D 258 25.32 -12.88 -26.38
CA SER D 258 25.15 -14.36 -26.33
C SER D 258 26.07 -14.93 -25.28
N GLU D 259 27.07 -14.15 -24.88
CA GLU D 259 28.09 -14.61 -23.95
C GLU D 259 27.54 -14.54 -22.51
N LYS D 260 26.42 -13.83 -22.33
CA LYS D 260 25.88 -13.59 -21.01
C LYS D 260 26.95 -13.03 -20.11
N ALA D 261 27.68 -12.07 -20.62
CA ALA D 261 28.86 -11.56 -19.90
C ALA D 261 28.54 -10.18 -19.52
N PHE D 262 29.21 -9.61 -18.53
CA PHE D 262 28.76 -8.30 -18.08
C PHE D 262 29.89 -7.28 -18.02
N ASP D 263 30.97 -7.61 -18.74
CA ASP D 263 32.06 -6.64 -19.03
C ASP D 263 32.13 -6.42 -20.57
N LEU D 264 32.73 -5.31 -20.96
CA LEU D 264 32.74 -4.90 -22.36
C LEU D 264 33.39 -5.99 -23.21
N GLY D 265 34.59 -6.43 -22.78
CA GLY D 265 35.27 -7.49 -23.51
C GLY D 265 34.51 -8.80 -23.56
N GLY D 266 33.89 -9.16 -22.42
CA GLY D 266 33.12 -10.40 -22.28
C GLY D 266 31.97 -10.43 -23.28
N MET D 267 31.39 -9.25 -23.54
CA MET D 267 30.28 -9.15 -24.46
C MET D 267 30.70 -9.25 -25.94
N MET D 268 32.01 -9.29 -26.20
CA MET D 268 32.54 -9.40 -27.57
C MET D 268 33.43 -10.62 -27.76
N ARG D 269 33.32 -11.60 -26.90
CA ARG D 269 34.17 -12.79 -26.90
C ARG D 269 33.90 -13.67 -28.11
N ASN D 270 32.62 -13.82 -28.45
CA ASN D 270 32.20 -14.69 -29.58
C ASN D 270 32.26 -14.00 -30.89
N GLU D 271 32.80 -14.62 -31.92
CA GLU D 271 32.66 -14.02 -33.28
C GLU D 271 31.16 -13.85 -33.67
N ARG D 272 30.36 -14.80 -33.28
CA ARG D 272 28.94 -14.80 -33.64
C ARG D 272 28.09 -14.81 -32.36
N ASP D 273 27.14 -13.84 -32.29
CA ASP D 273 26.03 -13.94 -31.41
C ASP D 273 24.89 -14.68 -32.19
N TRP D 274 23.66 -14.16 -32.18
CA TRP D 274 22.62 -14.72 -32.99
C TRP D 274 21.52 -13.79 -33.30
N VAL D 275 20.69 -14.20 -34.24
CA VAL D 275 19.30 -13.73 -34.30
C VAL D 275 18.49 -14.84 -33.70
N VAL D 276 17.64 -14.50 -32.73
CA VAL D 276 16.69 -15.47 -32.22
C VAL D 276 15.37 -15.32 -33.00
N VAL D 277 14.85 -16.44 -33.53
CA VAL D 277 13.61 -16.46 -34.26
C VAL D 277 12.56 -17.15 -33.37
N PHE D 278 11.38 -16.58 -33.35
CA PHE D 278 10.28 -17.06 -32.57
C PHE D 278 9.18 -17.60 -33.49
N ASP D 279 8.66 -18.76 -33.09
CA ASP D 279 7.48 -19.30 -33.74
C ASP D 279 6.26 -18.86 -32.93
N ILE D 280 5.71 -17.73 -33.36
CA ILE D 280 4.63 -17.09 -32.60
C ILE D 280 3.38 -18.02 -32.53
N HIS D 281 3.14 -18.76 -33.61
CA HIS D 281 2.03 -19.75 -33.61
C HIS D 281 2.17 -20.76 -32.49
N ALA D 282 3.38 -21.25 -32.33
CA ALA D 282 3.63 -22.22 -31.30
C ALA D 282 3.50 -21.60 -29.90
N VAL D 283 3.99 -20.36 -29.73
CA VAL D 283 3.85 -19.69 -28.44
C VAL D 283 2.39 -19.56 -28.05
N GLU D 284 1.59 -19.06 -28.98
CA GLU D 284 0.17 -18.91 -28.70
C GLU D 284 -0.50 -20.22 -28.23
N ALA D 285 -0.11 -21.32 -28.85
CA ALA D 285 -0.58 -22.62 -28.51
C ALA D 285 -0.27 -23.01 -27.07
N ALA D 286 0.97 -22.78 -26.62
CA ALA D 286 1.32 -23.12 -25.25
C ALA D 286 0.51 -22.30 -24.25
N VAL D 287 0.32 -21.02 -24.59
CA VAL D 287 -0.48 -20.15 -23.74
C VAL D 287 -1.94 -20.68 -23.66
N LYS D 288 -2.53 -20.99 -24.80
CA LYS D 288 -3.88 -21.59 -24.80
C LYS D 288 -4.01 -22.87 -24.00
N ALA D 289 -3.00 -23.72 -24.02
CA ALA D 289 -3.07 -24.98 -23.26
C ALA D 289 -2.82 -24.79 -21.78
N GLY D 290 -2.38 -23.57 -21.37
CA GLY D 290 -2.02 -23.37 -19.99
C GLY D 290 -0.68 -23.97 -19.64
N ASP D 291 0.13 -24.23 -20.69
CA ASP D 291 1.48 -24.71 -20.47
C ASP D 291 2.43 -23.51 -20.33
N PHE D 292 2.31 -22.82 -19.20
CA PHE D 292 3.13 -21.69 -18.90
C PHE D 292 3.31 -21.53 -17.40
N ILE D 293 4.32 -20.75 -17.02
CA ILE D 293 4.51 -20.35 -15.67
C ILE D 293 4.21 -18.87 -15.58
N THR D 294 4.13 -18.42 -14.34
CA THR D 294 4.05 -16.99 -14.06
C THR D 294 5.17 -16.63 -13.09
N LEU D 295 5.50 -15.35 -13.02
CA LEU D 295 6.58 -14.84 -12.19
C LEU D 295 6.00 -13.76 -11.28
N GLY D 296 6.43 -13.79 -10.02
CA GLY D 296 6.10 -12.73 -9.06
C GLY D 296 4.61 -12.54 -9.00
N ASP D 297 4.18 -11.28 -8.98
CA ASP D 297 2.76 -10.98 -8.88
C ASP D 297 2.07 -10.82 -10.25
N SER D 298 2.75 -11.12 -11.37
CA SER D 298 2.15 -10.90 -12.68
C SER D 298 1.49 -12.20 -13.15
N LYS D 299 0.33 -12.06 -13.78
CA LYS D 299 -0.40 -13.18 -14.38
C LYS D 299 0.02 -13.43 -15.81
N THR D 300 0.97 -12.64 -16.32
CA THR D 300 1.36 -12.83 -17.73
C THR D 300 1.91 -14.23 -17.96
N PRO D 301 1.45 -14.89 -19.02
CA PRO D 301 2.00 -16.21 -19.38
C PRO D 301 3.48 -16.10 -19.81
N VAL D 302 4.33 -16.90 -19.20
CA VAL D 302 5.72 -16.97 -19.53
C VAL D 302 6.06 -18.36 -20.08
N LEU D 303 6.63 -18.34 -21.30
CA LEU D 303 7.10 -19.53 -21.97
C LEU D 303 8.61 -19.56 -21.96
N ASP D 304 9.20 -20.76 -21.99
CA ASP D 304 10.63 -20.83 -21.87
C ASP D 304 11.21 -21.14 -23.25
N GLY D 305 11.89 -20.16 -23.84
CA GLY D 305 12.54 -20.31 -25.14
C GLY D 305 14.02 -20.54 -25.08
N ARG D 306 14.56 -20.88 -23.92
CA ARG D 306 16.00 -21.14 -23.82
C ARG D 306 16.31 -22.54 -24.35
N LYS D 307 17.53 -22.76 -24.82
CA LYS D 307 18.00 -24.12 -25.08
C LYS D 307 18.22 -24.86 -23.74
N LYS D 308 17.97 -26.16 -23.73
CA LYS D 308 18.21 -26.95 -22.51
C LYS D 308 19.11 -28.10 -22.90
N ASP D 309 20.30 -28.08 -22.34
CA ASP D 309 21.30 -29.12 -22.55
C ASP D 309 21.44 -29.40 -24.04
N GLY D 310 21.52 -28.32 -24.81
CA GLY D 310 21.71 -28.41 -26.25
C GLY D 310 20.43 -28.60 -27.05
N LYS D 311 19.30 -28.84 -26.38
CA LYS D 311 18.09 -29.14 -27.08
C LYS D 311 17.25 -27.89 -27.27
N ASP D 312 16.74 -27.71 -28.50
CA ASP D 312 15.92 -26.56 -28.80
C ASP D 312 14.57 -26.58 -28.11
N SER D 313 14.10 -25.37 -27.83
CA SER D 313 12.76 -25.19 -27.38
C SER D 313 11.85 -25.28 -28.63
N LYS D 314 10.57 -25.51 -28.42
CA LYS D 314 9.54 -25.42 -29.49
C LYS D 314 9.35 -23.97 -29.98
N PHE D 315 9.68 -23.03 -29.13
CA PHE D 315 9.33 -21.62 -29.39
C PHE D 315 10.39 -20.84 -30.18
N THR D 316 11.63 -21.30 -30.12
CA THR D 316 12.75 -20.54 -30.64
C THR D 316 13.76 -21.35 -31.46
N ARG D 317 14.44 -20.67 -32.35
CA ARG D 317 15.70 -21.12 -32.94
C ARG D 317 16.72 -19.99 -32.89
N TYR D 318 17.95 -20.35 -32.67
CA TYR D 318 19.03 -19.37 -32.55
C TYR D 318 19.95 -19.51 -33.76
N VAL D 319 19.95 -18.51 -34.62
CA VAL D 319 20.72 -18.47 -35.85
C VAL D 319 21.99 -17.64 -35.71
N PRO D 320 23.17 -18.28 -35.71
CA PRO D 320 24.34 -17.53 -35.45
C PRO D 320 24.61 -16.46 -36.48
N VAL D 321 24.95 -15.28 -35.95
CA VAL D 321 25.16 -14.07 -36.75
C VAL D 321 26.27 -13.23 -36.09
N PRO D 322 27.24 -12.75 -36.87
CA PRO D 322 28.26 -11.85 -36.29
C PRO D 322 27.85 -10.37 -36.41
N LYS D 323 28.35 -9.45 -35.57
CA LYS D 323 29.02 -9.67 -34.31
C LYS D 323 28.52 -8.52 -33.44
N ASN D 324 27.90 -8.84 -32.31
CA ASN D 324 27.09 -7.95 -31.56
C ASN D 324 26.07 -7.26 -32.54
N PRO D 325 25.37 -8.05 -33.34
CA PRO D 325 24.43 -7.46 -34.30
C PRO D 325 23.35 -6.61 -33.69
N HIS D 326 22.85 -5.69 -34.51
CA HIS D 326 22.04 -4.58 -33.96
C HIS D 326 20.72 -4.55 -34.73
N GLY D 327 20.69 -3.91 -35.89
CA GLY D 327 19.42 -3.84 -36.61
C GLY D 327 18.87 -5.18 -37.04
N CYS D 328 17.57 -5.28 -37.04
CA CYS D 328 16.83 -6.49 -37.43
C CYS D 328 15.61 -6.06 -38.23
N ASN D 329 15.70 -6.15 -39.53
CA ASN D 329 14.73 -5.51 -40.43
C ASN D 329 14.17 -6.55 -41.48
N THR D 330 12.85 -6.53 -41.64
CA THR D 330 12.16 -7.42 -42.58
C THR D 330 12.06 -6.73 -43.91
N SER D 331 12.59 -7.36 -44.95
CA SER D 331 12.43 -6.79 -46.29
C SER D 331 10.97 -6.64 -46.73
N SER D 332 10.67 -5.64 -47.52
CA SER D 332 9.26 -5.36 -47.89
C SER D 332 8.58 -6.43 -48.78
N ASP D 333 9.38 -7.22 -49.45
CA ASP D 333 8.84 -8.42 -50.18
C ASP D 333 8.68 -9.60 -49.27
N GLY D 334 8.99 -9.47 -47.98
CA GLY D 334 8.81 -10.52 -47.02
C GLY D 334 9.79 -11.68 -47.03
N LYS D 335 10.83 -11.57 -47.84
CA LYS D 335 11.76 -12.67 -48.02
C LYS D 335 12.77 -12.84 -46.97
N TYR D 336 13.24 -11.72 -46.37
CA TYR D 336 14.37 -11.80 -45.47
C TYR D 336 14.18 -11.07 -44.14
N PHE D 337 14.74 -11.66 -43.08
CA PHE D 337 15.12 -10.87 -41.89
C PHE D 337 16.56 -10.50 -42.14
N ILE D 338 16.90 -9.20 -42.09
CA ILE D 338 18.26 -8.73 -42.32
C ILE D 338 18.83 -8.17 -41.05
N ALA D 339 19.86 -8.83 -40.53
CA ALA D 339 20.56 -8.42 -39.28
C ALA D 339 21.79 -7.61 -39.64
N ALA D 340 21.95 -6.44 -39.06
CA ALA D 340 23.10 -5.58 -39.37
C ALA D 340 24.23 -6.04 -38.42
N GLY D 341 25.43 -6.23 -38.97
CA GLY D 341 26.48 -6.88 -38.24
C GLY D 341 27.25 -6.11 -37.18
N LYS D 342 27.14 -4.79 -37.23
CA LYS D 342 27.81 -3.83 -36.28
C LYS D 342 29.34 -4.02 -36.20
N LEU D 343 29.81 -4.93 -35.35
CA LEU D 343 31.25 -5.14 -35.18
C LEU D 343 31.82 -5.95 -36.37
N SER D 344 30.97 -6.67 -37.05
CA SER D 344 31.27 -7.34 -38.30
C SER D 344 30.79 -6.43 -39.45
N PRO D 345 31.54 -6.32 -40.53
CA PRO D 345 31.23 -5.36 -41.59
C PRO D 345 30.26 -5.92 -42.61
N THR D 346 29.24 -6.60 -42.17
CA THR D 346 28.32 -7.39 -42.95
C THR D 346 26.86 -7.11 -42.50
N CYS D 347 25.90 -7.57 -43.30
CA CYS D 347 24.57 -7.93 -42.81
C CYS D 347 24.38 -9.42 -43.07
N SER D 348 23.59 -10.06 -42.25
CA SER D 348 23.23 -11.43 -42.47
C SER D 348 21.73 -11.53 -42.90
N MET D 349 21.49 -12.29 -43.98
CA MET D 349 20.16 -12.36 -44.60
C MET D 349 19.57 -13.75 -44.31
N ILE D 350 18.55 -13.75 -43.47
CA ILE D 350 17.85 -14.96 -43.07
C ILE D 350 16.63 -15.16 -43.97
N ALA D 351 16.56 -16.30 -44.67
CA ALA D 351 15.46 -16.59 -45.57
C ALA D 351 14.26 -17.03 -44.79
N ILE D 352 13.25 -16.19 -44.77
CA ILE D 352 12.02 -16.48 -44.04
C ILE D 352 11.32 -17.79 -44.55
N ASP D 353 11.45 -18.02 -45.84
CA ASP D 353 10.97 -19.27 -46.53
C ASP D 353 11.51 -20.52 -45.88
N LYS D 354 12.73 -20.47 -45.35
CA LYS D 354 13.33 -21.66 -44.76
C LYS D 354 12.98 -21.91 -43.30
N LEU D 355 12.27 -20.98 -42.68
CA LEU D 355 12.03 -21.09 -41.23
C LEU D 355 11.10 -22.26 -40.82
N PRO D 356 10.05 -22.52 -41.61
CA PRO D 356 9.25 -23.71 -41.26
C PRO D 356 10.07 -25.01 -41.25
N ASP D 357 10.95 -25.19 -42.25
CA ASP D 357 11.90 -26.31 -42.27
C ASP D 357 12.85 -26.34 -41.07
N LEU D 358 13.35 -25.15 -40.68
CA LEU D 358 14.17 -25.05 -39.50
C LEU D 358 13.42 -25.54 -38.27
N PHE D 359 12.20 -25.09 -38.09
CA PHE D 359 11.47 -25.46 -36.87
C PHE D 359 10.99 -26.94 -36.89
N ALA D 360 10.88 -27.48 -38.09
CA ALA D 360 10.50 -28.88 -38.25
C ALA D 360 11.64 -29.89 -38.10
N GLY D 361 12.87 -29.41 -38.00
CA GLY D 361 14.02 -30.28 -37.86
C GLY D 361 14.48 -30.85 -39.19
N LYS D 362 14.04 -30.23 -40.27
CA LYS D 362 14.44 -30.65 -41.58
C LYS D 362 15.80 -30.07 -42.00
N LEU D 363 16.33 -29.09 -41.27
CA LEU D 363 17.64 -28.53 -41.60
C LEU D 363 18.73 -28.98 -40.63
N ALA D 364 19.90 -29.18 -41.18
CA ALA D 364 21.01 -29.71 -40.42
C ALA D 364 21.56 -28.73 -39.39
N ASP D 365 21.53 -27.44 -39.71
CA ASP D 365 22.37 -26.45 -39.01
C ASP D 365 21.54 -25.16 -39.09
N PRO D 366 21.38 -24.43 -37.97
CA PRO D 366 20.64 -23.15 -38.04
C PRO D 366 21.20 -22.17 -39.09
N ARG D 367 22.49 -22.19 -39.34
CA ARG D 367 23.08 -21.35 -40.39
C ARG D 367 22.54 -21.67 -41.80
N ASP D 368 21.88 -22.80 -41.98
CA ASP D 368 21.34 -23.10 -43.30
C ASP D 368 20.23 -22.13 -43.72
N VAL D 369 19.65 -21.38 -42.78
CA VAL D 369 18.66 -20.35 -43.19
C VAL D 369 19.31 -19.06 -43.64
N ILE D 370 20.61 -18.90 -43.41
CA ILE D 370 21.32 -17.70 -43.90
C ILE D 370 21.64 -17.90 -45.36
N VAL D 371 21.20 -16.99 -46.21
CA VAL D 371 21.38 -17.13 -47.69
C VAL D 371 22.18 -15.99 -48.27
N GLY D 372 22.60 -15.07 -47.41
CA GLY D 372 23.44 -13.96 -47.81
C GLY D 372 24.15 -13.38 -46.57
N GLU D 373 25.40 -12.93 -46.74
CA GLU D 373 26.12 -12.24 -45.68
C GLU D 373 27.04 -11.25 -46.38
N PRO D 374 26.46 -10.28 -47.06
CA PRO D 374 27.25 -9.32 -47.86
C PRO D 374 28.19 -8.48 -46.97
N GLU D 375 29.38 -8.27 -47.49
CA GLU D 375 30.33 -7.36 -46.86
C GLU D 375 30.05 -5.95 -47.36
N LEU D 376 29.72 -5.04 -46.47
CA LEU D 376 29.15 -3.72 -46.83
C LEU D 376 30.03 -2.57 -46.42
N GLY D 377 30.71 -2.67 -45.30
CA GLY D 377 31.54 -1.55 -44.78
C GLY D 377 31.55 -1.53 -43.28
N LEU D 378 32.21 -0.54 -42.66
CA LEU D 378 32.42 -0.54 -41.24
C LEU D 378 31.24 0.02 -40.43
N GLY D 379 30.77 -0.79 -39.49
CA GLY D 379 29.75 -0.44 -38.57
C GLY D 379 28.30 -0.47 -39.05
N PRO D 380 27.89 -1.52 -39.78
CA PRO D 380 26.51 -1.56 -40.22
C PRO D 380 25.53 -1.66 -39.03
N LEU D 381 24.56 -0.75 -38.99
CA LEU D 381 23.63 -0.75 -37.90
C LEU D 381 22.15 -1.07 -38.21
N HIS D 382 21.65 -0.62 -39.36
CA HIS D 382 20.20 -0.68 -39.64
CA HIS D 382 20.22 -0.72 -39.66
C HIS D 382 20.05 -0.73 -41.17
N THR D 383 18.94 -1.33 -41.61
CA THR D 383 18.67 -1.50 -43.03
C THR D 383 17.23 -1.11 -43.34
N THR D 384 17.07 -0.53 -44.52
CA THR D 384 15.72 -0.23 -45.04
C THR D 384 15.65 -0.59 -46.53
N PHE D 385 14.48 -0.33 -47.11
CA PHE D 385 14.10 -0.95 -48.41
C PHE D 385 13.42 0.05 -49.30
N ASP D 386 13.76 0.03 -50.59
CA ASP D 386 13.04 0.85 -51.59
C ASP D 386 11.83 0.17 -52.30
N GLY D 387 11.59 -1.11 -52.04
CA GLY D 387 10.54 -1.84 -52.76
C GLY D 387 10.94 -2.20 -54.19
N ARG D 388 12.17 -1.87 -54.57
CA ARG D 388 12.69 -2.18 -55.93
C ARG D 388 13.76 -3.26 -55.92
N GLY D 389 13.96 -3.88 -54.77
CA GLY D 389 14.94 -4.94 -54.61
C GLY D 389 16.25 -4.48 -53.99
N ASN D 390 16.36 -3.17 -53.68
CA ASN D 390 17.57 -2.68 -53.00
C ASN D 390 17.33 -2.50 -51.49
N ALA D 391 18.40 -2.71 -50.74
CA ALA D 391 18.49 -2.42 -49.34
C ALA D 391 19.42 -1.26 -49.18
N TYR D 392 19.23 -0.52 -48.08
CA TYR D 392 20.00 0.67 -47.77
C TYR D 392 20.39 0.47 -46.31
N THR D 393 21.68 0.50 -46.04
CA THR D 393 22.21 0.17 -44.72
C THR D 393 23.11 1.29 -44.22
N THR D 394 22.93 1.67 -42.98
CA THR D 394 23.82 2.67 -42.34
C THR D 394 25.14 2.03 -41.94
N LEU D 395 26.21 2.73 -42.25
CA LEU D 395 27.56 2.38 -41.82
C LEU D 395 28.00 3.47 -40.84
N PHE D 396 27.95 3.15 -39.55
CA PHE D 396 28.22 4.12 -38.49
C PHE D 396 29.65 4.61 -38.53
N ILE D 397 30.61 3.69 -38.71
CA ILE D 397 32.06 4.05 -38.66
C ILE D 397 32.49 4.71 -39.95
N ASP D 398 32.05 4.18 -41.08
CA ASP D 398 32.38 4.76 -42.40
C ASP D 398 31.57 6.01 -42.65
N SER D 399 30.49 6.22 -41.87
CA SER D 399 29.64 7.41 -41.99
C SER D 399 28.98 7.55 -43.32
N GLN D 400 28.33 6.47 -43.74
CA GLN D 400 27.73 6.41 -45.05
C GLN D 400 26.40 5.68 -44.99
N VAL D 401 25.61 5.87 -46.05
CA VAL D 401 24.54 4.97 -46.37
C VAL D 401 25.00 4.12 -47.58
N VAL D 402 24.89 2.81 -47.46
CA VAL D 402 25.25 1.91 -48.57
C VAL D 402 24.03 1.30 -49.17
N LYS D 403 23.87 1.52 -50.49
CA LYS D 403 22.82 0.97 -51.26
C LYS D 403 23.31 -0.32 -51.91
N TRP D 404 22.58 -1.40 -51.70
CA TRP D 404 22.97 -2.72 -52.22
C TRP D 404 21.79 -3.55 -52.69
N ASN D 405 22.04 -4.39 -53.70
CA ASN D 405 21.01 -5.22 -54.29
C ASN D 405 20.91 -6.52 -53.56
N MET D 406 19.72 -6.83 -53.03
CA MET D 406 19.61 -8.00 -52.14
C MET D 406 19.81 -9.33 -52.90
N GLU D 407 19.16 -9.47 -54.05
CA GLU D 407 19.29 -10.76 -54.80
C GLU D 407 20.73 -10.99 -55.23
N GLU D 408 21.43 -9.96 -55.69
CA GLU D 408 22.84 -10.09 -56.02
C GLU D 408 23.71 -10.49 -54.84
N ALA D 409 23.42 -9.98 -53.64
CA ALA D 409 24.15 -10.43 -52.48
C ALA D 409 23.93 -11.91 -52.22
N VAL D 410 22.73 -12.39 -52.43
CA VAL D 410 22.40 -13.80 -52.22
C VAL D 410 23.20 -14.65 -53.29
N ARG D 411 23.26 -14.14 -54.51
CA ARG D 411 24.07 -14.82 -55.55
C ARG D 411 25.56 -14.80 -55.15
N ALA D 412 26.06 -13.67 -54.64
CA ALA D 412 27.45 -13.58 -54.18
C ALA D 412 27.69 -14.57 -53.07
N TYR D 413 26.71 -14.86 -52.25
CA TYR D 413 26.94 -15.77 -51.10
C TYR D 413 27.20 -17.20 -51.62
N LYS D 414 26.59 -17.50 -52.75
CA LYS D 414 26.78 -18.78 -53.42
C LYS D 414 28.05 -18.75 -54.29
N GLY D 415 28.82 -17.68 -54.25
CA GLY D 415 30.09 -17.62 -54.93
C GLY D 415 30.12 -16.92 -56.27
N GLU D 416 28.98 -16.49 -56.78
CA GLU D 416 28.99 -15.70 -58.03
C GLU D 416 29.72 -14.37 -57.82
N LYS D 417 30.50 -13.95 -58.84
CA LYS D 417 31.19 -12.67 -58.76
C LYS D 417 30.24 -11.61 -59.32
N VAL D 418 29.65 -10.86 -58.39
CA VAL D 418 28.69 -9.86 -58.74
C VAL D 418 28.90 -8.71 -57.74
N ASN D 419 28.78 -7.47 -58.22
CA ASN D 419 28.97 -6.36 -57.28
C ASN D 419 27.63 -5.83 -56.84
N TYR D 420 27.23 -6.37 -55.70
CA TYR D 420 25.93 -6.07 -55.14
C TYR D 420 25.90 -4.63 -54.55
N ILE D 421 27.04 -4.01 -54.29
CA ILE D 421 27.10 -2.65 -53.81
C ILE D 421 26.93 -1.70 -54.97
N LYS D 422 25.91 -0.86 -54.89
CA LYS D 422 25.58 0.08 -55.94
C LYS D 422 26.08 1.46 -55.70
N GLN D 423 25.99 1.95 -54.45
CA GLN D 423 26.47 3.27 -54.13
C GLN D 423 26.70 3.42 -52.64
N LYS D 424 27.66 4.25 -52.27
CA LYS D 424 27.89 4.65 -50.88
C LYS D 424 27.78 6.17 -50.87
N LEU D 425 26.85 6.70 -50.07
CA LEU D 425 26.66 8.13 -49.93
C LEU D 425 27.17 8.58 -48.58
N ASP D 426 28.06 9.52 -48.58
CA ASP D 426 28.54 10.11 -47.30
C ASP D 426 27.43 10.89 -46.58
N VAL D 427 27.29 10.62 -45.27
CA VAL D 427 26.32 11.34 -44.47
C VAL D 427 27.08 11.94 -43.26
N HIS D 428 26.41 12.82 -42.52
CA HIS D 428 27.12 13.74 -41.69
C HIS D 428 26.54 13.85 -40.29
N TYR D 429 26.98 13.08 -39.31
CA TYR D 429 27.99 12.06 -39.38
C TYR D 429 27.57 10.97 -38.41
N GLN D 430 28.01 9.73 -38.69
CA GLN D 430 27.79 8.58 -37.83
C GLN D 430 26.30 8.21 -37.78
N PRO D 431 25.79 7.65 -38.88
CA PRO D 431 24.36 7.34 -38.91
C PRO D 431 24.00 6.13 -38.05
N GLY D 432 22.83 6.18 -37.46
CA GLY D 432 22.24 5.09 -36.68
C GLY D 432 21.19 4.41 -37.48
N HIS D 433 19.92 4.72 -37.23
CA HIS D 433 18.81 4.18 -38.03
C HIS D 433 18.66 4.96 -39.32
N LEU D 434 18.01 4.31 -40.27
CA LEU D 434 17.50 4.97 -41.48
C LEU D 434 16.13 4.38 -41.83
N HIS D 435 15.39 5.14 -42.60
CA HIS D 435 14.00 4.81 -42.86
C HIS D 435 13.59 5.29 -44.24
N ALA D 436 13.21 4.34 -45.10
CA ALA D 436 12.65 4.69 -46.41
C ALA D 436 11.11 4.68 -46.33
N SER D 437 10.50 5.58 -47.08
CA SER D 437 9.02 5.72 -47.05
C SER D 437 8.27 4.38 -47.33
N LEU D 438 7.42 3.99 -46.40
CA LEU D 438 6.63 2.81 -46.40
C LEU D 438 7.39 1.50 -46.39
N CYS D 439 8.69 1.53 -45.99
CA CYS D 439 9.54 0.38 -45.94
C CYS D 439 9.03 -0.80 -45.10
N GLU D 440 8.23 -0.56 -44.08
CA GLU D 440 7.73 -1.63 -43.21
C GLU D 440 6.48 -2.36 -43.73
N THR D 441 6.12 -2.03 -44.95
CA THR D 441 4.88 -2.50 -45.55
C THR D 441 5.17 -3.02 -46.95
N ASN D 442 4.20 -3.77 -47.51
CA ASN D 442 4.35 -4.24 -48.88
C ASN D 442 4.10 -3.14 -49.88
N GLU D 443 3.89 -1.90 -49.42
CA GLU D 443 3.78 -0.72 -50.31
C GLU D 443 5.03 0.17 -50.40
N ALA D 444 6.16 -0.33 -49.87
CA ALA D 444 7.39 0.42 -49.86
C ALA D 444 7.55 1.12 -51.21
N ASP D 445 7.68 2.43 -51.23
CA ASP D 445 7.51 3.21 -52.47
C ASP D 445 8.75 3.80 -53.07
N GLY D 446 9.89 3.60 -52.38
CA GLY D 446 11.17 4.02 -52.88
C GLY D 446 11.36 5.49 -53.19
N LYS D 447 10.65 6.37 -52.52
CA LYS D 447 10.76 7.79 -52.78
C LYS D 447 11.79 8.52 -51.87
N TRP D 448 11.58 8.41 -50.56
CA TRP D 448 12.35 9.22 -49.59
C TRP D 448 13.04 8.29 -48.62
N LEU D 449 14.21 8.76 -48.22
CA LEU D 449 14.96 8.07 -47.20
C LEU D 449 15.47 9.11 -46.22
N VAL D 450 15.33 8.79 -44.93
CA VAL D 450 15.88 9.59 -43.85
C VAL D 450 16.95 8.79 -43.14
N ALA D 451 18.16 9.37 -43.04
CA ALA D 451 19.22 8.77 -42.28
C ALA D 451 19.45 9.62 -41.04
N LEU D 452 19.41 8.98 -39.89
CA LEU D 452 19.44 9.71 -38.63
C LEU D 452 20.83 9.60 -37.95
N SER D 453 21.59 10.67 -38.09
CA SER D 453 23.02 10.66 -37.73
C SER D 453 23.25 11.28 -36.36
N LYS D 454 24.19 10.71 -35.63
CA LYS D 454 24.37 11.08 -34.27
C LYS D 454 25.27 12.25 -33.97
N PHE D 455 26.16 12.66 -34.86
CA PHE D 455 27.01 13.81 -34.61
C PHE D 455 26.77 14.79 -35.73
N SER D 456 26.50 16.01 -35.42
CA SER D 456 26.31 17.01 -36.48
C SER D 456 27.47 17.93 -36.73
N LYS D 457 28.40 18.00 -35.78
CA LYS D 457 29.67 18.73 -35.93
C LYS D 457 29.41 20.15 -36.44
N ASP D 458 29.83 20.46 -37.65
CA ASP D 458 29.77 21.76 -38.24
C ASP D 458 28.58 21.94 -39.22
N ARG D 459 27.59 21.05 -39.20
CA ARG D 459 26.55 21.10 -40.22
C ARG D 459 25.49 22.16 -39.94
N PHE D 460 25.46 22.71 -38.70
CA PHE D 460 24.55 23.74 -38.32
C PHE D 460 25.27 24.80 -37.49
N LEU D 461 24.68 25.96 -37.31
CA LEU D 461 25.28 26.99 -36.45
C LEU D 461 25.64 26.39 -35.07
N PRO D 462 26.78 26.79 -34.54
CA PRO D 462 27.12 26.37 -33.17
C PRO D 462 26.05 26.82 -32.16
N VAL D 463 25.72 25.91 -31.26
CA VAL D 463 24.83 26.18 -30.18
C VAL D 463 25.27 25.76 -28.82
N GLY D 464 26.60 25.70 -28.64
CA GLY D 464 27.11 25.18 -27.41
C GLY D 464 27.55 23.80 -27.37
N PRO D 465 27.99 23.35 -26.17
CA PRO D 465 28.60 22.03 -26.14
C PRO D 465 27.66 20.88 -26.55
N LEU D 466 26.36 21.01 -26.32
CA LEU D 466 25.39 20.00 -26.74
C LEU D 466 24.97 20.32 -28.16
N HIS D 467 25.11 19.38 -29.08
CA HIS D 467 24.75 19.62 -30.51
C HIS D 467 23.45 18.92 -30.88
N PRO D 468 22.77 19.36 -31.94
CA PRO D 468 21.68 18.62 -32.46
C PRO D 468 22.11 17.33 -33.21
N GLU D 469 21.17 16.37 -33.36
CA GLU D 469 21.33 15.28 -34.28
CA GLU D 469 21.26 15.20 -34.29
C GLU D 469 21.09 15.84 -35.69
N ASN D 470 21.55 15.14 -36.69
CA ASN D 470 21.35 15.57 -38.07
C ASN D 470 20.54 14.43 -38.75
N ASP D 471 19.28 14.68 -39.04
CA ASP D 471 18.42 13.76 -39.75
C ASP D 471 18.41 14.23 -41.22
N GLN D 472 19.00 13.41 -42.07
CA GLN D 472 19.23 13.85 -43.45
C GLN D 472 18.20 13.20 -44.38
N LEU D 473 17.53 14.01 -45.15
CA LEU D 473 16.61 13.53 -46.18
C LEU D 473 17.36 13.29 -47.48
N ILE D 474 17.13 12.10 -48.03
CA ILE D 474 17.81 11.61 -49.21
C ILE D 474 16.76 11.16 -50.23
N ASP D 475 16.88 11.63 -51.47
CA ASP D 475 15.98 11.26 -52.58
C ASP D 475 16.51 9.92 -53.09
N ILE D 476 15.69 8.88 -53.01
CA ILE D 476 16.05 7.57 -53.45
C ILE D 476 15.18 7.08 -54.65
N SER D 477 14.44 8.02 -55.24
CA SER D 477 13.49 7.71 -56.30
C SER D 477 14.20 7.17 -57.57
N GLY D 478 15.49 7.48 -57.74
CA GLY D 478 16.25 7.10 -58.91
C GLY D 478 17.39 6.16 -58.59
N ASP D 479 18.26 5.91 -59.56
CA ASP D 479 19.41 5.10 -59.38
C ASP D 479 20.44 5.66 -58.40
N GLU D 480 20.55 6.99 -58.36
CA GLU D 480 21.55 7.65 -57.56
C GLU D 480 20.85 8.30 -56.32
N MET D 481 21.26 7.88 -55.12
CA MET D 481 20.87 8.55 -53.86
C MET D 481 21.37 9.99 -53.92
N LYS D 482 20.49 10.94 -53.60
CA LYS D 482 20.86 12.33 -53.58
C LYS D 482 20.52 12.96 -52.22
N LEU D 483 21.53 13.55 -51.59
CA LEU D 483 21.27 14.22 -50.27
C LEU D 483 20.60 15.56 -50.54
N VAL D 484 19.44 15.80 -49.97
CA VAL D 484 18.70 17.02 -50.21
C VAL D 484 18.48 17.97 -49.04
N HIS D 485 18.42 17.48 -47.82
CA HIS D 485 18.10 18.33 -46.68
C HIS D 485 18.76 17.79 -45.41
N ASP D 486 19.35 18.74 -44.65
CA ASP D 486 19.87 18.44 -43.28
C ASP D 486 18.86 18.97 -42.29
N GLY D 487 18.28 18.08 -41.47
CA GLY D 487 17.27 18.43 -40.49
C GLY D 487 17.81 18.28 -39.06
N PRO D 488 18.12 19.37 -38.42
CA PRO D 488 18.59 19.25 -36.99
C PRO D 488 17.49 18.85 -36.07
N THR D 489 17.77 17.96 -35.15
CA THR D 489 16.73 17.53 -34.20
C THR D 489 17.33 17.49 -32.80
N PHE D 490 16.42 17.64 -31.83
CA PHE D 490 16.83 17.68 -30.43
C PHE D 490 16.86 16.29 -29.86
N ALA D 491 17.85 15.94 -29.04
CA ALA D 491 17.71 14.72 -28.16
C ALA D 491 17.60 13.35 -28.81
N GLU D 492 18.18 13.23 -29.95
CA GLU D 492 18.40 11.97 -30.44
C GLU D 492 17.16 11.16 -30.72
N PRO D 493 16.43 11.59 -31.72
CA PRO D 493 15.45 10.70 -32.26
C PRO D 493 16.13 9.44 -32.75
N HIS D 494 15.65 8.30 -32.44
CA HIS D 494 16.66 7.30 -33.00
C HIS D 494 16.11 6.92 -34.42
N ASP D 495 14.86 6.58 -34.44
CA ASP D 495 14.23 6.08 -35.63
C ASP D 495 13.00 6.94 -35.88
N CYS D 496 12.44 6.79 -37.04
CA CYS D 496 11.26 7.51 -37.43
C CYS D 496 10.44 6.64 -38.36
N ILE D 497 9.23 7.06 -38.64
CA ILE D 497 8.34 6.26 -39.54
C ILE D 497 7.51 7.23 -40.37
N MET D 498 7.44 7.02 -41.70
CA MET D 498 6.68 7.89 -42.54
C MET D 498 5.36 7.21 -43.04
N ALA D 499 4.32 7.98 -43.23
CA ALA D 499 3.05 7.45 -43.74
C ALA D 499 2.54 8.45 -44.78
N ARG D 500 1.89 7.94 -45.84
CA ARG D 500 1.22 8.85 -46.77
C ARG D 500 0.21 9.66 -46.04
N ARG D 501 0.04 10.88 -46.53
CA ARG D 501 -1.03 11.72 -46.05
C ARG D 501 -2.37 10.96 -45.96
N ASP D 502 -2.71 10.15 -46.99
CA ASP D 502 -4.00 9.48 -47.00
C ASP D 502 -4.10 8.26 -46.10
N GLN D 503 -2.99 7.87 -45.45
CA GLN D 503 -3.05 6.79 -44.47
C GLN D 503 -3.40 7.25 -43.04
N ILE D 504 -3.44 8.56 -42.81
CA ILE D 504 -3.78 9.14 -41.54
C ILE D 504 -5.04 9.99 -41.62
N LYS D 505 -5.99 9.71 -40.76
CA LYS D 505 -7.21 10.52 -40.68
C LYS D 505 -7.40 11.01 -39.27
N THR D 506 -7.42 12.33 -39.10
CA THR D 506 -7.48 12.91 -37.76
C THR D 506 -8.83 13.58 -37.53
N LYS D 507 -9.19 13.68 -36.27
CA LYS D 507 -10.41 14.35 -35.86
C LYS D 507 -10.12 15.85 -35.77
N LYS D 508 -11.12 16.64 -36.10
CA LYS D 508 -11.00 18.08 -36.06
C LYS D 508 -11.36 18.60 -34.72
N ILE D 509 -12.32 17.96 -34.05
CA ILE D 509 -12.68 18.28 -32.69
C ILE D 509 -12.93 16.98 -31.92
N TRP D 510 -12.97 17.03 -30.62
CA TRP D 510 -13.12 15.84 -29.82
C TRP D 510 -14.58 15.29 -29.85
N ASP D 511 -14.71 13.97 -29.67
CA ASP D 511 -15.98 13.30 -29.42
C ASP D 511 -16.23 13.32 -27.93
N ARG D 512 -17.45 13.67 -27.54
CA ARG D 512 -17.81 13.75 -26.12
C ARG D 512 -17.73 12.39 -25.42
N ASN D 513 -17.76 11.30 -26.21
CA ASN D 513 -17.65 9.95 -25.65
C ASN D 513 -16.23 9.40 -25.60
N ASP D 514 -15.23 10.24 -25.90
CA ASP D 514 -13.88 9.69 -26.09
C ASP D 514 -13.40 9.01 -24.82
N PRO D 515 -12.85 7.80 -24.98
CA PRO D 515 -12.30 7.08 -23.83
C PRO D 515 -11.19 7.81 -23.07
N PHE D 516 -10.52 8.75 -23.74
CA PHE D 516 -9.43 9.48 -23.11
C PHE D 516 -9.86 10.15 -21.82
N PHE D 517 -11.07 10.67 -21.79
CA PHE D 517 -11.55 11.34 -20.56
C PHE D 517 -12.79 10.66 -19.94
N ALA D 518 -13.01 9.42 -20.33
CA ALA D 518 -14.13 8.66 -19.77
C ALA D 518 -14.15 8.56 -18.24
N PRO D 519 -13.00 8.34 -17.61
CA PRO D 519 -13.02 8.33 -16.16
C PRO D 519 -13.48 9.63 -15.52
N THR D 520 -13.15 10.76 -16.17
CA THR D 520 -13.60 12.05 -15.66
C THR D 520 -15.13 12.19 -15.83
N VAL D 521 -15.63 11.67 -16.95
CA VAL D 521 -17.06 11.64 -17.19
C VAL D 521 -17.76 10.81 -16.08
N GLU D 522 -17.14 9.74 -15.64
CA GLU D 522 -17.66 8.89 -14.54
C GLU D 522 -17.65 9.61 -13.19
N MET D 523 -16.53 10.32 -12.90
CA MET D 523 -16.47 11.15 -11.71
C MET D 523 -17.61 12.22 -11.70
N ALA D 524 -17.82 12.84 -12.84
CA ALA D 524 -18.83 13.88 -12.97
C ALA D 524 -20.23 13.29 -12.70
N LYS D 525 -20.46 12.13 -13.28
CA LYS D 525 -21.75 11.42 -13.14
C LYS D 525 -22.04 11.17 -11.69
N LYS D 526 -21.04 10.72 -10.95
CA LYS D 526 -21.20 10.46 -9.53
C LYS D 526 -21.57 11.74 -8.76
N ASP D 527 -21.17 12.90 -9.27
CA ASP D 527 -21.50 14.17 -8.65
C ASP D 527 -22.82 14.77 -9.19
N GLY D 528 -23.45 14.09 -10.11
CA GLY D 528 -24.68 14.58 -10.72
C GLY D 528 -24.46 15.66 -11.72
N ILE D 529 -23.24 15.75 -12.26
CA ILE D 529 -22.88 16.81 -13.19
C ILE D 529 -23.07 16.44 -14.65
N ASN D 530 -23.66 17.33 -15.43
CA ASN D 530 -23.70 17.20 -16.88
C ASN D 530 -22.61 18.11 -17.42
N LEU D 531 -21.53 17.50 -17.90
CA LEU D 531 -20.31 18.27 -18.25
C LEU D 531 -20.53 19.27 -19.38
N ASP D 532 -21.45 18.95 -20.29
CA ASP D 532 -21.74 19.82 -21.42
C ASP D 532 -22.42 21.16 -21.03
N THR D 533 -22.96 21.25 -19.81
CA THR D 533 -23.69 22.40 -19.40
C THR D 533 -23.31 23.03 -18.04
N ASP D 534 -22.78 22.24 -17.10
CA ASP D 534 -22.80 22.69 -15.72
C ASP D 534 -21.61 23.52 -15.30
N ASN D 535 -21.87 24.48 -14.43
CA ASN D 535 -20.88 25.37 -13.87
C ASN D 535 -21.20 25.37 -12.41
N LYS D 536 -20.53 24.50 -11.67
CA LYS D 536 -20.82 24.28 -10.25
C LYS D 536 -19.61 23.91 -9.46
N VAL D 537 -19.64 24.21 -8.17
CA VAL D 537 -18.57 23.78 -7.24
C VAL D 537 -19.17 22.73 -6.29
N ILE D 538 -18.64 21.53 -6.28
CA ILE D 538 -19.08 20.47 -5.42
C ILE D 538 -18.10 20.40 -4.25
N ARG D 539 -18.63 20.37 -3.04
CA ARG D 539 -17.82 20.30 -1.83
C ARG D 539 -17.88 18.91 -1.26
N ASP D 540 -16.72 18.36 -0.84
CA ASP D 540 -16.68 16.96 -0.44
C ASP D 540 -15.60 16.81 0.59
N GLY D 541 -15.85 17.33 1.77
CA GLY D 541 -14.87 17.23 2.86
C GLY D 541 -13.77 18.20 2.54
N ASN D 542 -12.55 17.71 2.58
CA ASN D 542 -11.35 18.50 2.20
C ASN D 542 -11.08 18.44 0.68
N LYS D 543 -11.98 17.88 -0.09
CA LYS D 543 -11.92 17.89 -1.57
C LYS D 543 -12.93 18.90 -2.09
N VAL D 544 -12.54 19.64 -3.14
CA VAL D 544 -13.43 20.51 -3.80
C VAL D 544 -13.33 20.16 -5.29
N ARG D 545 -14.46 19.94 -5.95
CA ARG D 545 -14.46 19.56 -7.38
C ARG D 545 -15.23 20.68 -8.11
N VAL D 546 -14.49 21.51 -8.81
CA VAL D 546 -15.03 22.61 -9.58
C VAL D 546 -15.28 22.07 -10.98
N TYR D 547 -16.48 22.26 -11.48
CA TYR D 547 -16.80 21.92 -12.83
C TYR D 547 -17.26 23.16 -13.60
N MET D 548 -16.67 23.39 -14.76
CA MET D 548 -17.09 24.51 -15.58
C MET D 548 -17.02 24.18 -17.05
N THR D 549 -17.82 24.92 -17.81
CA THR D 549 -17.68 24.97 -19.26
C THR D 549 -16.77 26.13 -19.57
N SER D 550 -16.23 26.13 -20.76
CA SER D 550 -15.46 27.30 -21.20
C SER D 550 -15.79 27.60 -22.67
N MET D 551 -15.85 28.87 -22.97
CA MET D 551 -16.24 29.32 -24.31
C MET D 551 -15.62 30.70 -24.42
N ALA D 552 -14.78 30.86 -25.42
CA ALA D 552 -13.98 32.05 -25.54
C ALA D 552 -14.83 33.26 -25.56
N PRO D 553 -14.52 34.32 -24.82
CA PRO D 553 -13.35 34.49 -23.98
C PRO D 553 -13.62 34.39 -22.46
N ALA D 554 -14.44 33.42 -22.02
CA ALA D 554 -14.87 33.37 -20.61
C ALA D 554 -14.87 31.95 -20.01
N PHE D 555 -14.25 31.82 -18.84
CA PHE D 555 -14.50 30.64 -18.06
C PHE D 555 -15.91 30.70 -17.52
N GLY D 556 -16.58 29.54 -17.40
CA GLY D 556 -17.95 29.45 -16.83
C GLY D 556 -18.05 29.83 -15.38
N VAL D 557 -16.95 29.53 -14.66
CA VAL D 557 -16.81 29.91 -13.28
C VAL D 557 -15.61 30.81 -13.16
N GLN D 558 -15.82 32.03 -12.71
CA GLN D 558 -14.79 33.06 -12.63
C GLN D 558 -14.28 33.35 -11.27
N GLU D 559 -14.90 32.77 -10.26
CA GLU D 559 -14.37 32.87 -8.89
C GLU D 559 -14.92 31.69 -8.12
N PHE D 560 -14.05 31.11 -7.27
CA PHE D 560 -14.55 30.14 -6.28
C PHE D 560 -13.70 30.23 -5.06
N THR D 561 -14.22 29.74 -3.94
CA THR D 561 -13.60 29.90 -2.65
C THR D 561 -13.43 28.53 -2.06
N VAL D 562 -12.26 28.31 -1.47
CA VAL D 562 -11.94 27.04 -0.83
C VAL D 562 -11.19 27.31 0.49
N LYS D 563 -10.94 26.29 1.26
CA LYS D 563 -10.20 26.39 2.48
C LYS D 563 -8.73 25.98 2.25
N GLN D 564 -7.83 26.62 2.95
CA GLN D 564 -6.42 26.29 2.86
C GLN D 564 -6.26 24.82 3.16
N GLY D 565 -5.46 24.15 2.32
CA GLY D 565 -5.28 22.71 2.45
C GLY D 565 -6.21 21.82 1.63
N ASP D 566 -7.27 22.40 1.03
CA ASP D 566 -8.22 21.61 0.28
C ASP D 566 -7.51 21.04 -0.96
N GLU D 567 -7.90 19.84 -1.35
CA GLU D 567 -7.49 19.24 -2.59
C GLU D 567 -8.54 19.63 -3.66
N VAL D 568 -8.14 20.54 -4.55
CA VAL D 568 -9.02 21.14 -5.52
C VAL D 568 -8.84 20.44 -6.88
N THR D 569 -9.92 19.95 -7.43
CA THR D 569 -9.93 19.40 -8.79
C THR D 569 -10.73 20.42 -9.64
N VAL D 570 -10.13 20.87 -10.72
CA VAL D 570 -10.81 21.71 -11.70
C VAL D 570 -10.99 20.93 -12.95
N THR D 571 -12.27 20.76 -13.37
CA THR D 571 -12.61 20.04 -14.59
C THR D 571 -13.25 21.03 -15.54
N ILE D 572 -12.71 21.13 -16.76
CA ILE D 572 -13.10 22.15 -17.71
C ILE D 572 -13.52 21.44 -18.98
N THR D 573 -14.68 21.83 -19.52
CA THR D 573 -15.14 21.30 -20.80
C THR D 573 -15.27 22.44 -21.78
N ASN D 574 -14.52 22.38 -22.87
CA ASN D 574 -14.44 23.43 -23.85
C ASN D 574 -15.66 23.18 -24.76
N ILE D 575 -16.63 24.06 -24.66
CA ILE D 575 -17.85 23.93 -25.47
C ILE D 575 -17.86 24.80 -26.71
N ASP D 576 -16.74 25.42 -27.05
CA ASP D 576 -16.57 25.94 -28.42
C ASP D 576 -16.64 24.79 -29.42
N GLN D 577 -17.23 25.03 -30.59
CA GLN D 577 -17.26 24.02 -31.67
C GLN D 577 -16.42 24.43 -32.87
N ILE D 578 -15.82 25.61 -32.86
CA ILE D 578 -14.99 26.03 -33.93
C ILE D 578 -13.62 25.30 -33.82
N GLU D 579 -13.15 24.80 -34.95
CA GLU D 579 -11.86 24.17 -34.98
C GLU D 579 -10.76 25.15 -34.56
N ASP D 580 -9.81 24.63 -33.77
CA ASP D 580 -8.57 25.30 -33.47
C ASP D 580 -8.85 26.33 -32.35
N VAL D 581 -10.05 26.37 -31.76
CA VAL D 581 -10.22 27.28 -30.59
C VAL D 581 -9.93 26.54 -29.28
N SER D 582 -8.66 26.33 -28.97
CA SER D 582 -8.24 25.74 -27.72
C SER D 582 -8.22 26.75 -26.58
N HIS D 583 -8.50 26.29 -25.39
CA HIS D 583 -8.34 27.06 -24.19
C HIS D 583 -7.27 26.37 -23.34
N GLY D 584 -6.83 27.14 -22.35
CA GLY D 584 -5.94 26.58 -21.33
C GLY D 584 -6.42 26.99 -19.97
N PHE D 585 -5.71 26.49 -18.97
CA PHE D 585 -5.99 26.76 -17.60
C PHE D 585 -4.71 26.67 -16.84
N VAL D 586 -4.33 27.78 -16.23
CA VAL D 586 -3.17 27.88 -15.37
C VAL D 586 -3.59 28.53 -14.09
N VAL D 587 -3.15 27.94 -12.96
CA VAL D 587 -3.32 28.58 -11.68
C VAL D 587 -1.98 29.16 -11.30
N VAL D 588 -1.93 30.47 -11.11
CA VAL D 588 -0.66 31.17 -10.87
C VAL D 588 0.03 30.68 -9.61
N ASN D 589 1.29 30.30 -9.74
CA ASN D 589 2.12 29.96 -8.58
C ASN D 589 1.71 28.67 -7.91
N HIS D 590 1.00 27.79 -8.60
CA HIS D 590 0.62 26.50 -8.06
C HIS D 590 1.10 25.33 -8.89
N GLY D 591 1.87 25.59 -9.96
CA GLY D 591 2.34 24.59 -10.84
C GLY D 591 1.26 23.81 -11.61
N VAL D 592 0.19 24.50 -12.00
CA VAL D 592 -0.98 23.94 -12.63
C VAL D 592 -1.12 24.51 -14.01
N SER D 593 -1.15 23.63 -15.01
CA SER D 593 -1.26 24.01 -16.42
C SER D 593 -1.91 22.89 -17.19
N MET D 594 -2.87 23.22 -18.08
CA MET D 594 -3.43 22.19 -18.99
C MET D 594 -4.13 22.86 -20.20
N GLU D 595 -4.30 22.04 -21.20
CA GLU D 595 -4.99 22.34 -22.48
C GLU D 595 -6.39 21.75 -22.43
N ILE D 596 -7.32 22.46 -23.03
CA ILE D 596 -8.66 21.96 -23.29
C ILE D 596 -9.06 22.41 -24.70
N SER D 597 -8.96 21.47 -25.59
CA SER D 597 -9.31 21.63 -27.00
C SER D 597 -10.82 21.52 -27.24
N PRO D 598 -11.28 21.91 -28.42
CA PRO D 598 -12.74 21.91 -28.61
C PRO D 598 -13.42 20.57 -28.34
N GLN D 599 -14.46 20.63 -27.50
CA GLN D 599 -15.26 19.49 -27.03
C GLN D 599 -14.55 18.52 -26.11
N GLN D 600 -13.32 18.86 -25.68
CA GLN D 600 -12.60 18.06 -24.74
C GLN D 600 -13.07 18.43 -23.28
N THR D 601 -13.04 17.43 -22.42
CA THR D 601 -13.02 17.68 -20.99
C THR D 601 -11.64 17.30 -20.43
N SER D 602 -11.06 18.19 -19.64
CA SER D 602 -9.75 17.93 -18.99
C SER D 602 -9.86 18.31 -17.55
N SER D 603 -9.04 17.67 -16.74
CA SER D 603 -9.12 17.96 -15.28
C SER D 603 -7.78 17.89 -14.61
N ILE D 604 -7.66 18.62 -13.52
CA ILE D 604 -6.40 18.73 -12.82
C ILE D 604 -6.63 18.93 -11.36
N THR D 605 -5.79 18.29 -10.55
CA THR D 605 -5.87 18.30 -9.10
C THR D 605 -4.64 18.91 -8.46
N PHE D 606 -4.84 19.80 -7.52
CA PHE D 606 -3.75 20.48 -6.86
C PHE D 606 -4.22 20.85 -5.44
N VAL D 607 -3.25 21.10 -4.58
CA VAL D 607 -3.55 21.49 -3.21
C VAL D 607 -3.51 23.02 -3.08
N ALA D 608 -4.55 23.57 -2.46
CA ALA D 608 -4.63 24.97 -2.20
C ALA D 608 -3.87 25.28 -0.95
N ASP D 609 -2.53 25.28 -1.05
CA ASP D 609 -1.70 25.36 0.12
C ASP D 609 -1.37 26.77 0.60
N LYS D 610 -1.77 27.75 -0.17
CA LYS D 610 -1.51 29.14 0.14
C LYS D 610 -2.79 29.93 0.36
N PRO D 611 -2.96 30.55 1.55
CA PRO D 611 -4.14 31.42 1.72
C PRO D 611 -4.08 32.64 0.79
N GLY D 612 -5.22 33.24 0.58
CA GLY D 612 -5.35 34.47 -0.16
C GLY D 612 -5.97 34.30 -1.53
N LEU D 613 -5.82 35.32 -2.34
CA LEU D 613 -6.44 35.37 -3.67
C LEU D 613 -5.38 34.91 -4.67
N HIS D 614 -5.80 34.01 -5.57
CA HIS D 614 -4.89 33.36 -6.53
C HIS D 614 -5.51 33.35 -7.86
N TRP D 615 -4.89 34.03 -8.80
CA TRP D 615 -5.44 34.11 -10.12
C TRP D 615 -5.31 32.87 -10.92
N TYR D 616 -6.28 32.64 -11.77
CA TYR D 616 -6.14 31.65 -12.84
C TYR D 616 -6.43 32.28 -14.20
N TYR D 617 -5.87 31.72 -15.27
CA TYR D 617 -6.00 32.33 -16.58
C TYR D 617 -5.96 31.30 -17.65
N CYS D 618 -6.47 31.72 -18.82
CA CYS D 618 -6.40 30.92 -20.01
C CYS D 618 -5.08 31.06 -20.70
N SER D 619 -4.36 29.98 -20.88
CA SER D 619 -3.01 30.10 -21.47
C SER D 619 -3.01 30.10 -22.98
N TRP D 620 -4.07 29.62 -23.65
CA TRP D 620 -4.06 29.44 -25.10
C TRP D 620 -4.77 30.60 -25.79
N PHE D 621 -4.06 31.34 -26.63
CA PHE D 621 -4.60 32.55 -27.23
C PHE D 621 -5.75 32.12 -28.07
N CYS D 622 -6.93 32.55 -27.67
CA CYS D 622 -8.19 31.96 -28.09
C CYS D 622 -9.17 32.97 -28.73
N HIS D 623 -8.88 34.25 -28.65
CA HIS D 623 -9.88 35.28 -28.93
C HIS D 623 -9.16 36.59 -28.74
N ALA D 624 -9.71 37.67 -29.30
CA ALA D 624 -9.16 39.02 -29.14
C ALA D 624 -9.05 39.44 -27.66
N LEU D 625 -10.00 38.93 -26.87
CA LEU D 625 -10.10 39.26 -25.43
C LEU D 625 -9.49 38.16 -24.51
N HIS D 626 -8.58 37.40 -25.07
CA HIS D 626 -7.83 36.33 -24.36
C HIS D 626 -7.20 36.80 -23.08
N MET D 627 -6.56 37.98 -23.07
CA MET D 627 -5.86 38.42 -21.86
C MET D 627 -6.84 38.52 -20.71
N GLU D 628 -8.09 38.86 -21.04
CA GLU D 628 -9.17 39.00 -20.10
C GLU D 628 -9.91 37.69 -19.69
N MET D 629 -9.52 36.52 -20.21
CA MET D 629 -10.14 35.23 -19.86
C MET D 629 -9.46 34.67 -18.59
N VAL D 630 -9.94 35.16 -17.44
CA VAL D 630 -9.30 34.93 -16.16
C VAL D 630 -10.34 34.64 -15.09
N GLY D 631 -9.85 34.21 -13.97
CA GLY D 631 -10.65 34.06 -12.78
C GLY D 631 -9.85 34.09 -11.54
N ARG D 632 -10.52 33.97 -10.40
CA ARG D 632 -9.87 34.08 -9.11
C ARG D 632 -10.26 32.96 -8.15
N MET D 633 -9.29 32.25 -7.60
CA MET D 633 -9.48 31.29 -6.51
C MET D 633 -9.19 31.98 -5.18
N MET D 634 -10.15 31.98 -4.28
CA MET D 634 -9.99 32.64 -2.97
C MET D 634 -9.80 31.51 -1.90
N VAL D 635 -8.72 31.58 -1.14
CA VAL D 635 -8.35 30.52 -0.21
C VAL D 635 -8.42 31.04 1.22
N GLU D 636 -9.34 30.50 2.00
CA GLU D 636 -9.54 30.99 3.39
C GLU D 636 -8.46 30.39 4.29
N PRO D 637 -7.83 31.19 5.13
CA PRO D 637 -6.71 30.66 5.90
C PRO D 637 -7.17 29.66 6.91
N ALA D 638 -6.31 28.72 7.24
CA ALA D 638 -6.60 27.77 8.32
C ALA D 638 -6.73 28.52 9.67
C1 B3P E . 15.25 11.28 -9.55
C2 B3P E . 15.33 12.72 -9.09
C3 B3P E . 13.90 10.58 -9.66
N1 B3P E . 12.98 10.76 -8.54
C4 B3P E . 11.53 10.68 -8.75
C5 B3P E . 10.87 11.96 -9.36
C6 B3P E . 11.43 9.35 -9.55
C7 B3P E . 10.89 10.39 -7.38
N2 B3P E . 14.57 13.10 -7.89
C8 B3P E . 14.43 14.51 -7.58
C9 B3P E . 13.49 14.54 -6.34
C10 B3P E . 13.75 15.35 -8.68
C11 B3P E . 15.81 15.06 -7.29
O1 B3P E . 13.30 15.87 -5.83
O2 B3P E . 12.59 14.63 -9.10
O3 B3P E . 16.50 14.34 -6.27
O4 B3P E . 11.60 12.54 -10.45
O5 B3P E . 10.20 9.27 -10.21
O6 B3P E . 10.98 11.47 -6.48
CL CL F . 5.31 44.49 -26.76
CA CA G . -9.65 48.78 -19.84
S1 CUK H . 1.40 38.78 -25.16
CU1 CUK H . 1.17 39.87 -27.28
S2 CUK H . 0.75 37.54 -28.34
CU2 CUK H . 2.17 37.41 -23.65
CU3 CUK H . 3.56 38.84 -25.59
CU4 CUK H . 1.80 36.71 -26.22
CU1 CUA I . 26.56 6.25 -25.43
CU2 CUA I . 28.20 6.91 -23.74
C FMT J . 13.89 9.59 -5.18
O1 FMT J . 14.30 10.68 -4.91
O2 FMT J . 14.05 9.20 -6.38
K K K . -2.93 28.17 -31.53
NA NA L . 18.00 32.27 -8.13
C1 B3P M . -2.97 -26.64 42.06
C2 B3P M . -2.90 -25.13 42.34
C3 B3P M . -4.42 -27.18 41.99
N1 B3P M . -5.30 -27.01 43.17
C4 B3P M . -6.75 -27.19 43.11
C5 B3P M . -7.33 -27.33 44.52
C6 B3P M . -7.41 -26.00 42.37
C7 B3P M . -7.14 -28.45 42.34
N2 B3P M . -3.68 -24.71 43.53
C8 B3P M . -3.76 -23.28 43.84
C9 B3P M . -4.51 -23.16 45.14
C10 B3P M . -4.46 -22.52 42.70
C11 B3P M . -2.37 -22.62 43.99
O1 B3P M . -4.77 -21.80 45.45
O2 B3P M . -5.69 -23.10 42.41
O3 B3P M . -1.54 -23.32 44.93
O4 B3P M . -6.82 -26.23 45.27
O5 B3P M . -6.63 -25.54 41.24
O6 B3P M . -6.54 -29.63 42.86
CL CL N . -15.05 5.04 23.46
CA CA O . -29.39 9.65 31.15
S1 CUK P . -18.61 -0.63 25.82
CU1 CUK P . -19.10 0.36 23.65
S2 CUK P . -19.58 -2.04 22.73
CU2 CUK P . -17.62 -1.87 27.34
CU3 CUK P . -16.51 -0.49 25.19
CU4 CUK P . -18.30 -2.71 24.78
CU1 CUA Q . 7.20 -32.55 25.79
CU2 CUA Q . 8.98 -31.77 27.28
C FMT R . -4.11 -27.98 46.41
O1 FMT R . -3.62 -26.86 46.49
O2 FMT R . -4.00 -28.72 45.38
K K S . -23.15 -11.78 20.48
NA NA T . -0.51 -5.44 41.79
C1 B3P U . -18.86 -18.12 42.49
C2 B3P U . -17.49 -17.55 42.80
C3 B3P U . -18.91 -19.58 42.20
N1 B3P U . -18.48 -20.45 43.27
C4 B3P U . -18.25 -21.87 43.03
C5 B3P U . -19.58 -22.56 42.72
C6 B3P U . -17.31 -22.19 41.87
C7 B3P U . -17.62 -22.39 44.33
N2 B3P U . -16.80 -18.16 43.93
C8 B3P U . -15.36 -18.06 44.13
C9 B3P U . -15.05 -16.56 43.90
C10 B3P U . -14.53 -19.02 43.26
C11 B3P U . -15.06 -18.41 45.57
O1 B3P U . -13.88 -16.19 44.59
O2 B3P U . -15.04 -19.14 41.92
O3 B3P U . -15.56 -19.74 45.81
O4 B3P U . -20.51 -22.28 43.79
O5 B3P U . -16.10 -21.46 42.08
O6 B3P U . -17.44 -23.80 44.33
CL CL V . -3.78 -42.36 16.35
CA CA W . 9.53 -49.54 24.26
S1 CUK X . -0.71 -37.97 20.83
CU1 CUK X . -0.04 -38.11 18.58
S2 CUK X . 0.41 -35.52 18.52
CU2 CUK X . -1.91 -37.24 22.49
CU3 CUK X . -2.72 -37.76 20.00
CU4 CUK X . -0.91 -35.67 20.61
CU1 CUA Y . -28.99 -8.30 28.58
CU2 CUA Y . -27.04 -6.92 27.67
C FMT Z . -18.40 -18.52 46.95
O1 FMT Z . -19.20 -19.38 46.65
O2 FMT Z . -18.49 -17.35 46.38
C FMT AA . 14.97 -12.96 10.36
O1 FMT AA . 15.43 -14.10 10.53
O2 FMT AA . 14.05 -12.88 9.38
K K BA . 4.30 -25.62 20.11
NA NA CA . -20.75 -38.03 35.07
C1 B3P DA . -0.51 20.08 -9.65
C2 B3P DA . 0.78 20.67 -9.13
C3 B3P DA . -0.34 18.65 -10.16
N1 B3P DA . -0.16 17.71 -9.08
C4 B3P DA . 0.03 16.30 -9.34
C5 B3P DA . 1.07 16.04 -10.43
C6 B3P DA . 0.50 15.71 -8.02
C7 B3P DA . -1.32 15.71 -9.74
N2 B3P DA . 1.51 19.94 -8.12
C8 B3P DA . 2.98 20.04 -7.95
C9 B3P DA . 3.50 21.47 -8.04
C10 B3P DA . 3.78 19.18 -8.94
C11 B3P DA . 3.32 19.52 -6.53
O1 B3P DA . 2.77 22.30 -7.17
O2 B3P DA . 3.19 19.05 -10.25
O3 B3P DA . 2.63 18.25 -6.37
O4 B3P DA . 2.32 16.73 -10.13
O5 B3P DA . 0.80 14.32 -8.17
O6 B3P DA . -2.36 16.03 -8.77
CL CL EA . 16.04 -2.49 -36.36
CA CA FA . 28.59 -10.68 -28.25
S1 CUK GA . 18.92 1.45 -31.34
CU1 CUK GA . 19.78 1.40 -33.52
S2 CUK GA . 20.30 3.96 -33.38
CU2 CUK GA . 17.63 2.07 -29.71
CU3 CUK GA . 16.99 1.76 -32.34
CU4 CUK GA . 18.80 3.78 -31.40
CU1 CUA HA . -9.26 31.16 -23.58
CU2 CUA HA . -7.27 32.48 -24.31
C FMT IA . -0.74 19.67 -5.87
O1 FMT IA . -0.59 18.71 -5.16
O2 FMT IA . -0.16 20.77 -5.58
K K JA . 24.24 13.57 -30.75
NA NA KA . -2.16 0.87 -18.82
#